data_2RV6
#
_entry.id   2RV6
#
loop_
_entity.id
_entity.type
_entity.pdbx_description
1 polymer 'Zinc finger protein ZFAT'
2 non-polymer 'ZINC ION'
#
_entity_poly.entity_id   1
_entity_poly.type   'polypeptide(L)'
_entity_poly.pdbx_seq_one_letter_code
;GSSGSSGKIFTCEYCNKVFKFKHSLQAHLRIHTNEKPYKCPQCSYASAIKANLNVHLRKHTGEKFACDYCSFTCLSKGHL
KVHIERVHKKIK
;
_entity_poly.pdbx_strand_id   A
#
# COMPACT_ATOMS: atom_id res chain seq x y z
N GLY A 1 25.51 4.16 -36.91
CA GLY A 1 25.19 2.98 -36.07
C GLY A 1 25.68 3.16 -34.64
N SER A 2 25.25 2.27 -33.74
CA SER A 2 25.59 2.30 -32.30
C SER A 2 27.07 2.00 -32.03
N SER A 3 27.65 2.65 -31.01
CA SER A 3 29.04 2.49 -30.58
C SER A 3 29.24 1.23 -29.71
N GLY A 4 30.44 0.64 -29.78
CA GLY A 4 30.83 -0.55 -29.01
C GLY A 4 30.23 -1.87 -29.51
N SER A 5 30.66 -2.98 -28.90
CA SER A 5 30.25 -4.35 -29.26
C SER A 5 29.07 -4.90 -28.44
N SER A 6 28.71 -4.25 -27.33
CA SER A 6 27.61 -4.65 -26.42
C SER A 6 26.97 -3.45 -25.70
N GLY A 7 25.73 -3.63 -25.23
CA GLY A 7 24.98 -2.67 -24.41
C GLY A 7 25.32 -2.74 -22.91
N LYS A 8 24.55 -2.02 -22.08
CA LYS A 8 24.67 -1.99 -20.61
C LYS A 8 23.32 -2.24 -19.92
N ILE A 9 23.36 -2.94 -18.79
CA ILE A 9 22.20 -3.45 -18.03
C ILE A 9 22.43 -3.19 -16.53
N PHE A 10 21.37 -2.88 -15.79
CA PHE A 10 21.41 -2.48 -14.37
C PHE A 10 20.61 -3.46 -13.50
N THR A 11 21.15 -3.89 -12.36
CA THR A 11 20.58 -4.98 -11.54
C THR A 11 20.53 -4.63 -10.05
N CYS A 12 19.40 -4.95 -9.40
CA CYS A 12 19.18 -4.79 -7.96
C CYS A 12 20.00 -5.80 -7.13
N GLU A 13 20.66 -5.33 -6.08
CA GLU A 13 21.45 -6.16 -5.16
C GLU A 13 20.61 -6.80 -4.03
N TYR A 14 19.33 -6.43 -3.89
CA TYR A 14 18.45 -6.87 -2.80
C TYR A 14 17.41 -7.92 -3.23
N CYS A 15 16.96 -7.89 -4.50
CA CYS A 15 15.95 -8.82 -5.06
C CYS A 15 16.30 -9.39 -6.46
N ASN A 16 17.49 -9.08 -6.98
CA ASN A 16 18.03 -9.56 -8.27
C ASN A 16 17.20 -9.18 -9.52
N LYS A 17 16.27 -8.22 -9.42
CA LYS A 17 15.56 -7.64 -10.58
C LYS A 17 16.50 -6.89 -11.52
N VAL A 18 16.13 -6.88 -12.79
CA VAL A 18 16.92 -6.32 -13.90
C VAL A 18 16.18 -5.17 -14.58
N PHE A 19 16.91 -4.09 -14.90
CA PHE A 19 16.40 -2.82 -15.41
C PHE A 19 17.23 -2.31 -16.61
N LYS A 20 16.56 -1.63 -17.55
CA LYS A 20 17.16 -1.13 -18.81
C LYS A 20 18.01 0.13 -18.62
N PHE A 21 17.72 0.92 -17.59
CA PHE A 21 18.39 2.19 -17.28
C PHE A 21 18.68 2.34 -15.78
N LYS A 22 19.73 3.10 -15.43
CA LYS A 22 20.13 3.36 -14.04
C LYS A 22 19.07 4.13 -13.25
N HIS A 23 18.35 5.05 -13.88
CA HIS A 23 17.27 5.80 -13.22
C HIS A 23 16.08 4.91 -12.81
N SER A 24 15.80 3.85 -13.57
CA SER A 24 14.77 2.85 -13.21
C SER A 24 15.20 2.02 -12.00
N LEU A 25 16.48 1.63 -11.91
CA LEU A 25 17.04 0.97 -10.74
C LEU A 25 17.06 1.91 -9.51
N GLN A 26 17.47 3.17 -9.66
CA GLN A 26 17.49 4.15 -8.58
C GLN A 26 16.08 4.41 -8.00
N ALA A 27 15.05 4.47 -8.84
CA ALA A 27 13.67 4.59 -8.40
C ALA A 27 13.13 3.28 -7.76
N HIS A 28 13.57 2.12 -8.23
CA HIS A 28 13.26 0.82 -7.61
C HIS A 28 13.87 0.67 -6.22
N LEU A 29 15.13 1.08 -6.03
CA LEU A 29 15.88 0.95 -4.77
C LEU A 29 15.19 1.65 -3.57
N ARG A 30 14.29 2.61 -3.82
CA ARG A 30 13.45 3.27 -2.80
C ARG A 30 12.64 2.30 -1.95
N ILE A 31 12.24 1.14 -2.48
CA ILE A 31 11.49 0.13 -1.70
C ILE A 31 12.37 -0.63 -0.69
N HIS A 32 13.67 -0.74 -0.99
CA HIS A 32 14.66 -1.42 -0.15
C HIS A 32 15.28 -0.48 0.90
N THR A 33 15.40 0.82 0.62
CA THR A 33 15.77 1.82 1.64
C THR A 33 14.60 2.15 2.58
N ASN A 34 13.37 2.24 2.03
CA ASN A 34 12.12 2.52 2.76
C ASN A 34 12.24 3.71 3.74
N GLU A 35 12.89 4.79 3.27
CA GLU A 35 13.35 5.92 4.08
C GLU A 35 12.32 7.03 4.37
N LYS A 36 11.11 6.97 3.76
CA LYS A 36 10.03 7.94 4.00
C LYS A 36 9.52 7.84 5.46
N PRO A 37 9.54 8.92 6.26
CA PRO A 37 9.27 8.84 7.71
C PRO A 37 7.82 8.55 8.08
N TYR A 38 6.85 9.13 7.38
CA TYR A 38 5.43 9.09 7.74
C TYR A 38 4.72 7.92 7.05
N LYS A 39 4.76 6.75 7.69
CA LYS A 39 4.22 5.48 7.17
C LYS A 39 2.77 5.25 7.63
N CYS A 40 1.93 4.72 6.74
CA CYS A 40 0.55 4.35 7.01
C CYS A 40 0.47 3.13 7.96
N PRO A 41 -0.38 3.16 9.01
CA PRO A 41 -0.63 1.99 9.86
C PRO A 41 -1.58 0.97 9.18
N GLN A 42 -2.26 1.35 8.09
CA GLN A 42 -3.27 0.51 7.42
C GLN A 42 -2.77 -0.16 6.13
N CYS A 43 -1.84 0.46 5.38
CA CYS A 43 -1.32 -0.10 4.12
C CYS A 43 0.19 0.17 3.92
N SER A 44 0.72 -0.22 2.76
CA SER A 44 2.15 -0.08 2.39
C SER A 44 2.58 1.37 2.08
N TYR A 45 1.66 2.33 2.17
CA TYR A 45 1.88 3.75 1.88
C TYR A 45 2.89 4.42 2.83
N ALA A 46 3.68 5.34 2.29
CA ALA A 46 4.56 6.24 3.06
C ALA A 46 4.67 7.65 2.45
N SER A 47 4.98 8.64 3.29
CA SER A 47 5.06 10.07 2.98
C SER A 47 6.29 10.74 3.64
N ALA A 48 6.72 11.87 3.08
CA ALA A 48 7.72 12.76 3.67
C ALA A 48 7.09 13.90 4.52
N ILE A 49 5.76 13.99 4.58
CA ILE A 49 4.99 15.03 5.27
C ILE A 49 3.82 14.42 6.06
N LYS A 50 3.66 14.82 7.33
CA LYS A 50 2.58 14.33 8.22
C LYS A 50 1.19 14.77 7.75
N ALA A 51 1.07 16.00 7.22
CA ALA A 51 -0.16 16.52 6.61
C ALA A 51 -0.55 15.72 5.34
N ASN A 52 0.41 15.33 4.51
CA ASN A 52 0.16 14.48 3.34
C ASN A 52 -0.23 13.04 3.75
N LEU A 53 0.31 12.52 4.88
CA LEU A 53 -0.19 11.27 5.46
C LEU A 53 -1.64 11.41 5.96
N ASN A 54 -2.05 12.54 6.54
CA ASN A 54 -3.44 12.78 6.92
C ASN A 54 -4.39 12.82 5.70
N VAL A 55 -3.95 13.43 4.58
CA VAL A 55 -4.67 13.42 3.29
C VAL A 55 -4.78 12.01 2.69
N HIS A 56 -3.86 11.11 3.03
CA HIS A 56 -3.97 9.69 2.72
C HIS A 56 -4.87 8.90 3.68
N LEU A 57 -4.76 9.11 5.00
CA LEU A 57 -5.50 8.36 6.02
C LEU A 57 -7.02 8.53 5.89
N ARG A 58 -7.49 9.71 5.49
CA ARG A 58 -8.91 9.98 5.21
C ARG A 58 -9.51 9.12 4.09
N LYS A 59 -8.67 8.57 3.19
CA LYS A 59 -9.09 7.65 2.11
C LYS A 59 -9.49 6.27 2.62
N HIS A 60 -8.90 5.82 3.74
CA HIS A 60 -9.29 4.57 4.43
C HIS A 60 -10.69 4.64 5.09
N THR A 61 -11.30 5.83 5.17
CA THR A 61 -12.70 6.07 5.58
C THR A 61 -13.52 6.81 4.50
N GLY A 62 -13.02 6.85 3.26
CA GLY A 62 -13.67 7.49 2.11
C GLY A 62 -14.75 6.63 1.44
N GLU A 63 -15.35 7.14 0.36
CA GLU A 63 -16.37 6.46 -0.45
C GLU A 63 -16.15 6.71 -1.95
N LYS A 64 -16.30 5.65 -2.76
CA LYS A 64 -16.09 5.68 -4.22
C LYS A 64 -17.36 6.06 -5.00
N PHE A 65 -17.16 6.72 -6.14
CA PHE A 65 -18.16 7.03 -7.15
C PHE A 65 -17.76 6.33 -8.46
N ALA A 66 -18.73 5.71 -9.14
CA ALA A 66 -18.50 4.82 -10.29
C ALA A 66 -19.10 5.38 -11.59
N CYS A 67 -18.36 5.20 -12.70
CA CYS A 67 -18.75 5.64 -14.03
C CYS A 67 -19.99 4.92 -14.57
N ASP A 68 -20.81 5.64 -15.34
CA ASP A 68 -22.00 5.13 -16.03
C ASP A 68 -21.68 4.57 -17.44
N TYR A 69 -20.45 4.80 -17.94
CA TYR A 69 -20.03 4.51 -19.31
C TYR A 69 -18.88 3.48 -19.39
N CYS A 70 -18.10 3.30 -18.32
CA CYS A 70 -17.03 2.30 -18.19
C CYS A 70 -16.90 1.76 -16.74
N SER A 71 -15.84 0.99 -16.47
CA SER A 71 -15.55 0.37 -15.16
C SER A 71 -14.84 1.28 -14.16
N PHE A 72 -14.56 2.55 -14.51
CA PHE A 72 -13.80 3.51 -13.70
C PHE A 72 -14.46 3.86 -12.35
N THR A 73 -13.63 4.06 -11.32
CA THR A 73 -14.00 4.60 -9.99
C THR A 73 -13.01 5.66 -9.51
N CYS A 74 -13.52 6.66 -8.79
CA CYS A 74 -12.73 7.67 -8.09
C CYS A 74 -13.40 8.11 -6.76
N LEU A 75 -12.71 8.90 -5.94
CA LEU A 75 -13.14 9.25 -4.58
C LEU A 75 -13.92 10.58 -4.48
N SER A 76 -14.37 11.15 -5.61
CA SER A 76 -15.19 12.37 -5.67
C SER A 76 -16.13 12.37 -6.89
N LYS A 77 -17.39 12.76 -6.69
CA LYS A 77 -18.36 13.00 -7.78
C LYS A 77 -17.93 14.12 -8.74
N GLY A 78 -17.17 15.10 -8.25
CA GLY A 78 -16.56 16.16 -9.07
C GLY A 78 -15.46 15.61 -9.99
N HIS A 79 -14.59 14.75 -9.46
CA HIS A 79 -13.58 14.05 -10.26
C HIS A 79 -14.24 13.10 -11.29
N LEU A 80 -15.36 12.46 -10.93
CA LEU A 80 -16.11 11.60 -11.84
C LEU A 80 -16.73 12.39 -13.01
N LYS A 81 -17.31 13.56 -12.74
CA LYS A 81 -17.82 14.47 -13.79
C LYS A 81 -16.70 14.88 -14.76
N VAL A 82 -15.50 15.16 -14.24
CA VAL A 82 -14.30 15.49 -15.03
C VAL A 82 -13.74 14.26 -15.78
N HIS A 83 -13.88 13.03 -15.27
CA HIS A 83 -13.60 11.81 -16.04
C HIS A 83 -14.57 11.67 -17.22
N ILE A 84 -15.87 11.85 -16.99
CA ILE A 84 -16.91 11.73 -18.02
C ILE A 84 -16.69 12.78 -19.13
N GLU A 85 -16.42 14.03 -18.77
CA GLU A 85 -16.20 15.13 -19.72
C GLU A 85 -14.95 14.95 -20.62
N ARG A 86 -13.92 14.22 -20.15
CA ARG A 86 -12.68 13.95 -20.90
C ARG A 86 -12.71 12.64 -21.70
N VAL A 87 -13.29 11.57 -21.14
CA VAL A 87 -13.21 10.20 -21.68
C VAL A 87 -14.43 9.81 -22.51
N HIS A 88 -15.62 10.30 -22.14
CA HIS A 88 -16.89 9.88 -22.76
C HIS A 88 -17.63 11.01 -23.50
N LYS A 89 -17.36 12.27 -23.15
CA LYS A 89 -17.80 13.49 -23.86
C LYS A 89 -16.62 14.18 -24.57
N LYS A 90 -16.90 15.26 -25.32
CA LYS A 90 -15.89 16.17 -25.87
C LYS A 90 -15.49 17.23 -24.84
N ILE A 91 -14.22 17.62 -24.81
CA ILE A 91 -13.68 18.64 -23.89
C ILE A 91 -14.08 20.03 -24.38
N LYS A 92 -14.61 20.85 -23.46
CA LYS A 92 -15.10 22.22 -23.70
C LYS A 92 -13.98 23.27 -23.61
N GLY A 1 27.81 8.49 -38.10
CA GLY A 1 26.85 8.33 -36.98
C GLY A 1 27.53 8.45 -35.64
N SER A 2 27.02 7.74 -34.62
CA SER A 2 27.55 7.75 -33.25
C SER A 2 28.93 7.10 -33.13
N SER A 3 29.70 7.53 -32.11
CA SER A 3 31.03 7.00 -31.76
C SER A 3 30.98 6.16 -30.48
N GLY A 4 32.06 5.43 -30.17
CA GLY A 4 32.23 4.71 -28.91
C GLY A 4 32.24 5.62 -27.66
N SER A 5 32.50 6.92 -27.85
CA SER A 5 32.44 7.97 -26.82
C SER A 5 31.07 8.66 -26.70
N SER A 6 30.11 8.38 -27.60
CA SER A 6 28.77 8.98 -27.59
C SER A 6 27.87 8.40 -26.49
N GLY A 7 26.86 9.18 -26.06
CA GLY A 7 25.92 8.80 -25.00
C GLY A 7 26.51 8.88 -23.58
N LYS A 8 25.81 8.28 -22.61
CA LYS A 8 26.16 8.28 -21.17
C LYS A 8 25.80 6.94 -20.50
N ILE A 9 26.44 6.67 -19.36
CA ILE A 9 26.31 5.46 -18.53
C ILE A 9 26.25 5.90 -17.06
N PHE A 10 25.42 5.22 -16.25
CA PHE A 10 25.17 5.55 -14.84
C PHE A 10 25.56 4.39 -13.92
N THR A 11 26.24 4.66 -12.81
CA THR A 11 26.84 3.62 -11.95
C THR A 11 26.58 3.87 -10.46
N CYS A 12 26.18 2.81 -9.73
CA CYS A 12 25.98 2.82 -8.29
C CYS A 12 27.33 2.82 -7.54
N GLU A 13 27.50 3.77 -6.61
CA GLU A 13 28.70 3.88 -5.76
C GLU A 13 28.69 2.93 -4.56
N TYR A 14 27.56 2.25 -4.30
CA TYR A 14 27.37 1.40 -3.11
C TYR A 14 27.47 -0.11 -3.40
N CYS A 15 27.10 -0.55 -4.62
CA CYS A 15 27.17 -1.95 -5.06
C CYS A 15 27.78 -2.19 -6.47
N ASN A 16 28.35 -1.14 -7.08
CA ASN A 16 29.06 -1.16 -8.36
C ASN A 16 28.24 -1.67 -9.58
N LYS A 17 26.90 -1.63 -9.49
CA LYS A 17 25.97 -1.91 -10.59
C LYS A 17 25.95 -0.78 -11.63
N VAL A 18 25.67 -1.14 -12.87
CA VAL A 18 25.63 -0.23 -14.03
C VAL A 18 24.23 -0.20 -14.67
N PHE A 19 23.78 1.00 -15.04
CA PHE A 19 22.45 1.32 -15.53
C PHE A 19 22.51 2.24 -16.77
N LYS A 20 21.53 2.12 -17.68
CA LYS A 20 21.51 2.87 -18.95
C LYS A 20 21.00 4.32 -18.79
N PHE A 21 20.17 4.59 -17.79
CA PHE A 21 19.50 5.89 -17.60
C PHE A 21 19.61 6.42 -16.17
N LYS A 22 19.52 7.75 -16.03
CA LYS A 22 19.56 8.45 -14.73
C LYS A 22 18.43 8.02 -13.80
N HIS A 23 17.21 7.86 -14.35
CA HIS A 23 16.04 7.42 -13.59
C HIS A 23 16.17 5.96 -13.10
N SER A 24 16.85 5.08 -13.86
CA SER A 24 17.12 3.70 -13.46
C SER A 24 18.06 3.65 -12.24
N LEU A 25 19.15 4.42 -12.25
CA LEU A 25 20.04 4.56 -11.09
C LEU A 25 19.33 5.24 -9.90
N GLN A 26 18.58 6.32 -10.11
CA GLN A 26 17.86 7.01 -9.03
C GLN A 26 16.82 6.11 -8.33
N ALA A 27 16.10 5.29 -9.09
CA ALA A 27 15.17 4.31 -8.53
C ALA A 27 15.86 3.11 -7.85
N HIS A 28 17.06 2.73 -8.32
CA HIS A 28 17.91 1.74 -7.64
C HIS A 28 18.46 2.28 -6.30
N LEU A 29 18.93 3.54 -6.27
CA LEU A 29 19.55 4.16 -5.10
C LEU A 29 18.65 4.21 -3.86
N ARG A 30 17.33 4.10 -4.01
CA ARG A 30 16.35 4.03 -2.90
C ARG A 30 16.67 2.95 -1.86
N ILE A 31 17.35 1.85 -2.23
CA ILE A 31 17.75 0.78 -1.31
C ILE A 31 18.96 1.16 -0.42
N HIS A 32 19.77 2.11 -0.88
CA HIS A 32 21.02 2.54 -0.23
C HIS A 32 20.88 3.86 0.55
N THR A 33 19.96 4.76 0.14
CA THR A 33 19.85 6.13 0.68
C THR A 33 19.07 6.20 2.01
N ASN A 34 17.73 6.34 1.95
CA ASN A 34 16.86 6.54 3.13
C ASN A 34 15.41 6.10 2.85
N GLU A 35 14.64 5.89 3.93
CA GLU A 35 13.19 5.60 3.91
C GLU A 35 12.33 6.84 4.20
N LYS A 36 11.06 6.83 3.74
CA LYS A 36 10.06 7.86 4.06
C LYS A 36 9.51 7.67 5.49
N PRO A 37 9.50 8.71 6.34
CA PRO A 37 9.18 8.59 7.78
C PRO A 37 7.70 8.36 8.09
N TYR A 38 6.79 9.05 7.38
CA TYR A 38 5.35 9.06 7.69
C TYR A 38 4.63 7.89 7.02
N LYS A 39 4.80 6.70 7.60
CA LYS A 39 4.20 5.43 7.15
C LYS A 39 2.75 5.29 7.60
N CYS A 40 1.92 4.68 6.75
CA CYS A 40 0.53 4.38 7.02
C CYS A 40 0.39 3.21 8.03
N PRO A 41 -0.51 3.31 9.04
CA PRO A 41 -0.82 2.21 9.94
C PRO A 41 -1.70 1.12 9.30
N GLN A 42 -2.23 1.35 8.08
CA GLN A 42 -3.19 0.47 7.42
C GLN A 42 -2.70 -0.15 6.09
N CYS A 43 -1.76 0.47 5.36
CA CYS A 43 -1.22 -0.06 4.10
C CYS A 43 0.27 0.26 3.88
N SER A 44 0.80 -0.10 2.71
CA SER A 44 2.21 0.07 2.31
C SER A 44 2.62 1.53 2.02
N TYR A 45 1.69 2.48 2.10
CA TYR A 45 1.91 3.92 1.91
C TYR A 45 2.94 4.50 2.89
N ALA A 46 3.79 5.41 2.37
CA ALA A 46 4.69 6.25 3.16
C ALA A 46 4.87 7.65 2.52
N SER A 47 5.13 8.67 3.35
CA SER A 47 5.37 10.05 2.92
C SER A 47 6.51 10.73 3.68
N ALA A 48 7.04 11.82 3.11
CA ALA A 48 7.96 12.75 3.75
C ALA A 48 7.25 13.89 4.51
N ILE A 49 5.90 13.98 4.42
CA ILE A 49 5.08 15.05 5.00
C ILE A 49 3.93 14.45 5.83
N LYS A 50 3.77 14.91 7.09
CA LYS A 50 2.74 14.41 8.02
C LYS A 50 1.31 14.77 7.59
N ALA A 51 1.11 15.96 7.04
CA ALA A 51 -0.17 16.39 6.48
C ALA A 51 -0.58 15.59 5.22
N ASN A 52 0.38 15.08 4.44
CA ASN A 52 0.10 14.21 3.31
C ASN A 52 -0.41 12.83 3.79
N LEU A 53 0.21 12.27 4.85
CA LEU A 53 -0.32 11.09 5.54
C LEU A 53 -1.72 11.35 6.14
N ASN A 54 -1.98 12.54 6.68
CA ASN A 54 -3.30 12.91 7.19
C ASN A 54 -4.38 12.87 6.09
N VAL A 55 -4.08 13.39 4.89
CA VAL A 55 -4.97 13.31 3.72
C VAL A 55 -5.10 11.87 3.19
N HIS A 56 -4.03 11.07 3.25
CA HIS A 56 -4.07 9.64 2.89
C HIS A 56 -4.98 8.82 3.82
N LEU A 57 -4.92 9.04 5.14
CA LEU A 57 -5.77 8.35 6.12
C LEU A 57 -7.28 8.60 5.89
N ARG A 58 -7.65 9.79 5.40
CA ARG A 58 -9.04 10.12 5.00
C ARG A 58 -9.56 9.25 3.84
N LYS A 59 -8.69 8.61 3.04
CA LYS A 59 -9.06 7.67 1.97
C LYS A 59 -9.45 6.28 2.48
N HIS A 60 -8.99 5.89 3.68
CA HIS A 60 -9.27 4.57 4.29
C HIS A 60 -10.69 4.40 4.85
N THR A 61 -11.54 5.43 4.76
CA THR A 61 -12.98 5.39 5.05
C THR A 61 -13.74 4.31 4.25
N GLY A 62 -13.22 3.90 3.09
CA GLY A 62 -13.69 2.77 2.29
C GLY A 62 -12.55 1.99 1.62
N GLU A 63 -12.86 0.81 1.09
CA GLU A 63 -11.90 -0.08 0.41
C GLU A 63 -12.56 -0.94 -0.68
N LYS A 64 -11.76 -1.45 -1.63
CA LYS A 64 -12.18 -2.34 -2.72
C LYS A 64 -11.30 -3.57 -2.86
N PHE A 65 -11.86 -4.62 -3.45
CA PHE A 65 -11.22 -5.88 -3.83
C PHE A 65 -11.44 -6.14 -5.34
N ALA A 66 -10.56 -6.90 -6.00
CA ALA A 66 -10.61 -7.12 -7.45
C ALA A 66 -10.43 -8.60 -7.82
N CYS A 67 -11.17 -9.05 -8.85
CA CYS A 67 -11.14 -10.41 -9.37
C CYS A 67 -9.78 -10.75 -10.02
N ASP A 68 -9.35 -12.00 -9.88
CA ASP A 68 -8.13 -12.54 -10.49
C ASP A 68 -8.35 -13.09 -11.90
N TYR A 69 -9.61 -13.20 -12.34
CA TYR A 69 -10.02 -13.88 -13.57
C TYR A 69 -10.77 -12.97 -14.58
N CYS A 70 -11.33 -11.84 -14.12
CA CYS A 70 -12.00 -10.82 -14.95
C CYS A 70 -11.80 -9.39 -14.40
N SER A 71 -12.48 -8.41 -15.02
CA SER A 71 -12.41 -6.98 -14.67
C SER A 71 -13.27 -6.58 -13.45
N PHE A 72 -13.98 -7.53 -12.81
CA PHE A 72 -14.88 -7.27 -11.68
C PHE A 72 -14.17 -6.71 -10.44
N THR A 73 -14.84 -5.79 -9.73
CA THR A 73 -14.45 -5.28 -8.41
C THR A 73 -15.61 -5.32 -7.41
N CYS A 74 -15.28 -5.44 -6.13
CA CYS A 74 -16.23 -5.68 -5.03
C CYS A 74 -15.88 -4.86 -3.78
N LEU A 75 -16.86 -4.64 -2.90
CA LEU A 75 -16.69 -4.00 -1.58
C LEU A 75 -16.38 -5.00 -0.44
N SER A 76 -16.40 -6.31 -0.72
CA SER A 76 -16.09 -7.38 0.24
C SER A 76 -15.35 -8.55 -0.42
N LYS A 77 -14.29 -9.04 0.23
CA LYS A 77 -13.57 -10.27 -0.17
C LYS A 77 -14.43 -11.53 -0.06
N GLY A 78 -15.43 -11.54 0.82
CA GLY A 78 -16.39 -12.64 0.97
C GLY A 78 -17.34 -12.73 -0.23
N HIS A 79 -17.90 -11.61 -0.67
CA HIS A 79 -18.74 -11.56 -1.88
C HIS A 79 -17.91 -11.73 -3.16
N LEU A 80 -16.64 -11.31 -3.17
CA LEU A 80 -15.70 -11.62 -4.26
C LEU A 80 -15.40 -13.13 -4.36
N LYS A 81 -15.27 -13.83 -3.22
CA LYS A 81 -15.17 -15.30 -3.22
C LYS A 81 -16.43 -15.95 -3.80
N VAL A 82 -17.63 -15.46 -3.44
CA VAL A 82 -18.90 -15.93 -4.05
C VAL A 82 -18.93 -15.69 -5.57
N HIS A 83 -18.44 -14.55 -6.07
CA HIS A 83 -18.26 -14.30 -7.51
C HIS A 83 -17.33 -15.34 -8.14
N ILE A 84 -16.15 -15.60 -7.56
CA ILE A 84 -15.17 -16.57 -8.11
C ILE A 84 -15.75 -18.00 -8.12
N GLU A 85 -16.35 -18.44 -7.01
CA GLU A 85 -16.89 -19.80 -6.85
C GLU A 85 -18.13 -20.07 -7.74
N ARG A 86 -18.86 -19.05 -8.21
CA ARG A 86 -20.04 -19.17 -9.07
C ARG A 86 -19.79 -18.86 -10.56
N VAL A 87 -18.91 -17.92 -10.87
CA VAL A 87 -18.69 -17.40 -12.25
C VAL A 87 -17.46 -18.04 -12.91
N HIS A 88 -16.37 -18.23 -12.17
CA HIS A 88 -15.11 -18.78 -12.69
C HIS A 88 -14.90 -20.25 -12.32
N LYS A 89 -15.50 -20.70 -11.22
CA LYS A 89 -15.64 -22.11 -10.80
C LYS A 89 -17.11 -22.57 -10.94
N LYS A 90 -17.34 -23.89 -10.90
CA LYS A 90 -18.67 -24.54 -10.95
C LYS A 90 -19.55 -24.10 -12.16
N ILE A 91 -18.90 -23.73 -13.27
CA ILE A 91 -19.50 -23.12 -14.46
C ILE A 91 -19.48 -24.10 -15.65
N LYS A 92 -20.50 -24.04 -16.51
CA LYS A 92 -20.70 -24.90 -17.69
C LYS A 92 -19.96 -24.36 -18.93
N GLY A 1 4.07 -7.16 -32.50
CA GLY A 1 4.49 -7.67 -33.82
C GLY A 1 3.37 -8.42 -34.52
N SER A 2 3.34 -8.37 -35.85
CA SER A 2 2.23 -8.88 -36.69
C SER A 2 1.98 -10.40 -36.59
N SER A 3 3.00 -11.17 -36.21
CA SER A 3 2.91 -12.63 -35.97
C SER A 3 2.34 -13.00 -34.58
N GLY A 4 2.00 -12.00 -33.75
CA GLY A 4 1.64 -12.15 -32.34
C GLY A 4 2.86 -12.09 -31.40
N SER A 5 2.73 -11.38 -30.29
CA SER A 5 3.79 -11.15 -29.30
C SER A 5 3.25 -10.86 -27.89
N SER A 6 4.09 -11.04 -26.87
CA SER A 6 3.79 -10.71 -25.47
C SER A 6 3.82 -9.20 -25.18
N GLY A 7 3.22 -8.79 -24.05
CA GLY A 7 3.19 -7.40 -23.58
C GLY A 7 4.55 -6.87 -23.13
N LYS A 8 4.65 -5.53 -22.97
CA LYS A 8 5.88 -4.83 -22.55
C LYS A 8 6.29 -5.12 -21.09
N ILE A 9 7.57 -4.91 -20.80
CA ILE A 9 8.23 -5.24 -19.51
C ILE A 9 8.95 -3.99 -18.97
N PHE A 10 9.00 -3.84 -17.65
CA PHE A 10 9.54 -2.68 -16.93
C PHE A 10 10.72 -3.09 -16.04
N THR A 11 11.79 -2.28 -15.98
CA THR A 11 13.06 -2.64 -15.32
C THR A 11 13.61 -1.48 -14.48
N CYS A 12 14.08 -1.78 -13.27
CA CYS A 12 14.72 -0.83 -12.35
C CYS A 12 16.11 -0.42 -12.83
N GLU A 13 16.41 0.88 -12.81
CA GLU A 13 17.71 1.45 -13.19
C GLU A 13 18.73 1.43 -12.04
N TYR A 14 18.31 1.11 -10.81
CA TYR A 14 19.14 1.16 -9.60
C TYR A 14 19.58 -0.23 -9.09
N CYS A 15 18.75 -1.27 -9.30
CA CYS A 15 19.04 -2.67 -8.89
C CYS A 15 18.75 -3.75 -9.95
N ASN A 16 18.40 -3.34 -11.19
CA ASN A 16 18.20 -4.20 -12.36
C ASN A 16 17.08 -5.27 -12.23
N LYS A 17 16.20 -5.15 -11.22
CA LYS A 17 15.00 -5.98 -11.06
C LYS A 17 13.98 -5.72 -12.18
N VAL A 18 13.19 -6.74 -12.49
CA VAL A 18 12.22 -6.77 -13.60
C VAL A 18 10.79 -6.92 -13.07
N PHE A 19 9.85 -6.16 -13.64
CA PHE A 19 8.46 -6.01 -13.21
C PHE A 19 7.48 -6.06 -14.40
N LYS A 20 6.28 -6.59 -14.15
CA LYS A 20 5.25 -6.83 -15.19
C LYS A 20 4.51 -5.55 -15.64
N PHE A 21 4.39 -4.56 -14.75
CA PHE A 21 3.61 -3.34 -14.99
C PHE A 21 4.36 -2.06 -14.55
N LYS A 22 3.95 -0.93 -15.13
CA LYS A 22 4.48 0.42 -14.82
C LYS A 22 4.26 0.78 -13.34
N HIS A 23 3.09 0.48 -12.79
CA HIS A 23 2.77 0.73 -11.38
C HIS A 23 3.59 -0.14 -10.42
N SER A 24 3.94 -1.38 -10.81
CA SER A 24 4.80 -2.27 -10.02
C SER A 24 6.23 -1.71 -9.89
N LEU A 25 6.81 -1.24 -11.01
CA LEU A 25 8.11 -0.54 -10.99
C LEU A 25 8.03 0.79 -10.21
N GLN A 26 7.01 1.62 -10.43
CA GLN A 26 6.86 2.90 -9.73
C GLN A 26 6.75 2.73 -8.21
N ALA A 27 6.04 1.70 -7.73
CA ALA A 27 5.95 1.38 -6.31
C ALA A 27 7.24 0.78 -5.75
N HIS A 28 8.03 0.06 -6.56
CA HIS A 28 9.36 -0.42 -6.21
C HIS A 28 10.37 0.74 -6.09
N LEU A 29 10.37 1.70 -7.01
CA LEU A 29 11.31 2.83 -7.06
C LEU A 29 11.29 3.70 -5.79
N ARG A 30 10.22 3.61 -4.97
CA ARG A 30 10.11 4.28 -3.66
C ARG A 30 11.23 3.91 -2.67
N ILE A 31 11.92 2.79 -2.84
CA ILE A 31 13.06 2.41 -1.98
C ILE A 31 14.37 3.12 -2.35
N HIS A 32 14.50 3.55 -3.61
CA HIS A 32 15.70 4.19 -4.17
C HIS A 32 15.66 5.73 -4.08
N THR A 33 14.48 6.33 -3.98
CA THR A 33 14.29 7.78 -3.71
C THR A 33 14.45 8.13 -2.22
N ASN A 34 14.25 9.39 -1.83
CA ASN A 34 14.42 9.91 -0.47
C ASN A 34 13.65 9.10 0.60
N GLU A 35 14.14 9.07 1.83
CA GLU A 35 13.47 8.41 2.97
C GLU A 35 12.06 8.98 3.26
N LYS A 36 11.18 8.14 3.83
CA LYS A 36 9.74 8.39 3.99
C LYS A 36 9.28 8.04 5.43
N PRO A 37 9.50 8.94 6.41
CA PRO A 37 9.22 8.66 7.83
C PRO A 37 7.74 8.48 8.19
N TYR A 38 6.85 9.18 7.49
CA TYR A 38 5.42 9.19 7.77
C TYR A 38 4.72 8.01 7.08
N LYS A 39 4.64 6.87 7.79
CA LYS A 39 4.13 5.59 7.28
C LYS A 39 2.66 5.34 7.66
N CYS A 40 1.90 4.76 6.74
CA CYS A 40 0.51 4.38 6.94
C CYS A 40 0.39 3.16 7.88
N PRO A 41 -0.50 3.19 8.90
CA PRO A 41 -0.79 2.04 9.75
C PRO A 41 -1.75 1.02 9.08
N GLN A 42 -2.33 1.35 7.91
CA GLN A 42 -3.35 0.52 7.24
C GLN A 42 -2.86 -0.15 5.94
N CYS A 43 -1.92 0.44 5.19
CA CYS A 43 -1.41 -0.12 3.93
C CYS A 43 0.09 0.16 3.68
N SER A 44 0.61 -0.32 2.55
CA SER A 44 2.02 -0.23 2.13
C SER A 44 2.43 1.16 1.62
N TYR A 45 1.97 2.22 2.30
CA TYR A 45 2.15 3.63 1.94
C TYR A 45 3.09 4.37 2.92
N ALA A 46 3.93 5.26 2.38
CA ALA A 46 4.78 6.15 3.17
C ALA A 46 4.97 7.54 2.50
N SER A 47 5.27 8.56 3.31
CA SER A 47 5.46 9.95 2.89
C SER A 47 6.56 10.66 3.68
N ALA A 48 6.97 11.83 3.20
CA ALA A 48 7.88 12.76 3.88
C ALA A 48 7.15 13.93 4.59
N ILE A 49 5.80 13.98 4.55
CA ILE A 49 4.99 15.07 5.13
C ILE A 49 3.81 14.51 5.95
N LYS A 50 3.61 15.01 7.18
CA LYS A 50 2.53 14.59 8.09
C LYS A 50 1.13 14.95 7.56
N ALA A 51 0.99 16.14 6.97
CA ALA A 51 -0.27 16.60 6.36
C ALA A 51 -0.68 15.72 5.15
N ASN A 52 0.29 15.26 4.35
CA ASN A 52 0.04 14.31 3.26
C ASN A 52 -0.42 12.94 3.79
N LEU A 53 0.18 12.44 4.88
CA LEU A 53 -0.30 11.22 5.55
C LEU A 53 -1.72 11.40 6.13
N ASN A 54 -2.07 12.58 6.65
CA ASN A 54 -3.44 12.87 7.11
C ASN A 54 -4.46 12.80 5.95
N VAL A 55 -4.13 13.35 4.78
CA VAL A 55 -4.96 13.25 3.56
C VAL A 55 -5.01 11.80 3.04
N HIS A 56 -3.95 11.02 3.21
CA HIS A 56 -3.94 9.59 2.91
C HIS A 56 -4.82 8.76 3.87
N LEU A 57 -4.80 9.04 5.18
CA LEU A 57 -5.67 8.38 6.17
C LEU A 57 -7.16 8.68 5.92
N ARG A 58 -7.48 9.86 5.38
CA ARG A 58 -8.83 10.22 4.91
C ARG A 58 -9.34 9.36 3.74
N LYS A 59 -8.48 8.54 3.10
CA LYS A 59 -8.87 7.50 2.12
C LYS A 59 -9.31 6.18 2.77
N HIS A 60 -8.88 5.92 4.01
CA HIS A 60 -9.15 4.67 4.75
C HIS A 60 -10.45 4.70 5.57
N THR A 61 -10.91 5.89 6.00
CA THR A 61 -12.23 6.07 6.63
C THR A 61 -13.39 5.98 5.60
N GLY A 62 -14.60 5.68 6.07
CA GLY A 62 -15.77 5.46 5.20
C GLY A 62 -17.10 5.30 5.95
N GLU A 63 -18.16 5.03 5.20
CA GLU A 63 -19.54 4.87 5.69
C GLU A 63 -19.87 3.45 6.17
N LYS A 64 -21.02 3.33 6.81
CA LYS A 64 -21.66 2.06 7.22
C LYS A 64 -22.31 1.33 6.03
N PHE A 65 -22.47 0.02 6.21
CA PHE A 65 -23.23 -0.90 5.37
C PHE A 65 -24.36 -1.55 6.20
N ALA A 66 -25.48 -1.90 5.56
CA ALA A 66 -26.68 -2.41 6.23
C ALA A 66 -27.19 -3.73 5.63
N CYS A 67 -27.69 -4.62 6.50
CA CYS A 67 -28.24 -5.93 6.14
C CYS A 67 -29.51 -5.81 5.28
N ASP A 68 -29.66 -6.73 4.32
CA ASP A 68 -30.83 -6.83 3.45
C ASP A 68 -31.95 -7.71 4.07
N TYR A 69 -31.67 -8.39 5.18
CA TYR A 69 -32.52 -9.41 5.80
C TYR A 69 -32.97 -9.06 7.23
N CYS A 70 -32.24 -8.17 7.93
CA CYS A 70 -32.58 -7.66 9.27
C CYS A 70 -32.14 -6.17 9.44
N SER A 71 -32.17 -5.68 10.69
CA SER A 71 -31.80 -4.30 11.06
C SER A 71 -30.29 -4.07 11.32
N PHE A 72 -29.46 -5.11 11.18
CA PHE A 72 -28.01 -5.07 11.45
C PHE A 72 -27.24 -4.08 10.54
N THR A 73 -26.20 -3.45 11.10
CA THR A 73 -25.25 -2.58 10.38
C THR A 73 -23.80 -2.87 10.79
N CYS A 74 -22.85 -2.61 9.89
CA CYS A 74 -21.41 -2.73 10.14
C CYS A 74 -20.60 -1.66 9.38
N LEU A 75 -19.40 -1.33 9.87
CA LEU A 75 -18.46 -0.41 9.19
C LEU A 75 -17.67 -1.09 8.06
N SER A 76 -17.75 -2.42 7.92
CA SER A 76 -17.05 -3.22 6.91
C SER A 76 -17.99 -4.15 6.15
N LYS A 77 -18.00 -4.07 4.81
CA LYS A 77 -18.88 -4.87 3.94
C LYS A 77 -18.54 -6.36 3.95
N GLY A 78 -17.26 -6.72 4.14
CA GLY A 78 -16.82 -8.11 4.31
C GLY A 78 -17.39 -8.76 5.59
N HIS A 79 -17.40 -8.02 6.71
CA HIS A 79 -18.01 -8.50 7.96
C HIS A 79 -19.54 -8.58 7.85
N LEU A 80 -20.18 -7.67 7.09
CA LEU A 80 -21.60 -7.76 6.77
C LEU A 80 -21.92 -9.01 5.91
N LYS A 81 -21.06 -9.37 4.95
CA LYS A 81 -21.20 -10.60 4.17
C LYS A 81 -21.07 -11.84 5.07
N VAL A 82 -20.14 -11.85 6.02
CA VAL A 82 -20.03 -12.91 7.05
C VAL A 82 -21.29 -12.99 7.93
N HIS A 83 -21.87 -11.86 8.34
CA HIS A 83 -23.17 -11.84 9.03
C HIS A 83 -24.28 -12.48 8.17
N ILE A 84 -24.35 -12.17 6.88
CA ILE A 84 -25.34 -12.77 5.97
C ILE A 84 -25.14 -14.29 5.83
N GLU A 85 -23.91 -14.76 5.65
CA GLU A 85 -23.61 -16.20 5.57
C GLU A 85 -23.90 -16.97 6.87
N ARG A 86 -23.70 -16.35 8.04
CA ARG A 86 -23.89 -16.99 9.36
C ARG A 86 -25.34 -16.94 9.88
N VAL A 87 -26.05 -15.83 9.64
CA VAL A 87 -27.37 -15.56 10.23
C VAL A 87 -28.53 -15.82 9.26
N HIS A 88 -28.33 -15.56 7.97
CA HIS A 88 -29.41 -15.56 6.96
C HIS A 88 -29.25 -16.63 5.85
N LYS A 89 -28.13 -17.37 5.84
CA LYS A 89 -27.85 -18.50 4.93
C LYS A 89 -27.45 -19.78 5.70
N LYS A 90 -27.51 -20.93 5.01
CA LYS A 90 -27.20 -22.27 5.55
C LYS A 90 -26.39 -23.10 4.55
N ILE A 91 -25.69 -24.13 5.06
CA ILE A 91 -24.89 -25.09 4.29
C ILE A 91 -24.98 -26.50 4.90
N LYS A 92 -24.91 -27.54 4.07
CA LYS A 92 -24.95 -28.97 4.45
C LYS A 92 -24.03 -29.80 3.56
N GLY A 1 16.09 -43.61 4.37
CA GLY A 1 15.11 -42.52 4.44
C GLY A 1 15.56 -41.28 3.67
N SER A 2 15.04 -40.11 4.02
CA SER A 2 15.39 -38.80 3.44
C SER A 2 15.27 -37.67 4.47
N SER A 3 15.95 -36.55 4.24
CA SER A 3 16.00 -35.40 5.14
C SER A 3 14.67 -34.65 5.25
N GLY A 4 14.34 -34.17 6.47
CA GLY A 4 13.17 -33.32 6.74
C GLY A 4 13.37 -31.85 6.34
N SER A 5 12.31 -31.05 6.52
CA SER A 5 12.33 -29.59 6.33
C SER A 5 13.07 -28.85 7.46
N SER A 6 13.51 -27.61 7.21
CA SER A 6 14.24 -26.79 8.19
C SER A 6 13.34 -26.32 9.34
N GLY A 7 13.89 -26.31 10.56
CA GLY A 7 13.20 -25.89 11.79
C GLY A 7 13.24 -24.38 12.08
N LYS A 8 13.88 -23.57 11.23
CA LYS A 8 14.06 -22.12 11.45
C LYS A 8 12.75 -21.31 11.32
N ILE A 9 12.73 -20.15 11.98
CA ILE A 9 11.58 -19.24 12.11
C ILE A 9 12.03 -17.80 11.82
N PHE A 10 11.17 -16.99 11.21
CA PHE A 10 11.46 -15.60 10.79
C PHE A 10 10.61 -14.60 11.60
N THR A 11 11.21 -13.49 12.04
CA THR A 11 10.56 -12.52 12.95
C THR A 11 10.81 -11.07 12.52
N CYS A 12 9.75 -10.25 12.54
CA CYS A 12 9.81 -8.81 12.27
C CYS A 12 10.46 -8.04 13.44
N GLU A 13 11.46 -7.21 13.13
CA GLU A 13 12.14 -6.37 14.11
C GLU A 13 11.39 -5.06 14.45
N TYR A 14 10.30 -4.76 13.73
CA TYR A 14 9.54 -3.51 13.85
C TYR A 14 8.21 -3.66 14.61
N CYS A 15 7.55 -4.83 14.50
CA CYS A 15 6.26 -5.12 15.18
C CYS A 15 6.20 -6.50 15.89
N ASN A 16 7.34 -7.22 15.98
CA ASN A 16 7.50 -8.50 16.68
C ASN A 16 6.59 -9.66 16.20
N LYS A 17 6.04 -9.56 14.99
CA LYS A 17 5.29 -10.64 14.31
C LYS A 17 6.22 -11.77 13.86
N VAL A 18 5.66 -12.98 13.81
CA VAL A 18 6.38 -14.23 13.50
C VAL A 18 5.82 -14.88 12.23
N PHE A 19 6.71 -15.38 11.37
CA PHE A 19 6.43 -15.90 10.03
C PHE A 19 7.18 -17.21 9.76
N LYS A 20 6.58 -18.10 8.95
CA LYS A 20 7.10 -19.45 8.66
C LYS A 20 8.27 -19.46 7.66
N PHE A 21 8.31 -18.49 6.74
CA PHE A 21 9.28 -18.43 5.63
C PHE A 21 9.91 -17.05 5.45
N LYS A 22 11.08 -17.01 4.80
CA LYS A 22 11.81 -15.77 4.48
C LYS A 22 11.00 -14.85 3.57
N HIS A 23 10.33 -15.41 2.56
CA HIS A 23 9.48 -14.66 1.63
C HIS A 23 8.25 -14.04 2.31
N SER A 24 7.69 -14.69 3.33
CA SER A 24 6.58 -14.16 4.13
C SER A 24 7.00 -12.92 4.92
N LEU A 25 8.16 -12.96 5.59
CA LEU A 25 8.73 -11.80 6.28
C LEU A 25 9.13 -10.69 5.29
N GLN A 26 9.76 -11.02 4.16
CA GLN A 26 10.14 -10.03 3.13
C GLN A 26 8.93 -9.30 2.53
N ALA A 27 7.81 -9.99 2.30
CA ALA A 27 6.58 -9.39 1.85
C ALA A 27 5.87 -8.56 2.94
N HIS A 28 5.99 -8.96 4.21
CA HIS A 28 5.53 -8.16 5.36
C HIS A 28 6.34 -6.87 5.55
N LEU A 29 7.67 -6.92 5.40
CA LEU A 29 8.58 -5.78 5.57
C LEU A 29 8.30 -4.60 4.63
N ARG A 30 7.52 -4.80 3.55
CA ARG A 30 7.06 -3.73 2.64
C ARG A 30 6.31 -2.59 3.32
N ILE A 31 5.73 -2.81 4.52
CA ILE A 31 5.06 -1.76 5.30
C ILE A 31 6.02 -0.92 6.18
N HIS A 32 7.17 -1.49 6.55
CA HIS A 32 8.14 -0.88 7.46
C HIS A 32 9.35 -0.23 6.75
N THR A 33 9.70 -0.73 5.55
CA THR A 33 10.84 -0.29 4.73
C THR A 33 10.56 1.03 3.97
N ASN A 34 11.46 1.42 3.06
CA ASN A 34 11.56 2.72 2.37
C ASN A 34 11.95 3.89 3.29
N GLU A 35 12.65 4.88 2.73
CA GLU A 35 13.25 6.01 3.47
C GLU A 35 12.24 7.10 3.89
N LYS A 36 11.04 7.16 3.27
CA LYS A 36 9.97 8.10 3.64
C LYS A 36 9.47 7.80 5.07
N PRO A 37 9.52 8.75 6.03
CA PRO A 37 9.29 8.46 7.45
C PRO A 37 7.83 8.22 7.85
N TYR A 38 6.88 8.93 7.25
CA TYR A 38 5.47 8.92 7.66
C TYR A 38 4.73 7.74 7.03
N LYS A 39 4.86 6.56 7.65
CA LYS A 39 4.20 5.31 7.24
C LYS A 39 2.70 5.31 7.57
N CYS A 40 1.90 4.75 6.68
CA CYS A 40 0.49 4.47 6.88
C CYS A 40 0.31 3.27 7.86
N PRO A 41 -0.62 3.36 8.84
CA PRO A 41 -0.98 2.24 9.71
C PRO A 41 -1.90 1.21 9.03
N GLN A 42 -2.42 1.51 7.83
CA GLN A 42 -3.40 0.67 7.12
C GLN A 42 -2.86 -0.01 5.85
N CYS A 43 -1.86 0.57 5.16
CA CYS A 43 -1.26 -0.03 3.95
C CYS A 43 0.27 0.18 3.89
N SER A 44 0.90 -0.28 2.79
CA SER A 44 2.35 -0.16 2.55
C SER A 44 2.82 1.26 2.19
N TYR A 45 1.91 2.24 2.15
CA TYR A 45 2.18 3.64 1.87
C TYR A 45 3.09 4.32 2.90
N ALA A 46 3.96 5.22 2.42
CA ALA A 46 4.75 6.13 3.25
C ALA A 46 4.93 7.51 2.57
N SER A 47 5.09 8.57 3.37
CA SER A 47 5.25 9.96 2.93
C SER A 47 6.41 10.68 3.62
N ALA A 48 6.86 11.79 3.02
CA ALA A 48 7.80 12.75 3.60
C ALA A 48 7.11 13.89 4.38
N ILE A 49 5.78 13.96 4.38
CA ILE A 49 5.00 15.05 5.02
C ILE A 49 3.86 14.46 5.87
N LYS A 50 3.74 14.90 7.12
CA LYS A 50 2.69 14.44 8.06
C LYS A 50 1.28 14.88 7.64
N ALA A 51 1.15 16.10 7.11
CA ALA A 51 -0.10 16.62 6.55
C ALA A 51 -0.58 15.84 5.30
N ASN A 52 0.35 15.30 4.50
CA ASN A 52 0.01 14.41 3.38
C ASN A 52 -0.51 13.05 3.88
N LEU A 53 0.11 12.47 4.92
CA LEU A 53 -0.41 11.27 5.57
C LEU A 53 -1.80 11.50 6.19
N ASN A 54 -2.06 12.68 6.76
CA ASN A 54 -3.37 13.06 7.30
C ASN A 54 -4.49 13.04 6.22
N VAL A 55 -4.16 13.36 4.96
CA VAL A 55 -5.09 13.25 3.81
C VAL A 55 -5.12 11.84 3.22
N HIS A 56 -4.02 11.08 3.28
CA HIS A 56 -3.99 9.66 2.90
C HIS A 56 -4.86 8.78 3.82
N LEU A 57 -4.88 9.05 5.13
CA LEU A 57 -5.76 8.37 6.10
C LEU A 57 -7.25 8.60 5.81
N ARG A 58 -7.60 9.77 5.25
CA ARG A 58 -8.96 10.08 4.76
C ARG A 58 -9.42 9.21 3.57
N LYS A 59 -8.52 8.43 2.95
CA LYS A 59 -8.85 7.38 1.96
C LYS A 59 -9.26 6.04 2.62
N HIS A 60 -8.89 5.84 3.89
CA HIS A 60 -9.15 4.63 4.69
C HIS A 60 -10.40 4.71 5.58
N THR A 61 -11.29 5.68 5.34
CA THR A 61 -12.57 5.86 6.07
C THR A 61 -13.64 4.81 5.73
N GLY A 62 -13.42 4.00 4.69
CA GLY A 62 -14.25 2.86 4.28
C GLY A 62 -13.46 1.83 3.46
N GLU A 63 -14.16 0.83 2.92
CA GLU A 63 -13.59 -0.25 2.09
C GLU A 63 -14.39 -0.44 0.80
N LYS A 64 -13.69 -0.60 -0.33
CA LYS A 64 -14.31 -0.72 -1.66
C LYS A 64 -14.73 -2.15 -2.02
N PHE A 65 -15.79 -2.21 -2.82
CA PHE A 65 -16.32 -3.39 -3.52
C PHE A 65 -16.23 -3.10 -5.04
N ALA A 66 -15.89 -4.10 -5.86
CA ALA A 66 -15.59 -3.93 -7.28
C ALA A 66 -16.47 -4.77 -8.21
N CYS A 67 -16.82 -4.21 -9.37
CA CYS A 67 -17.60 -4.85 -10.41
C CYS A 67 -16.84 -6.01 -11.08
N ASP A 68 -17.58 -7.07 -11.43
CA ASP A 68 -17.07 -8.24 -12.16
C ASP A 68 -17.15 -8.06 -13.69
N TYR A 69 -17.82 -6.99 -14.16
CA TYR A 69 -18.19 -6.78 -15.57
C TYR A 69 -17.57 -5.49 -16.17
N CYS A 70 -17.16 -4.53 -15.34
CA CYS A 70 -16.46 -3.29 -15.73
C CYS A 70 -15.47 -2.80 -14.63
N SER A 71 -14.94 -1.59 -14.80
CA SER A 71 -13.98 -0.95 -13.88
C SER A 71 -14.61 -0.27 -12.65
N PHE A 72 -15.94 -0.31 -12.49
CA PHE A 72 -16.66 0.37 -11.40
C PHE A 72 -16.28 -0.14 -9.99
N THR A 73 -16.24 0.78 -9.03
CA THR A 73 -16.12 0.49 -7.58
C THR A 73 -17.04 1.38 -6.75
N CYS A 74 -17.49 0.88 -5.59
CA CYS A 74 -18.25 1.65 -4.59
C CYS A 74 -17.91 1.22 -3.15
N LEU A 75 -18.29 2.04 -2.17
CA LEU A 75 -18.03 1.80 -0.74
C LEU A 75 -19.10 0.94 -0.04
N SER A 76 -20.08 0.39 -0.77
CA SER A 76 -21.04 -0.60 -0.25
C SER A 76 -21.36 -1.70 -1.28
N LYS A 77 -21.62 -2.91 -0.78
CA LYS A 77 -22.07 -4.07 -1.58
C LYS A 77 -23.48 -3.87 -2.14
N GLY A 78 -24.34 -3.14 -1.41
CA GLY A 78 -25.70 -2.80 -1.86
C GLY A 78 -25.70 -1.90 -3.11
N HIS A 79 -24.88 -0.84 -3.14
CA HIS A 79 -24.75 0.01 -4.31
C HIS A 79 -24.09 -0.72 -5.50
N LEU A 80 -23.15 -1.65 -5.22
CA LEU A 80 -22.59 -2.51 -6.26
C LEU A 80 -23.63 -3.49 -6.84
N LYS A 81 -24.49 -4.09 -6.01
CA LYS A 81 -25.60 -4.94 -6.46
C LYS A 81 -26.55 -4.16 -7.37
N VAL A 82 -26.92 -2.93 -7.01
CA VAL A 82 -27.72 -2.03 -7.86
C VAL A 82 -26.99 -1.71 -9.18
N HIS A 83 -25.69 -1.40 -9.15
CA HIS A 83 -24.90 -1.18 -10.37
C HIS A 83 -24.95 -2.41 -11.31
N ILE A 84 -24.73 -3.62 -10.77
CA ILE A 84 -24.74 -4.85 -11.58
C ILE A 84 -26.14 -5.13 -12.16
N GLU A 85 -27.19 -5.01 -11.36
CA GLU A 85 -28.58 -5.27 -11.79
C GLU A 85 -29.15 -4.20 -12.75
N ARG A 86 -28.65 -2.96 -12.72
CA ARG A 86 -29.11 -1.85 -13.60
C ARG A 86 -28.25 -1.67 -14.86
N VAL A 87 -26.95 -1.90 -14.79
CA VAL A 87 -26.00 -1.65 -15.91
C VAL A 87 -25.68 -2.92 -16.70
N HIS A 88 -25.51 -4.07 -16.03
CA HIS A 88 -25.03 -5.31 -16.67
C HIS A 88 -26.12 -6.38 -16.88
N LYS A 89 -27.22 -6.34 -16.10
CA LYS A 89 -28.43 -7.14 -16.34
C LYS A 89 -29.46 -6.33 -17.13
N LYS A 90 -30.31 -7.03 -17.89
CA LYS A 90 -31.41 -6.47 -18.69
C LYS A 90 -32.64 -6.12 -17.83
N ILE A 91 -33.44 -5.16 -18.27
CA ILE A 91 -34.69 -4.75 -17.64
C ILE A 91 -35.80 -5.80 -17.87
N LYS A 92 -36.65 -5.99 -16.86
CA LYS A 92 -37.80 -6.92 -16.84
C LYS A 92 -38.99 -6.31 -16.08
N GLY A 1 9.49 -25.12 -35.22
CA GLY A 1 8.56 -24.35 -34.36
C GLY A 1 8.10 -25.17 -33.16
N SER A 2 8.03 -24.54 -31.99
CA SER A 2 7.70 -25.18 -30.70
C SER A 2 6.73 -24.33 -29.87
N SER A 3 5.97 -24.98 -28.98
CA SER A 3 4.92 -24.36 -28.13
C SER A 3 5.50 -23.64 -26.89
N GLY A 4 6.47 -22.75 -27.10
CA GLY A 4 7.12 -21.96 -26.05
C GLY A 4 6.24 -20.87 -25.42
N SER A 5 6.72 -20.30 -24.32
CA SER A 5 6.05 -19.22 -23.55
C SER A 5 7.06 -18.25 -22.94
N SER A 6 6.67 -16.98 -22.78
CA SER A 6 7.44 -15.93 -22.10
C SER A 6 7.41 -16.03 -20.56
N GLY A 7 6.52 -16.87 -20.00
CA GLY A 7 6.31 -16.99 -18.55
C GLY A 7 5.73 -15.71 -17.93
N LYS A 8 6.22 -15.34 -16.74
CA LYS A 8 5.90 -14.08 -16.05
C LYS A 8 7.17 -13.32 -15.65
N ILE A 9 7.11 -11.99 -15.75
CA ILE A 9 8.24 -11.06 -15.59
C ILE A 9 7.81 -9.91 -14.65
N PHE A 10 8.73 -9.43 -13.82
CA PHE A 10 8.47 -8.47 -12.73
C PHE A 10 9.35 -7.23 -12.90
N THR A 11 8.77 -6.03 -12.85
CA THR A 11 9.45 -4.76 -13.21
C THR A 11 9.28 -3.68 -12.15
N CYS A 12 10.37 -2.97 -11.83
CA CYS A 12 10.40 -1.84 -10.90
C CYS A 12 9.70 -0.60 -11.51
N GLU A 13 8.80 0.01 -10.74
CA GLU A 13 8.08 1.24 -11.14
C GLU A 13 8.89 2.53 -10.89
N TYR A 14 10.05 2.44 -10.23
CA TYR A 14 10.87 3.59 -9.83
C TYR A 14 12.16 3.75 -10.66
N CYS A 15 12.76 2.65 -11.13
CA CYS A 15 13.98 2.65 -11.96
C CYS A 15 13.92 1.75 -13.22
N ASN A 16 12.76 1.17 -13.53
CA ASN A 16 12.48 0.36 -14.73
C ASN A 16 13.35 -0.91 -14.90
N LYS A 17 14.06 -1.35 -13.85
CA LYS A 17 14.75 -2.65 -13.80
C LYS A 17 13.79 -3.82 -13.90
N VAL A 18 14.27 -4.91 -14.50
CA VAL A 18 13.49 -6.14 -14.79
C VAL A 18 14.09 -7.34 -14.06
N PHE A 19 13.22 -8.16 -13.46
CA PHE A 19 13.55 -9.29 -12.60
C PHE A 19 12.73 -10.54 -13.00
N LYS A 20 13.34 -11.73 -12.88
CA LYS A 20 12.73 -13.02 -13.28
C LYS A 20 11.73 -13.58 -12.24
N PHE A 21 11.78 -13.09 -11.00
CA PHE A 21 10.96 -13.55 -9.89
C PHE A 21 10.46 -12.37 -9.02
N LYS A 22 9.28 -12.51 -8.43
CA LYS A 22 8.67 -11.46 -7.61
C LYS A 22 9.46 -11.17 -6.33
N HIS A 23 10.04 -12.19 -5.70
CA HIS A 23 10.86 -12.02 -4.49
C HIS A 23 12.12 -11.17 -4.74
N SER A 24 12.72 -11.26 -5.94
CA SER A 24 13.85 -10.41 -6.35
C SER A 24 13.43 -8.95 -6.50
N LEU A 25 12.25 -8.69 -7.08
CA LEU A 25 11.67 -7.34 -7.15
C LEU A 25 11.29 -6.81 -5.76
N GLN A 26 10.65 -7.61 -4.91
CA GLN A 26 10.26 -7.21 -3.55
C GLN A 26 11.46 -6.79 -2.69
N ALA A 27 12.57 -7.52 -2.78
CA ALA A 27 13.81 -7.16 -2.08
C ALA A 27 14.53 -5.95 -2.70
N HIS A 28 14.41 -5.74 -4.02
CA HIS A 28 14.91 -4.55 -4.70
C HIS A 28 14.12 -3.29 -4.30
N LEU A 29 12.79 -3.38 -4.26
CA LEU A 29 11.89 -2.24 -3.99
C LEU A 29 12.16 -1.54 -2.65
N ARG A 30 12.77 -2.24 -1.66
CA ARG A 30 13.14 -1.67 -0.36
C ARG A 30 13.93 -0.35 -0.45
N ILE A 31 14.78 -0.18 -1.48
CA ILE A 31 15.59 1.03 -1.67
C ILE A 31 14.75 2.26 -2.06
N HIS A 32 13.59 2.04 -2.67
CA HIS A 32 12.66 3.07 -3.14
C HIS A 32 11.53 3.34 -2.12
N THR A 33 10.99 2.31 -1.48
CA THR A 33 9.81 2.41 -0.60
C THR A 33 10.12 2.88 0.83
N ASN A 34 11.29 2.50 1.37
CA ASN A 34 11.66 2.77 2.76
C ASN A 34 12.29 4.17 2.98
N GLU A 35 12.68 4.47 4.22
CA GLU A 35 13.30 5.73 4.68
C GLU A 35 12.41 6.99 4.63
N LYS A 36 11.12 6.84 4.32
CA LYS A 36 10.11 7.91 4.47
C LYS A 36 9.52 7.84 5.89
N PRO A 37 9.50 8.94 6.68
CA PRO A 37 9.13 8.91 8.09
C PRO A 37 7.64 8.63 8.36
N TYR A 38 6.74 9.19 7.55
CA TYR A 38 5.30 9.14 7.79
C TYR A 38 4.66 7.95 7.07
N LYS A 39 4.58 6.80 7.75
CA LYS A 39 4.07 5.53 7.23
C LYS A 39 2.60 5.30 7.61
N CYS A 40 1.81 4.81 6.64
CA CYS A 40 0.43 4.37 6.79
C CYS A 40 0.36 3.02 7.51
N PRO A 41 -0.41 2.89 8.61
CA PRO A 41 -0.62 1.61 9.30
C PRO A 41 -1.59 0.66 8.56
N GLN A 42 -2.24 1.12 7.49
CA GLN A 42 -3.34 0.40 6.81
C GLN A 42 -3.02 -0.11 5.40
N CYS A 43 -2.02 0.43 4.68
CA CYS A 43 -1.61 -0.07 3.37
C CYS A 43 -0.07 -0.07 3.12
N SER A 44 0.74 0.19 4.15
CA SER A 44 2.21 0.30 4.10
C SER A 44 2.76 1.40 3.17
N TYR A 45 1.90 2.34 2.74
CA TYR A 45 2.25 3.58 2.08
C TYR A 45 3.16 4.44 2.97
N ALA A 46 4.01 5.27 2.38
CA ALA A 46 4.87 6.21 3.12
C ALA A 46 5.02 7.58 2.44
N SER A 47 5.23 8.62 3.25
CA SER A 47 5.46 10.02 2.83
C SER A 47 6.54 10.72 3.65
N ALA A 48 7.09 11.80 3.08
CA ALA A 48 8.00 12.73 3.74
C ALA A 48 7.26 13.91 4.45
N ILE A 49 5.93 13.99 4.33
CA ILE A 49 5.11 15.09 4.87
C ILE A 49 3.96 14.54 5.75
N LYS A 50 3.82 15.05 6.98
CA LYS A 50 2.81 14.60 7.95
C LYS A 50 1.38 14.91 7.49
N ALA A 51 1.15 16.10 6.94
CA ALA A 51 -0.15 16.53 6.41
C ALA A 51 -0.59 15.70 5.17
N ASN A 52 0.36 15.22 4.36
CA ASN A 52 0.06 14.31 3.24
C ASN A 52 -0.45 12.95 3.75
N LEU A 53 0.17 12.39 4.80
CA LEU A 53 -0.38 11.20 5.47
C LEU A 53 -1.74 11.48 6.11
N ASN A 54 -1.94 12.67 6.70
CA ASN A 54 -3.22 13.07 7.31
C ASN A 54 -4.36 13.09 6.28
N VAL A 55 -4.10 13.50 5.03
CA VAL A 55 -5.06 13.42 3.91
C VAL A 55 -5.19 12.00 3.35
N HIS A 56 -4.10 11.23 3.32
CA HIS A 56 -4.12 9.81 2.89
C HIS A 56 -4.98 8.92 3.80
N LEU A 57 -4.94 9.12 5.12
CA LEU A 57 -5.75 8.36 6.08
C LEU A 57 -7.26 8.56 5.88
N ARG A 58 -7.69 9.73 5.37
CA ARG A 58 -9.09 9.99 4.96
C ARG A 58 -9.59 9.08 3.82
N LYS A 59 -8.69 8.42 3.06
CA LYS A 59 -9.06 7.39 2.07
C LYS A 59 -9.43 6.05 2.71
N HIS A 60 -8.94 5.78 3.92
CA HIS A 60 -9.19 4.57 4.70
C HIS A 60 -10.43 4.72 5.60
N THR A 61 -11.63 4.67 5.01
CA THR A 61 -12.94 4.75 5.70
C THR A 61 -13.85 3.58 5.35
N GLY A 62 -14.74 3.23 6.30
CA GLY A 62 -15.70 2.12 6.16
C GLY A 62 -16.16 1.56 7.52
N GLU A 63 -17.18 0.69 7.49
CA GLU A 63 -17.70 -0.01 8.66
C GLU A 63 -16.71 -1.06 9.18
N LYS A 64 -16.91 -1.43 10.45
CA LYS A 64 -15.97 -2.23 11.25
C LYS A 64 -16.49 -3.63 11.60
N PHE A 65 -15.52 -4.52 11.79
CA PHE A 65 -15.65 -5.86 12.36
C PHE A 65 -14.69 -5.96 13.56
N ALA A 66 -15.06 -6.65 14.64
CA ALA A 66 -14.30 -6.66 15.90
C ALA A 66 -13.91 -8.08 16.34
N CYS A 67 -12.69 -8.21 16.89
CA CYS A 67 -12.13 -9.46 17.39
C CYS A 67 -12.92 -10.03 18.59
N ASP A 68 -12.99 -11.37 18.66
CA ASP A 68 -13.64 -12.11 19.74
C ASP A 68 -12.70 -12.36 20.93
N TYR A 69 -11.40 -12.08 20.78
CA TYR A 69 -10.33 -12.43 21.73
C TYR A 69 -9.53 -11.22 22.26
N CYS A 70 -9.52 -10.09 21.54
CA CYS A 70 -8.88 -8.82 21.94
C CYS A 70 -9.70 -7.58 21.51
N SER A 71 -9.12 -6.39 21.67
CA SER A 71 -9.72 -5.09 21.36
C SER A 71 -9.61 -4.67 19.87
N PHE A 72 -9.01 -5.50 19.01
CA PHE A 72 -8.76 -5.21 17.60
C PHE A 72 -10.05 -5.00 16.78
N THR A 73 -10.02 -4.01 15.87
CA THR A 73 -11.04 -3.75 14.84
C THR A 73 -10.44 -3.75 13.43
N CYS A 74 -11.23 -4.18 12.45
CA CYS A 74 -10.83 -4.36 11.06
C CYS A 74 -11.88 -3.82 10.08
N LEU A 75 -11.44 -3.44 8.87
CA LEU A 75 -12.30 -3.00 7.75
C LEU A 75 -12.85 -4.18 6.92
N SER A 76 -12.38 -5.41 7.18
CA SER A 76 -12.80 -6.65 6.48
C SER A 76 -12.92 -7.84 7.42
N LYS A 77 -14.01 -8.59 7.32
CA LYS A 77 -14.22 -9.86 8.04
C LYS A 77 -13.24 -10.96 7.62
N GLY A 78 -12.74 -10.91 6.37
CA GLY A 78 -11.73 -11.85 5.86
C GLY A 78 -10.35 -11.61 6.50
N HIS A 79 -9.92 -10.35 6.56
CA HIS A 79 -8.67 -9.99 7.25
C HIS A 79 -8.79 -10.16 8.78
N LEU A 80 -9.99 -9.97 9.36
CA LEU A 80 -10.24 -10.30 10.76
C LEU A 80 -10.12 -11.81 11.04
N LYS A 81 -10.59 -12.68 10.13
CA LYS A 81 -10.38 -14.13 10.24
C LYS A 81 -8.89 -14.50 10.22
N VAL A 82 -8.10 -13.84 9.36
CA VAL A 82 -6.63 -13.99 9.33
C VAL A 82 -5.98 -13.52 10.66
N HIS A 83 -6.41 -12.39 11.22
CA HIS A 83 -5.98 -11.95 12.57
C HIS A 83 -6.31 -13.00 13.63
N ILE A 84 -7.53 -13.55 13.66
CA ILE A 84 -7.93 -14.57 14.64
C ILE A 84 -7.08 -15.83 14.49
N GLU A 85 -6.96 -16.38 13.28
CA GLU A 85 -6.19 -17.60 13.01
C GLU A 85 -4.69 -17.46 13.39
N ARG A 86 -4.07 -16.31 13.13
CA ARG A 86 -2.63 -16.08 13.37
C ARG A 86 -2.29 -15.64 14.81
N VAL A 87 -3.15 -14.83 15.44
CA VAL A 87 -2.85 -14.23 16.76
C VAL A 87 -3.43 -15.03 17.92
N HIS A 88 -4.60 -15.65 17.75
CA HIS A 88 -5.36 -16.28 18.84
C HIS A 88 -5.59 -17.79 18.66
N LYS A 89 -5.90 -18.23 17.43
CA LYS A 89 -6.23 -19.63 17.07
C LYS A 89 -5.02 -20.50 16.69
N LYS A 90 -3.79 -20.00 16.84
CA LYS A 90 -2.54 -20.76 16.67
C LYS A 90 -2.45 -22.01 17.56
N ILE A 91 -3.12 -21.98 18.71
CA ILE A 91 -3.23 -23.10 19.67
C ILE A 91 -4.24 -24.20 19.25
N LYS A 92 -5.02 -23.95 18.19
CA LYS A 92 -6.08 -24.81 17.62
C LYS A 92 -7.12 -25.29 18.64
N GLY A 1 7.11 -24.29 -25.48
CA GLY A 1 5.66 -24.23 -25.78
C GLY A 1 5.26 -22.86 -26.32
N SER A 2 4.02 -22.45 -26.08
CA SER A 2 3.47 -21.14 -26.47
C SER A 2 3.93 -19.98 -25.58
N SER A 3 3.77 -18.73 -26.06
CA SER A 3 4.16 -17.50 -25.36
C SER A 3 3.35 -17.25 -24.08
N GLY A 4 3.95 -16.55 -23.11
CA GLY A 4 3.34 -16.22 -21.82
C GLY A 4 4.17 -15.23 -20.98
N SER A 5 3.85 -15.11 -19.70
CA SER A 5 4.55 -14.23 -18.74
C SER A 5 5.99 -14.68 -18.43
N SER A 6 6.83 -13.75 -18.00
CA SER A 6 8.24 -13.99 -17.67
C SER A 6 8.43 -14.90 -16.45
N GLY A 7 9.40 -15.81 -16.51
CA GLY A 7 9.75 -16.75 -15.43
C GLY A 7 10.65 -16.16 -14.32
N LYS A 8 10.59 -14.83 -14.12
CA LYS A 8 11.43 -14.09 -13.17
C LYS A 8 11.00 -14.27 -11.72
N ILE A 9 11.94 -14.02 -10.81
CA ILE A 9 11.79 -14.15 -9.36
C ILE A 9 12.51 -12.97 -8.68
N PHE A 10 11.84 -12.37 -7.69
CA PHE A 10 12.28 -11.19 -6.94
C PHE A 10 12.08 -11.43 -5.43
N THR A 11 13.08 -11.14 -4.59
CA THR A 11 13.09 -11.54 -3.17
C THR A 11 13.39 -10.35 -2.24
N CYS A 12 12.63 -10.25 -1.15
CA CYS A 12 12.83 -9.27 -0.07
C CYS A 12 14.05 -9.63 0.79
N GLU A 13 14.95 -8.68 1.00
CA GLU A 13 16.15 -8.86 1.84
C GLU A 13 15.88 -8.74 3.35
N TYR A 14 14.67 -8.30 3.74
CA TYR A 14 14.31 -8.02 5.13
C TYR A 14 13.44 -9.10 5.79
N CYS A 15 12.59 -9.79 5.02
CA CYS A 15 11.68 -10.85 5.49
C CYS A 15 11.66 -12.14 4.63
N ASN A 16 12.50 -12.20 3.59
CA ASN A 16 12.66 -13.35 2.68
C ASN A 16 11.40 -13.76 1.88
N LYS A 17 10.38 -12.88 1.77
CA LYS A 17 9.24 -13.06 0.85
C LYS A 17 9.71 -13.04 -0.61
N VAL A 18 8.98 -13.78 -1.45
CA VAL A 18 9.29 -13.98 -2.88
C VAL A 18 8.10 -13.57 -3.75
N PHE A 19 8.40 -12.89 -4.86
CA PHE A 19 7.46 -12.25 -5.80
C PHE A 19 7.83 -12.57 -7.26
N LYS A 20 6.84 -12.60 -8.16
CA LYS A 20 7.03 -12.88 -9.61
C LYS A 20 7.52 -11.65 -10.39
N PHE A 21 7.20 -10.44 -9.93
CA PHE A 21 7.45 -9.18 -10.63
C PHE A 21 8.17 -8.15 -9.75
N LYS A 22 8.96 -7.27 -10.38
CA LYS A 22 9.72 -6.20 -9.71
C LYS A 22 8.81 -5.20 -8.98
N HIS A 23 7.69 -4.82 -9.60
CA HIS A 23 6.74 -3.86 -9.03
C HIS A 23 6.08 -4.36 -7.73
N SER A 24 5.84 -5.67 -7.62
CA SER A 24 5.30 -6.30 -6.41
C SER A 24 6.29 -6.23 -5.24
N LEU A 25 7.58 -6.50 -5.50
CA LEU A 25 8.64 -6.34 -4.51
C LEU A 25 8.86 -4.85 -4.16
N GLN A 26 8.90 -3.95 -5.13
CA GLN A 26 9.09 -2.51 -4.90
C GLN A 26 7.99 -1.90 -4.01
N ALA A 27 6.73 -2.30 -4.21
CA ALA A 27 5.62 -1.88 -3.37
C ALA A 27 5.62 -2.54 -1.97
N HIS A 28 6.11 -3.79 -1.86
CA HIS A 28 6.32 -4.45 -0.58
C HIS A 28 7.44 -3.79 0.25
N LEU A 29 8.56 -3.43 -0.37
CA LEU A 29 9.73 -2.86 0.30
C LEU A 29 9.45 -1.55 1.04
N ARG A 30 8.39 -0.81 0.68
CA ARG A 30 7.94 0.43 1.36
C ARG A 30 7.78 0.28 2.88
N ILE A 31 7.44 -0.92 3.37
CA ILE A 31 7.28 -1.17 4.82
C ILE A 31 8.63 -1.20 5.54
N HIS A 32 9.68 -1.69 4.88
CA HIS A 32 11.01 -1.90 5.45
C HIS A 32 11.95 -0.68 5.26
N THR A 33 11.86 0.02 4.13
CA THR A 33 12.72 1.18 3.82
C THR A 33 12.30 2.42 4.61
N ASN A 34 13.28 3.21 5.10
CA ASN A 34 13.05 4.33 6.03
C ASN A 34 13.35 5.71 5.41
N GLU A 35 13.44 5.80 4.09
CA GLU A 35 13.58 7.07 3.34
C GLU A 35 12.33 7.97 3.42
N LYS A 36 11.17 7.42 3.77
CA LYS A 36 9.88 8.11 3.95
C LYS A 36 9.33 7.81 5.35
N PRO A 37 9.42 8.74 6.32
CA PRO A 37 9.12 8.47 7.74
C PRO A 37 7.62 8.30 8.06
N TYR A 38 6.75 9.04 7.36
CA TYR A 38 5.31 9.07 7.65
C TYR A 38 4.58 7.90 6.97
N LYS A 39 4.76 6.71 7.56
CA LYS A 39 4.17 5.43 7.14
C LYS A 39 2.71 5.32 7.58
N CYS A 40 1.89 4.70 6.72
CA CYS A 40 0.50 4.37 7.02
C CYS A 40 0.41 3.19 8.02
N PRO A 41 -0.47 3.26 9.03
CA PRO A 41 -0.75 2.14 9.93
C PRO A 41 -1.62 1.05 9.27
N GLN A 42 -2.17 1.29 8.07
CA GLN A 42 -3.16 0.41 7.42
C GLN A 42 -2.73 -0.18 6.06
N CYS A 43 -1.78 0.44 5.33
CA CYS A 43 -1.26 -0.10 4.06
C CYS A 43 0.24 0.20 3.85
N SER A 44 0.76 -0.11 2.65
CA SER A 44 2.18 0.08 2.30
C SER A 44 2.58 1.55 2.05
N TYR A 45 1.65 2.49 2.09
CA TYR A 45 1.89 3.93 1.92
C TYR A 45 2.92 4.49 2.90
N ALA A 46 3.78 5.38 2.39
CA ALA A 46 4.69 6.21 3.17
C ALA A 46 4.91 7.58 2.49
N SER A 47 5.20 8.62 3.28
CA SER A 47 5.52 9.97 2.78
C SER A 47 6.56 10.71 3.65
N ALA A 48 7.01 11.87 3.18
CA ALA A 48 7.93 12.79 3.86
C ALA A 48 7.21 13.97 4.56
N ILE A 49 5.87 14.04 4.47
CA ILE A 49 5.04 15.11 5.07
C ILE A 49 3.89 14.50 5.88
N LYS A 50 3.72 14.94 7.14
CA LYS A 50 2.68 14.42 8.06
C LYS A 50 1.25 14.79 7.62
N ALA A 51 1.07 15.99 7.07
CA ALA A 51 -0.20 16.43 6.49
C ALA A 51 -0.60 15.57 5.27
N ASN A 52 0.36 15.08 4.48
CA ASN A 52 0.08 14.19 3.35
C ASN A 52 -0.39 12.80 3.84
N LEU A 53 0.19 12.27 4.92
CA LEU A 53 -0.32 11.07 5.60
C LEU A 53 -1.74 11.28 6.15
N ASN A 54 -2.08 12.45 6.68
CA ASN A 54 -3.46 12.76 7.10
C ASN A 54 -4.44 12.75 5.91
N VAL A 55 -4.07 13.35 4.78
CA VAL A 55 -4.84 13.35 3.52
C VAL A 55 -4.95 11.95 2.89
N HIS A 56 -4.00 11.06 3.21
CA HIS A 56 -4.06 9.63 2.87
C HIS A 56 -4.99 8.84 3.82
N LEU A 57 -4.93 9.05 5.14
CA LEU A 57 -5.80 8.39 6.12
C LEU A 57 -7.28 8.70 5.88
N ARG A 58 -7.59 9.90 5.36
CA ARG A 58 -8.94 10.29 4.87
C ARG A 58 -9.48 9.38 3.74
N LYS A 59 -8.64 8.56 3.10
CA LYS A 59 -9.01 7.57 2.06
C LYS A 59 -9.30 6.17 2.62
N HIS A 60 -8.92 5.89 3.87
CA HIS A 60 -9.24 4.64 4.56
C HIS A 60 -10.69 4.64 5.13
N THR A 61 -11.64 4.85 4.22
CA THR A 61 -13.10 4.97 4.48
C THR A 61 -13.94 4.05 3.58
N GLY A 62 -13.30 3.08 2.91
CA GLY A 62 -13.92 2.19 1.92
C GLY A 62 -14.91 1.16 2.49
N GLU A 63 -14.99 1.00 3.81
CA GLU A 63 -16.01 0.22 4.51
C GLU A 63 -16.78 1.11 5.52
N LYS A 64 -18.11 1.14 5.39
CA LYS A 64 -19.03 1.80 6.31
C LYS A 64 -20.23 0.89 6.60
N PHE A 65 -20.77 1.02 7.81
CA PHE A 65 -21.97 0.31 8.28
C PHE A 65 -23.19 1.21 8.04
N ALA A 66 -24.25 0.66 7.43
CA ALA A 66 -25.40 1.42 6.92
C ALA A 66 -26.72 1.13 7.66
N CYS A 67 -27.51 2.18 7.88
CA CYS A 67 -28.84 2.11 8.49
C CYS A 67 -29.87 1.42 7.57
N ASP A 68 -30.77 0.65 8.19
CA ASP A 68 -31.89 -0.02 7.51
C ASP A 68 -33.16 0.87 7.47
N TYR A 69 -33.15 2.00 8.16
CA TYR A 69 -34.31 2.86 8.41
C TYR A 69 -34.18 4.27 7.80
N CYS A 70 -32.96 4.73 7.54
CA CYS A 70 -32.64 5.99 6.85
C CYS A 70 -31.36 5.89 5.99
N SER A 71 -30.84 7.03 5.52
CA SER A 71 -29.63 7.15 4.68
C SER A 71 -28.30 7.18 5.45
N PHE A 72 -28.32 7.09 6.78
CA PHE A 72 -27.14 7.17 7.65
C PHE A 72 -26.11 6.06 7.39
N THR A 73 -24.82 6.42 7.39
CA THR A 73 -23.68 5.49 7.33
C THR A 73 -22.55 5.94 8.27
N CYS A 74 -21.86 4.99 8.91
CA CYS A 74 -20.80 5.27 9.90
C CYS A 74 -19.61 4.29 9.79
N LEU A 75 -18.44 4.69 10.31
CA LEU A 75 -17.22 3.87 10.37
C LEU A 75 -17.29 2.76 11.44
N SER A 76 -18.27 2.80 12.35
CA SER A 76 -18.45 1.85 13.46
C SER A 76 -19.83 1.21 13.46
N LYS A 77 -19.87 -0.12 13.60
CA LYS A 77 -21.09 -0.91 13.77
C LYS A 77 -21.74 -0.67 15.14
N GLY A 78 -20.93 -0.36 16.16
CA GLY A 78 -21.42 0.04 17.50
C GLY A 78 -22.10 1.40 17.46
N HIS A 79 -21.53 2.38 16.76
CA HIS A 79 -22.16 3.69 16.55
C HIS A 79 -23.46 3.57 15.72
N LEU A 80 -23.51 2.65 14.75
CA LEU A 80 -24.75 2.34 14.02
C LEU A 80 -25.82 1.72 14.94
N LYS A 81 -25.45 0.78 15.81
CA LYS A 81 -26.38 0.18 16.79
C LYS A 81 -26.99 1.24 17.71
N VAL A 82 -26.17 2.19 18.19
CA VAL A 82 -26.62 3.33 18.99
C VAL A 82 -27.52 4.29 18.18
N HIS A 83 -27.18 4.58 16.92
CA HIS A 83 -28.03 5.36 16.01
C HIS A 83 -29.43 4.72 15.86
N ILE A 84 -29.49 3.41 15.62
CA ILE A 84 -30.77 2.69 15.47
C ILE A 84 -31.57 2.73 16.77
N GLU A 85 -30.94 2.43 17.91
CA GLU A 85 -31.56 2.46 19.25
C GLU A 85 -32.12 3.85 19.65
N ARG A 86 -31.48 4.94 19.23
CA ARG A 86 -31.84 6.32 19.62
C ARG A 86 -32.75 7.05 18.64
N VAL A 87 -32.58 6.83 17.34
CA VAL A 87 -33.26 7.59 16.27
C VAL A 87 -34.52 6.88 15.75
N HIS A 88 -34.49 5.54 15.65
CA HIS A 88 -35.57 4.74 15.04
C HIS A 88 -36.32 3.87 16.05
N LYS A 89 -35.60 3.33 17.04
CA LYS A 89 -36.13 2.65 18.24
C LYS A 89 -36.32 3.65 19.39
N LYS A 90 -36.92 3.18 20.50
CA LYS A 90 -37.19 3.95 21.73
C LYS A 90 -36.27 3.50 22.87
N ILE A 91 -35.82 4.45 23.70
CA ILE A 91 -34.99 4.22 24.89
C ILE A 91 -35.81 4.34 26.19
N LYS A 92 -35.34 3.65 27.24
CA LYS A 92 -35.96 3.59 28.58
C LYS A 92 -34.90 3.58 29.69
N GLY A 1 15.17 -24.36 -32.58
CA GLY A 1 15.30 -23.57 -31.34
C GLY A 1 16.74 -23.12 -31.11
N SER A 2 16.93 -22.07 -30.31
CA SER A 2 18.24 -21.52 -29.94
C SER A 2 18.97 -22.37 -28.87
N SER A 3 20.30 -22.27 -28.83
CA SER A 3 21.17 -23.02 -27.90
C SER A 3 21.15 -22.43 -26.48
N GLY A 4 21.29 -23.30 -25.47
CA GLY A 4 21.38 -22.91 -24.05
C GLY A 4 20.09 -22.28 -23.48
N SER A 5 20.25 -21.42 -22.47
CA SER A 5 19.17 -20.66 -21.81
C SER A 5 19.67 -19.29 -21.33
N SER A 6 18.74 -18.36 -21.09
CA SER A 6 19.02 -16.95 -20.77
C SER A 6 18.20 -16.43 -19.58
N GLY A 7 18.76 -15.47 -18.84
CA GLY A 7 18.14 -14.84 -17.66
C GLY A 7 18.22 -15.67 -16.37
N LYS A 8 17.85 -15.04 -15.25
CA LYS A 8 17.80 -15.62 -13.89
C LYS A 8 16.74 -14.94 -13.02
N ILE A 9 16.58 -15.44 -11.79
CA ILE A 9 15.65 -14.95 -10.77
C ILE A 9 16.43 -14.08 -9.77
N PHE A 10 15.76 -13.07 -9.19
CA PHE A 10 16.34 -12.11 -8.24
C PHE A 10 15.48 -12.04 -6.96
N THR A 11 16.11 -11.94 -5.78
CA THR A 11 15.43 -12.09 -4.47
C THR A 11 15.88 -11.03 -3.46
N CYS A 12 14.93 -10.46 -2.71
CA CYS A 12 15.14 -9.49 -1.64
C CYS A 12 15.84 -10.11 -0.43
N GLU A 13 16.86 -9.43 0.10
CA GLU A 13 17.60 -9.85 1.30
C GLU A 13 16.94 -9.42 2.61
N TYR A 14 15.90 -8.57 2.56
CA TYR A 14 15.23 -7.99 3.73
C TYR A 14 13.86 -8.63 4.04
N CYS A 15 13.13 -9.10 3.02
CA CYS A 15 11.80 -9.73 3.17
C CYS A 15 11.58 -11.01 2.33
N ASN A 16 12.62 -11.48 1.62
CA ASN A 16 12.63 -12.71 0.82
C ASN A 16 11.61 -12.76 -0.36
N LYS A 17 11.04 -11.62 -0.77
CA LYS A 17 10.25 -11.50 -2.00
C LYS A 17 11.09 -11.78 -3.25
N VAL A 18 10.46 -12.37 -4.27
CA VAL A 18 11.10 -12.87 -5.49
C VAL A 18 10.61 -12.09 -6.73
N PHE A 19 11.54 -11.76 -7.63
CA PHE A 19 11.34 -10.89 -8.79
C PHE A 19 11.98 -11.48 -10.06
N LYS A 20 11.38 -11.18 -11.22
CA LYS A 20 11.83 -11.68 -12.54
C LYS A 20 13.12 -11.02 -13.03
N PHE A 21 13.38 -9.78 -12.62
CA PHE A 21 14.44 -8.92 -13.15
C PHE A 21 15.14 -8.12 -12.05
N LYS A 22 16.41 -7.76 -12.27
CA LYS A 22 17.21 -6.99 -11.30
C LYS A 22 16.70 -5.57 -11.09
N HIS A 23 16.19 -4.91 -12.14
CA HIS A 23 15.57 -3.58 -12.02
C HIS A 23 14.27 -3.61 -11.21
N SER A 24 13.47 -4.69 -11.33
CA SER A 24 12.28 -4.92 -10.50
C SER A 24 12.63 -5.08 -9.01
N LEU A 25 13.70 -5.83 -8.70
CA LEU A 25 14.23 -5.93 -7.34
C LEU A 25 14.79 -4.58 -6.84
N GLN A 26 15.57 -3.85 -7.65
CA GLN A 26 16.11 -2.52 -7.29
C GLN A 26 14.99 -1.52 -6.96
N ALA A 27 13.89 -1.54 -7.70
CA ALA A 27 12.72 -0.70 -7.43
C ALA A 27 11.94 -1.14 -6.19
N HIS A 28 11.94 -2.43 -5.85
CA HIS A 28 11.41 -2.93 -4.57
C HIS A 28 12.29 -2.53 -3.38
N LEU A 29 13.63 -2.64 -3.51
CA LEU A 29 14.60 -2.35 -2.45
C LEU A 29 14.53 -0.91 -1.91
N ARG A 30 13.91 0.03 -2.65
CA ARG A 30 13.63 1.39 -2.18
C ARG A 30 12.87 1.43 -0.85
N ILE A 31 11.98 0.47 -0.57
CA ILE A 31 11.22 0.44 0.70
C ILE A 31 12.10 0.10 1.92
N HIS A 32 13.20 -0.61 1.69
CA HIS A 32 14.16 -1.03 2.72
C HIS A 32 15.37 -0.10 2.84
N THR A 33 15.72 0.64 1.77
CA THR A 33 16.97 1.42 1.65
C THR A 33 16.78 2.94 1.46
N ASN A 34 15.57 3.40 1.10
CA ASN A 34 15.23 4.80 0.82
C ASN A 34 13.83 5.15 1.40
N GLU A 35 13.59 4.74 2.64
CA GLU A 35 12.29 4.87 3.33
C GLU A 35 11.91 6.33 3.69
N LYS A 36 10.61 6.56 3.94
CA LYS A 36 10.01 7.85 4.33
C LYS A 36 9.36 7.74 5.73
N PRO A 37 9.42 8.79 6.58
CA PRO A 37 9.03 8.71 7.99
C PRO A 37 7.53 8.51 8.26
N TYR A 38 6.66 9.19 7.50
CA TYR A 38 5.21 9.20 7.77
C TYR A 38 4.52 8.04 7.06
N LYS A 39 4.61 6.86 7.69
CA LYS A 39 4.06 5.58 7.23
C LYS A 39 2.59 5.41 7.63
N CYS A 40 1.83 4.79 6.74
CA CYS A 40 0.43 4.44 6.96
C CYS A 40 0.30 3.26 7.95
N PRO A 41 -0.63 3.32 8.94
CA PRO A 41 -0.95 2.20 9.82
C PRO A 41 -1.80 1.12 9.12
N GLN A 42 -2.36 1.40 7.94
CA GLN A 42 -3.29 0.52 7.23
C GLN A 42 -2.74 -0.09 5.93
N CYS A 43 -1.78 0.53 5.22
CA CYS A 43 -1.21 -0.02 3.99
C CYS A 43 0.30 0.27 3.83
N SER A 44 0.87 -0.09 2.68
CA SER A 44 2.29 0.07 2.35
C SER A 44 2.71 1.53 2.05
N TYR A 45 1.77 2.48 2.09
CA TYR A 45 1.99 3.90 1.86
C TYR A 45 2.94 4.54 2.88
N ALA A 46 3.80 5.44 2.40
CA ALA A 46 4.63 6.34 3.22
C ALA A 46 4.84 7.69 2.51
N SER A 47 5.03 8.76 3.29
CA SER A 47 5.39 10.10 2.79
C SER A 47 6.46 10.77 3.65
N ALA A 48 7.14 11.78 3.09
CA ALA A 48 8.11 12.61 3.80
C ALA A 48 7.44 13.77 4.58
N ILE A 49 6.12 13.94 4.46
CA ILE A 49 5.33 15.04 5.03
C ILE A 49 4.15 14.48 5.84
N LYS A 50 3.93 14.99 7.06
CA LYS A 50 2.85 14.54 7.97
C LYS A 50 1.44 14.87 7.46
N ALA A 51 1.28 16.04 6.84
CA ALA A 51 0.01 16.46 6.22
C ALA A 51 -0.43 15.53 5.07
N ASN A 52 0.52 14.97 4.31
CA ASN A 52 0.22 14.01 3.25
C ASN A 52 -0.36 12.70 3.83
N LEU A 53 0.20 12.19 4.93
CA LEU A 53 -0.36 11.05 5.67
C LEU A 53 -1.75 11.38 6.25
N ASN A 54 -1.93 12.57 6.81
CA ASN A 54 -3.22 13.02 7.35
C ASN A 54 -4.34 13.03 6.28
N VAL A 55 -4.02 13.44 5.05
CA VAL A 55 -4.94 13.36 3.90
C VAL A 55 -5.13 11.92 3.41
N HIS A 56 -4.07 11.11 3.38
CA HIS A 56 -4.13 9.71 2.95
C HIS A 56 -5.03 8.83 3.86
N LEU A 57 -5.01 9.04 5.17
CA LEU A 57 -5.87 8.31 6.12
C LEU A 57 -7.37 8.50 5.84
N ARG A 58 -7.77 9.66 5.31
CA ARG A 58 -9.15 9.95 4.89
C ARG A 58 -9.65 9.04 3.75
N LYS A 59 -8.75 8.39 3.00
CA LYS A 59 -9.09 7.39 1.97
C LYS A 59 -9.50 6.03 2.57
N HIS A 60 -9.03 5.70 3.77
CA HIS A 60 -9.28 4.42 4.46
C HIS A 60 -10.67 4.29 5.12
N THR A 61 -11.67 5.03 4.63
CA THR A 61 -13.10 4.86 5.00
C THR A 61 -13.76 3.68 4.26
N GLY A 62 -13.21 3.23 3.14
CA GLY A 62 -13.64 2.04 2.39
C GLY A 62 -13.28 0.70 3.06
N GLU A 63 -13.80 -0.39 2.51
CA GLU A 63 -13.57 -1.77 2.98
C GLU A 63 -12.39 -2.43 2.24
N LYS A 64 -11.67 -3.29 2.96
CA LYS A 64 -10.47 -4.00 2.48
C LYS A 64 -10.79 -5.32 1.76
N PHE A 65 -9.99 -5.60 0.74
CA PHE A 65 -9.88 -6.84 -0.02
C PHE A 65 -8.41 -7.31 -0.04
N ALA A 66 -8.14 -8.61 -0.18
CA ALA A 66 -6.79 -9.19 -0.10
C ALA A 66 -6.49 -10.19 -1.23
N CYS A 67 -5.25 -10.15 -1.73
CA CYS A 67 -4.74 -11.07 -2.75
C CYS A 67 -4.62 -12.51 -2.19
N ASP A 68 -4.93 -13.49 -3.03
CA ASP A 68 -4.80 -14.92 -2.72
C ASP A 68 -3.42 -15.49 -3.12
N TYR A 69 -2.58 -14.69 -3.78
CA TYR A 69 -1.33 -15.11 -4.42
C TYR A 69 -0.08 -14.41 -3.86
N CYS A 70 -0.23 -13.24 -3.22
CA CYS A 70 0.83 -12.49 -2.53
C CYS A 70 0.30 -11.74 -1.28
N SER A 71 1.12 -10.87 -0.69
CA SER A 71 0.80 -10.07 0.51
C SER A 71 -0.03 -8.81 0.24
N PHE A 72 -0.38 -8.52 -1.02
CA PHE A 72 -1.11 -7.30 -1.41
C PHE A 72 -2.53 -7.20 -0.81
N THR A 73 -2.92 -5.98 -0.43
CA THR A 73 -4.28 -5.60 -0.03
C THR A 73 -4.73 -4.33 -0.75
N CYS A 74 -6.05 -4.20 -0.95
CA CYS A 74 -6.67 -3.17 -1.78
C CYS A 74 -7.98 -2.65 -1.13
N LEU A 75 -8.42 -1.45 -1.52
CA LEU A 75 -9.72 -0.87 -1.12
C LEU A 75 -10.80 -0.95 -2.22
N SER A 76 -10.53 -1.69 -3.31
CA SER A 76 -11.46 -1.99 -4.41
C SER A 76 -11.25 -3.42 -4.92
N LYS A 77 -12.33 -4.20 -5.01
CA LYS A 77 -12.32 -5.56 -5.55
C LYS A 77 -12.04 -5.58 -7.06
N GLY A 78 -12.45 -4.54 -7.79
CA GLY A 78 -12.16 -4.36 -9.22
C GLY A 78 -10.67 -4.13 -9.48
N HIS A 79 -10.03 -3.25 -8.70
CA HIS A 79 -8.59 -3.02 -8.79
C HIS A 79 -7.77 -4.24 -8.32
N LEU A 80 -8.27 -4.99 -7.31
CA LEU A 80 -7.68 -6.27 -6.90
C LEU A 80 -7.77 -7.33 -8.02
N LYS A 81 -8.90 -7.42 -8.74
CA LYS A 81 -9.03 -8.31 -9.90
C LYS A 81 -8.00 -7.97 -10.98
N VAL A 82 -7.79 -6.69 -11.27
CA VAL A 82 -6.75 -6.22 -12.22
C VAL A 82 -5.34 -6.57 -11.73
N HIS A 83 -5.03 -6.41 -10.44
CA HIS A 83 -3.78 -6.89 -9.85
C HIS A 83 -3.59 -8.41 -10.06
N ILE A 84 -4.63 -9.22 -9.80
CA ILE A 84 -4.58 -10.68 -9.98
C ILE A 84 -4.36 -11.05 -11.45
N GLU A 85 -5.07 -10.41 -12.39
CA GLU A 85 -4.91 -10.67 -13.82
C GLU A 85 -3.52 -10.27 -14.36
N ARG A 86 -2.98 -9.11 -13.95
CA ARG A 86 -1.71 -8.57 -14.47
C ARG A 86 -0.47 -9.17 -13.82
N VAL A 87 -0.53 -9.52 -12.52
CA VAL A 87 0.64 -9.98 -11.73
C VAL A 87 0.69 -11.50 -11.60
N HIS A 88 -0.46 -12.19 -11.47
CA HIS A 88 -0.50 -13.61 -11.10
C HIS A 88 -1.08 -14.53 -12.20
N LYS A 89 -2.14 -14.12 -12.92
CA LYS A 89 -2.74 -14.91 -14.02
C LYS A 89 -2.09 -14.69 -15.39
N LYS A 90 -1.10 -13.79 -15.48
CA LYS A 90 -0.31 -13.50 -16.69
C LYS A 90 0.52 -14.71 -17.16
N ILE A 91 0.92 -15.59 -16.25
CA ILE A 91 1.66 -16.84 -16.49
C ILE A 91 0.79 -18.04 -16.12
N LYS A 92 0.85 -19.12 -16.91
CA LYS A 92 0.16 -20.40 -16.69
C LYS A 92 1.04 -21.59 -17.10
N GLY A 1 4.61 -9.19 -18.45
CA GLY A 1 4.96 -10.61 -18.68
C GLY A 1 4.66 -11.46 -17.44
N SER A 2 4.40 -12.76 -17.64
CA SER A 2 4.14 -13.74 -16.58
C SER A 2 5.44 -14.36 -16.00
N SER A 3 5.30 -15.26 -15.02
CA SER A 3 6.37 -16.10 -14.49
C SER A 3 6.85 -17.20 -15.47
N GLY A 4 6.13 -17.43 -16.57
CA GLY A 4 6.31 -18.58 -17.47
C GLY A 4 5.81 -19.91 -16.90
N SER A 5 5.12 -19.88 -15.75
CA SER A 5 4.59 -21.04 -15.00
C SER A 5 3.13 -20.85 -14.59
N SER A 6 2.48 -21.91 -14.10
CA SER A 6 1.12 -21.87 -13.55
C SER A 6 1.03 -21.12 -12.21
N GLY A 7 2.06 -21.26 -11.36
CA GLY A 7 2.26 -20.47 -10.13
C GLY A 7 3.15 -19.23 -10.35
N LYS A 8 3.10 -18.29 -9.39
CA LYS A 8 3.91 -17.06 -9.36
C LYS A 8 4.37 -16.73 -7.93
N ILE A 9 5.60 -16.24 -7.79
CA ILE A 9 6.32 -16.05 -6.52
C ILE A 9 7.05 -14.70 -6.56
N PHE A 10 7.17 -14.02 -5.41
CA PHE A 10 7.78 -12.69 -5.26
C PHE A 10 8.98 -12.74 -4.30
N THR A 11 10.06 -12.03 -4.62
CA THR A 11 11.35 -12.15 -3.90
C THR A 11 11.98 -10.78 -3.63
N CYS A 12 12.50 -10.59 -2.40
CA CYS A 12 13.24 -9.41 -1.98
C CYS A 12 14.64 -9.36 -2.61
N GLU A 13 14.99 -8.22 -3.21
CA GLU A 13 16.32 -7.99 -3.81
C GLU A 13 17.38 -7.52 -2.79
N TYR A 14 16.98 -7.27 -1.54
CA TYR A 14 17.86 -6.71 -0.49
C TYR A 14 18.28 -7.73 0.57
N CYS A 15 17.43 -8.73 0.88
CA CYS A 15 17.70 -9.80 1.86
C CYS A 15 17.35 -11.23 1.37
N ASN A 16 17.03 -11.39 0.08
CA ASN A 16 16.77 -12.66 -0.62
C ASN A 16 15.58 -13.49 -0.07
N LYS A 17 14.72 -12.90 0.77
CA LYS A 17 13.48 -13.52 1.27
C LYS A 17 12.45 -13.73 0.17
N VAL A 18 11.63 -14.76 0.34
CA VAL A 18 10.62 -15.22 -0.63
C VAL A 18 9.20 -15.12 -0.05
N PHE A 19 8.26 -14.63 -0.84
CA PHE A 19 6.88 -14.31 -0.46
C PHE A 19 5.87 -14.84 -1.51
N LYS A 20 4.70 -15.29 -1.04
CA LYS A 20 3.65 -15.89 -1.89
C LYS A 20 2.90 -14.86 -2.77
N PHE A 21 2.80 -13.62 -2.30
CA PHE A 21 2.03 -12.54 -2.92
C PHE A 21 2.80 -11.22 -3.00
N LYS A 22 2.45 -10.37 -3.97
CA LYS A 22 3.08 -9.06 -4.19
C LYS A 22 2.85 -8.11 -3.02
N HIS A 23 1.65 -8.13 -2.42
CA HIS A 23 1.34 -7.29 -1.25
C HIS A 23 2.19 -7.65 -0.02
N SER A 24 2.57 -8.92 0.15
CA SER A 24 3.48 -9.36 1.23
C SER A 24 4.90 -8.84 1.02
N LEU A 25 5.41 -8.87 -0.22
CA LEU A 25 6.70 -8.25 -0.57
C LEU A 25 6.65 -6.72 -0.43
N GLN A 26 5.58 -6.07 -0.89
CA GLN A 26 5.39 -4.61 -0.78
C GLN A 26 5.37 -4.13 0.69
N ALA A 27 4.75 -4.89 1.60
CA ALA A 27 4.77 -4.61 3.03
C ALA A 27 6.12 -4.92 3.69
N HIS A 28 6.84 -5.93 3.20
CA HIS A 28 8.21 -6.24 3.65
C HIS A 28 9.22 -5.15 3.23
N LEU A 29 9.10 -4.62 2.00
CA LEU A 29 10.01 -3.61 1.44
C LEU A 29 10.05 -2.30 2.24
N ARG A 30 9.08 -2.05 3.14
CA ARG A 30 9.04 -0.87 4.02
C ARG A 30 10.22 -0.74 4.99
N ILE A 31 11.00 -1.82 5.20
CA ILE A 31 12.24 -1.81 6.00
C ILE A 31 13.48 -1.43 5.19
N HIS A 32 13.46 -1.69 3.88
CA HIS A 32 14.57 -1.41 2.95
C HIS A 32 14.42 -0.04 2.26
N THR A 33 13.17 0.35 1.96
CA THR A 33 12.78 1.65 1.36
C THR A 33 12.56 2.73 2.44
N ASN A 34 13.36 2.70 3.51
CA ASN A 34 13.20 3.47 4.76
C ASN A 34 13.60 4.96 4.66
N GLU A 35 13.23 5.62 3.56
CA GLU A 35 13.53 7.02 3.25
C GLU A 35 12.36 7.97 3.60
N LYS A 36 11.14 7.43 3.74
CA LYS A 36 9.90 8.16 4.06
C LYS A 36 9.47 7.84 5.50
N PRO A 37 9.50 8.81 6.44
CA PRO A 37 9.21 8.57 7.86
C PRO A 37 7.72 8.37 8.17
N TYR A 38 6.82 9.07 7.47
CA TYR A 38 5.39 9.08 7.76
C TYR A 38 4.67 7.90 7.09
N LYS A 39 4.74 6.73 7.74
CA LYS A 39 4.20 5.45 7.27
C LYS A 39 2.74 5.26 7.70
N CYS A 40 1.93 4.73 6.78
CA CYS A 40 0.54 4.36 7.01
C CYS A 40 0.43 3.12 7.93
N PRO A 41 -0.47 3.12 8.94
CA PRO A 41 -0.76 1.96 9.76
C PRO A 41 -1.69 0.94 9.08
N GLN A 42 -2.29 1.29 7.92
CA GLN A 42 -3.35 0.49 7.27
C GLN A 42 -2.96 -0.07 5.88
N CYS A 43 -1.96 0.49 5.18
CA CYS A 43 -1.41 -0.08 3.95
C CYS A 43 0.11 0.16 3.83
N SER A 44 0.71 -0.15 2.68
CA SER A 44 2.15 -0.02 2.42
C SER A 44 2.64 1.44 2.27
N TYR A 45 1.73 2.41 2.16
CA TYR A 45 2.01 3.84 1.95
C TYR A 45 3.03 4.44 2.92
N ALA A 46 3.88 5.32 2.41
CA ALA A 46 4.77 6.17 3.19
C ALA A 46 4.99 7.55 2.52
N SER A 47 5.16 8.61 3.32
CA SER A 47 5.44 9.97 2.84
C SER A 47 6.52 10.70 3.67
N ALA A 48 6.98 11.84 3.15
CA ALA A 48 7.92 12.74 3.81
C ALA A 48 7.25 13.97 4.48
N ILE A 49 5.91 14.06 4.42
CA ILE A 49 5.11 15.16 4.97
C ILE A 49 3.91 14.59 5.75
N LYS A 50 3.78 14.99 7.02
CA LYS A 50 2.71 14.51 7.93
C LYS A 50 1.31 14.92 7.48
N ALA A 51 1.19 16.13 6.92
CA ALA A 51 -0.07 16.63 6.34
C ALA A 51 -0.54 15.82 5.12
N ASN A 52 0.37 15.17 4.39
CA ASN A 52 0.02 14.28 3.27
C ASN A 52 -0.49 12.92 3.80
N LEU A 53 0.14 12.36 4.85
CA LEU A 53 -0.37 11.17 5.55
C LEU A 53 -1.77 11.43 6.17
N ASN A 54 -1.99 12.62 6.73
CA ASN A 54 -3.28 13.05 7.29
C ASN A 54 -4.43 13.03 6.25
N VAL A 55 -4.13 13.36 4.98
CA VAL A 55 -5.09 13.25 3.86
C VAL A 55 -5.17 11.83 3.29
N HIS A 56 -4.07 11.07 3.31
CA HIS A 56 -4.06 9.65 2.93
C HIS A 56 -4.94 8.79 3.86
N LEU A 57 -4.91 9.02 5.17
CA LEU A 57 -5.76 8.32 6.15
C LEU A 57 -7.25 8.55 5.90
N ARG A 58 -7.62 9.72 5.38
CA ARG A 58 -9.00 10.05 4.94
C ARG A 58 -9.48 9.24 3.71
N LYS A 59 -8.59 8.50 3.03
CA LYS A 59 -8.93 7.53 1.98
C LYS A 59 -9.28 6.14 2.52
N HIS A 60 -8.91 5.84 3.78
CA HIS A 60 -9.19 4.56 4.46
C HIS A 60 -10.61 4.52 5.07
N THR A 61 -11.63 4.80 4.26
CA THR A 61 -13.06 4.69 4.61
C THR A 61 -13.61 3.28 4.36
N GLY A 62 -14.55 2.83 5.19
CA GLY A 62 -15.20 1.51 5.06
C GLY A 62 -14.29 0.30 5.36
N GLU A 63 -13.16 0.53 6.05
CA GLU A 63 -12.21 -0.51 6.45
C GLU A 63 -12.75 -1.36 7.61
N LYS A 64 -12.06 -2.48 7.87
CA LYS A 64 -12.34 -3.39 9.00
C LYS A 64 -11.75 -2.89 10.33
N PHE A 65 -12.48 -3.21 11.40
CA PHE A 65 -12.11 -3.05 12.80
C PHE A 65 -12.22 -4.43 13.49
N ALA A 66 -11.37 -4.69 14.51
CA ALA A 66 -11.23 -6.00 15.15
C ALA A 66 -11.49 -5.97 16.67
N CYS A 67 -12.13 -7.03 17.17
CA CYS A 67 -12.44 -7.22 18.59
C CYS A 67 -11.17 -7.38 19.46
N ASP A 68 -11.22 -6.85 20.68
CA ASP A 68 -10.15 -6.95 21.68
C ASP A 68 -10.26 -8.24 22.52
N TYR A 69 -11.38 -8.97 22.41
CA TYR A 69 -11.74 -10.09 23.28
C TYR A 69 -11.97 -11.43 22.55
N CYS A 70 -12.16 -11.41 21.22
CA CYS A 70 -12.26 -12.59 20.35
C CYS A 70 -11.72 -12.31 18.93
N SER A 71 -11.90 -13.26 18.01
CA SER A 71 -11.45 -13.19 16.60
C SER A 71 -12.38 -12.38 15.67
N PHE A 72 -13.48 -11.81 16.18
CA PHE A 72 -14.48 -11.07 15.39
C PHE A 72 -13.92 -9.81 14.69
N THR A 73 -14.41 -9.53 13.48
CA THR A 73 -14.15 -8.30 12.73
C THR A 73 -15.42 -7.77 12.05
N CYS A 74 -15.54 -6.44 11.91
CA CYS A 74 -16.65 -5.78 11.21
C CYS A 74 -16.18 -4.50 10.47
N LEU A 75 -16.93 -4.05 9.46
CA LEU A 75 -16.63 -2.87 8.64
C LEU A 75 -17.10 -1.55 9.28
N SER A 76 -17.54 -1.58 10.54
CA SER A 76 -17.94 -0.40 11.34
C SER A 76 -17.49 -0.54 12.79
N LYS A 77 -16.88 0.53 13.33
CA LYS A 77 -16.51 0.62 14.76
C LYS A 77 -17.72 0.72 15.69
N GLY A 78 -18.86 1.24 15.18
CA GLY A 78 -20.14 1.26 15.90
C GLY A 78 -20.74 -0.13 16.03
N HIS A 79 -20.72 -0.92 14.95
CA HIS A 79 -21.14 -2.33 14.97
C HIS A 79 -20.20 -3.18 15.83
N LEU A 80 -18.90 -2.88 15.84
CA LEU A 80 -17.93 -3.53 16.74
C LEU A 80 -18.20 -3.19 18.22
N LYS A 81 -18.55 -1.93 18.54
CA LYS A 81 -18.98 -1.54 19.90
C LYS A 81 -20.21 -2.33 20.34
N VAL A 82 -21.20 -2.48 19.46
CA VAL A 82 -22.41 -3.30 19.72
C VAL A 82 -22.05 -4.78 19.92
N HIS A 83 -21.13 -5.35 19.14
CA HIS A 83 -20.60 -6.71 19.39
C HIS A 83 -19.97 -6.83 20.78
N ILE A 84 -19.12 -5.88 21.19
CA ILE A 84 -18.47 -5.88 22.50
C ILE A 84 -19.52 -5.78 23.62
N GLU A 85 -20.47 -4.85 23.51
CA GLU A 85 -21.55 -4.66 24.47
C GLU A 85 -22.48 -5.89 24.62
N ARG A 86 -22.74 -6.62 23.54
CA ARG A 86 -23.64 -7.79 23.54
C ARG A 86 -22.96 -9.10 23.94
N VAL A 87 -21.69 -9.30 23.55
CA VAL A 87 -20.96 -10.58 23.68
C VAL A 87 -20.00 -10.60 24.87
N HIS A 88 -19.32 -9.48 25.17
CA HIS A 88 -18.22 -9.42 26.14
C HIS A 88 -18.51 -8.56 27.39
N LYS A 89 -19.47 -7.63 27.33
CA LYS A 89 -19.98 -6.85 28.47
C LYS A 89 -21.33 -7.39 28.99
N LYS A 90 -21.77 -6.87 30.14
CA LYS A 90 -23.09 -7.13 30.75
C LYS A 90 -24.04 -5.95 30.55
N ILE A 91 -25.33 -6.23 30.35
CA ILE A 91 -26.40 -5.27 30.05
C ILE A 91 -27.59 -5.49 31.00
N LYS A 92 -28.22 -4.39 31.46
CA LYS A 92 -29.40 -4.37 32.34
C LYS A 92 -30.38 -3.26 31.93
N GLY A 1 15.69 -3.52 -45.87
CA GLY A 1 14.86 -2.55 -45.13
C GLY A 1 15.39 -2.33 -43.72
N SER A 2 15.29 -1.08 -43.23
CA SER A 2 15.82 -0.62 -41.92
C SER A 2 17.36 -0.72 -41.76
N SER A 3 17.90 -0.10 -40.71
CA SER A 3 19.32 -0.11 -40.36
C SER A 3 19.54 -0.01 -38.84
N GLY A 4 20.67 -0.53 -38.34
CA GLY A 4 21.04 -0.50 -36.92
C GLY A 4 21.59 0.85 -36.43
N SER A 5 21.72 0.99 -35.11
CA SER A 5 22.30 2.16 -34.43
C SER A 5 22.96 1.78 -33.10
N SER A 6 24.01 2.51 -32.70
CA SER A 6 24.79 2.26 -31.48
C SER A 6 24.06 2.70 -30.20
N GLY A 7 24.29 1.97 -29.10
CA GLY A 7 23.72 2.28 -27.77
C GLY A 7 23.97 1.18 -26.72
N LYS A 8 23.42 1.38 -25.52
CA LYS A 8 23.45 0.45 -24.38
C LYS A 8 22.11 0.45 -23.63
N ILE A 9 21.81 -0.66 -22.95
CA ILE A 9 20.61 -0.88 -22.13
C ILE A 9 20.99 -0.86 -20.64
N PHE A 10 20.11 -0.32 -19.80
CA PHE A 10 20.27 -0.17 -18.35
C PHE A 10 19.03 -0.71 -17.61
N THR A 11 19.19 -1.42 -16.49
CA THR A 11 18.11 -2.15 -15.82
C THR A 11 18.09 -1.93 -14.30
N CYS A 12 16.90 -1.69 -13.74
CA CYS A 12 16.62 -1.59 -12.31
C CYS A 12 16.57 -2.99 -11.66
N GLU A 13 17.37 -3.23 -10.62
CA GLU A 13 17.35 -4.47 -9.85
C GLU A 13 16.24 -4.53 -8.79
N TYR A 14 15.51 -3.42 -8.56
CA TYR A 14 14.47 -3.31 -7.52
C TYR A 14 13.04 -3.53 -8.06
N CYS A 15 12.78 -3.17 -9.32
CA CYS A 15 11.47 -3.34 -9.97
C CYS A 15 11.52 -3.90 -11.42
N ASN A 16 12.69 -4.36 -11.88
CA ASN A 16 12.94 -5.00 -13.19
C ASN A 16 12.56 -4.13 -14.42
N LYS A 17 12.53 -2.80 -14.26
CA LYS A 17 12.34 -1.84 -15.36
C LYS A 17 13.63 -1.66 -16.17
N VAL A 18 13.46 -1.30 -17.44
CA VAL A 18 14.55 -1.14 -18.43
C VAL A 18 14.53 0.29 -19.01
N PHE A 19 15.72 0.88 -19.15
CA PHE A 19 15.97 2.27 -19.53
C PHE A 19 17.05 2.36 -20.63
N LYS A 20 16.96 3.41 -21.47
CA LYS A 20 17.84 3.64 -22.63
C LYS A 20 19.18 4.31 -22.27
N PHE A 21 19.27 4.95 -21.11
CA PHE A 21 20.43 5.74 -20.69
C PHE A 21 20.75 5.59 -19.20
N LYS A 22 22.03 5.82 -18.84
CA LYS A 22 22.54 5.72 -17.46
C LYS A 22 21.87 6.73 -16.52
N HIS A 23 21.71 7.97 -16.97
CA HIS A 23 21.06 9.03 -16.18
C HIS A 23 19.57 8.74 -15.92
N SER A 24 18.88 8.12 -16.87
CA SER A 24 17.47 7.70 -16.72
C SER A 24 17.31 6.64 -15.62
N LEU A 25 18.19 5.63 -15.58
CA LEU A 25 18.22 4.66 -14.47
C LEU A 25 18.64 5.33 -13.15
N GLN A 26 19.68 6.16 -13.13
CA GLN A 26 20.15 6.81 -11.90
C GLN A 26 19.09 7.73 -11.27
N ALA A 27 18.32 8.45 -12.07
CA ALA A 27 17.21 9.27 -11.60
C ALA A 27 16.00 8.43 -11.17
N HIS A 28 15.75 7.28 -11.82
CA HIS A 28 14.74 6.31 -11.40
C HIS A 28 15.08 5.68 -10.04
N LEU A 29 16.33 5.28 -9.81
CA LEU A 29 16.79 4.60 -8.59
C LEU A 29 16.52 5.40 -7.30
N ARG A 30 16.38 6.73 -7.39
CA ARG A 30 16.04 7.61 -6.25
C ARG A 30 14.77 7.19 -5.51
N ILE A 31 13.79 6.57 -6.18
CA ILE A 31 12.55 6.09 -5.55
C ILE A 31 12.77 4.87 -4.65
N HIS A 32 13.80 4.07 -4.93
CA HIS A 32 14.14 2.85 -4.19
C HIS A 32 15.18 3.11 -3.09
N THR A 33 16.15 4.00 -3.31
CA THR A 33 17.26 4.26 -2.38
C THR A 33 16.92 5.20 -1.21
N ASN A 34 15.93 6.09 -1.38
CA ASN A 34 15.53 7.08 -0.38
C ASN A 34 14.42 6.58 0.55
N GLU A 35 14.39 7.13 1.78
CA GLU A 35 13.41 6.81 2.83
C GLU A 35 12.27 7.83 2.93
N LYS A 36 11.14 7.38 3.50
CA LYS A 36 9.88 8.13 3.66
C LYS A 36 9.39 7.94 5.11
N PRO A 37 9.55 8.91 6.02
CA PRO A 37 9.33 8.69 7.46
C PRO A 37 7.88 8.42 7.87
N TYR A 38 6.91 9.05 7.20
CA TYR A 38 5.49 8.98 7.57
C TYR A 38 4.79 7.78 6.94
N LYS A 39 4.93 6.61 7.58
CA LYS A 39 4.27 5.34 7.18
C LYS A 39 2.78 5.35 7.56
N CYS A 40 1.94 4.74 6.71
CA CYS A 40 0.54 4.45 7.01
C CYS A 40 0.41 3.29 8.02
N PRO A 41 -0.48 3.40 9.03
CA PRO A 41 -0.80 2.30 9.94
C PRO A 41 -1.69 1.21 9.30
N GLN A 42 -2.23 1.44 8.09
CA GLN A 42 -3.22 0.55 7.45
C GLN A 42 -2.75 -0.08 6.12
N CYS A 43 -1.80 0.51 5.39
CA CYS A 43 -1.27 -0.04 4.13
C CYS A 43 0.23 0.25 3.91
N SER A 44 0.75 -0.15 2.74
CA SER A 44 2.16 0.00 2.33
C SER A 44 2.59 1.45 2.03
N TYR A 45 1.68 2.42 2.11
CA TYR A 45 1.95 3.84 1.91
C TYR A 45 2.99 4.41 2.88
N ALA A 46 3.87 5.27 2.37
CA ALA A 46 4.78 6.11 3.15
C ALA A 46 5.05 7.45 2.44
N SER A 47 5.23 8.54 3.20
CA SER A 47 5.52 9.88 2.66
C SER A 47 6.52 10.69 3.53
N ALA A 48 6.87 11.89 3.08
CA ALA A 48 7.81 12.81 3.73
C ALA A 48 7.11 13.97 4.49
N ILE A 49 5.77 14.03 4.49
CA ILE A 49 4.97 15.08 5.14
C ILE A 49 3.82 14.48 5.96
N LYS A 50 3.68 14.89 7.22
CA LYS A 50 2.62 14.42 8.14
C LYS A 50 1.21 14.80 7.68
N ALA A 51 1.05 16.00 7.10
CA ALA A 51 -0.20 16.46 6.49
C ALA A 51 -0.61 15.62 5.27
N ASN A 52 0.36 15.12 4.48
CA ASN A 52 0.07 14.24 3.35
C ASN A 52 -0.42 12.85 3.84
N LEU A 53 0.18 12.31 4.91
CA LEU A 53 -0.33 11.11 5.59
C LEU A 53 -1.73 11.34 6.18
N ASN A 54 -2.02 12.52 6.74
CA ASN A 54 -3.36 12.85 7.24
C ASN A 54 -4.43 12.84 6.11
N VAL A 55 -4.10 13.39 4.93
CA VAL A 55 -4.97 13.32 3.74
C VAL A 55 -5.08 11.89 3.19
N HIS A 56 -4.02 11.09 3.27
CA HIS A 56 -4.05 9.67 2.90
C HIS A 56 -4.97 8.84 3.83
N LEU A 57 -4.93 9.07 5.14
CA LEU A 57 -5.80 8.37 6.11
C LEU A 57 -7.29 8.62 5.85
N ARG A 58 -7.66 9.81 5.36
CA ARG A 58 -9.02 10.14 4.90
C ARG A 58 -9.52 9.27 3.72
N LYS A 59 -8.61 8.58 3.00
CA LYS A 59 -8.94 7.62 1.92
C LYS A 59 -9.28 6.21 2.43
N HIS A 60 -8.92 5.88 3.67
CA HIS A 60 -9.27 4.60 4.32
C HIS A 60 -10.71 4.63 4.89
N THR A 61 -11.69 4.68 3.99
CA THR A 61 -13.13 4.81 4.32
C THR A 61 -13.84 3.48 4.61
N GLY A 62 -13.23 2.35 4.23
CA GLY A 62 -13.84 1.01 4.31
C GLY A 62 -14.85 0.72 3.17
N GLU A 63 -14.94 1.57 2.15
CA GLU A 63 -15.74 1.37 0.96
C GLU A 63 -15.23 0.19 0.12
N LYS A 64 -16.16 -0.53 -0.50
CA LYS A 64 -15.88 -1.70 -1.34
C LYS A 64 -15.14 -1.35 -2.64
N PHE A 65 -14.29 -2.30 -3.07
CA PHE A 65 -13.62 -2.36 -4.36
C PHE A 65 -14.15 -3.58 -5.14
N ALA A 66 -14.18 -3.50 -6.48
CA ALA A 66 -14.79 -4.52 -7.35
C ALA A 66 -13.80 -5.08 -8.39
N CYS A 67 -13.93 -6.38 -8.67
CA CYS A 67 -13.14 -7.11 -9.67
C CYS A 67 -13.42 -6.60 -11.10
N ASP A 68 -12.38 -6.58 -11.92
CA ASP A 68 -12.44 -6.19 -13.34
C ASP A 68 -12.80 -7.37 -14.26
N TYR A 69 -12.82 -8.60 -13.72
CA TYR A 69 -12.93 -9.85 -14.47
C TYR A 69 -14.13 -10.74 -14.06
N CYS A 70 -14.70 -10.53 -12.87
CA CYS A 70 -15.93 -11.19 -12.38
C CYS A 70 -16.77 -10.27 -11.48
N SER A 71 -17.81 -10.84 -10.84
CA SER A 71 -18.75 -10.13 -9.96
C SER A 71 -18.24 -9.91 -8.52
N PHE A 72 -17.02 -10.36 -8.19
CA PHE A 72 -16.45 -10.29 -6.83
C PHE A 72 -16.24 -8.85 -6.32
N THR A 73 -16.43 -8.65 -5.01
CA THR A 73 -16.11 -7.40 -4.29
C THR A 73 -15.44 -7.68 -2.94
N CYS A 74 -14.62 -6.73 -2.47
CA CYS A 74 -13.98 -6.78 -1.14
C CYS A 74 -13.83 -5.38 -0.53
N LEU A 75 -13.77 -5.27 0.80
CA LEU A 75 -13.52 -4.01 1.52
C LEU A 75 -12.01 -3.62 1.52
N SER A 76 -11.13 -4.47 0.97
CA SER A 76 -9.69 -4.24 0.83
C SER A 76 -9.24 -4.36 -0.63
N LYS A 77 -8.54 -3.32 -1.12
CA LYS A 77 -7.89 -3.31 -2.44
C LYS A 77 -6.71 -4.30 -2.50
N GLY A 78 -6.03 -4.53 -1.37
CA GLY A 78 -4.96 -5.53 -1.25
C GLY A 78 -5.48 -6.97 -1.38
N HIS A 79 -6.60 -7.29 -0.73
CA HIS A 79 -7.25 -8.59 -0.87
C HIS A 79 -7.85 -8.78 -2.28
N LEU A 80 -8.38 -7.71 -2.88
CA LEU A 80 -8.83 -7.72 -4.27
C LEU A 80 -7.68 -7.96 -5.26
N LYS A 81 -6.49 -7.39 -5.02
CA LYS A 81 -5.29 -7.72 -5.80
C LYS A 81 -4.95 -9.20 -5.68
N VAL A 82 -4.95 -9.78 -4.47
CA VAL A 82 -4.74 -11.24 -4.29
C VAL A 82 -5.77 -12.06 -5.06
N HIS A 83 -7.06 -11.68 -5.04
CA HIS A 83 -8.09 -12.32 -5.86
C HIS A 83 -7.75 -12.29 -7.36
N ILE A 84 -7.33 -11.14 -7.90
CA ILE A 84 -6.96 -11.00 -9.33
C ILE A 84 -5.69 -11.83 -9.65
N GLU A 85 -4.64 -11.71 -8.84
CA GLU A 85 -3.35 -12.42 -8.99
C GLU A 85 -3.51 -13.95 -8.97
N ARG A 86 -4.45 -14.49 -8.17
CA ARG A 86 -4.68 -15.94 -8.01
C ARG A 86 -5.74 -16.51 -8.96
N VAL A 87 -6.81 -15.77 -9.27
CA VAL A 87 -7.98 -16.28 -10.02
C VAL A 87 -7.95 -15.90 -11.50
N HIS A 88 -7.48 -14.70 -11.86
CA HIS A 88 -7.61 -14.15 -13.22
C HIS A 88 -6.29 -13.91 -13.97
N LYS A 89 -5.18 -13.69 -13.26
CA LYS A 89 -3.86 -13.34 -13.83
C LYS A 89 -3.08 -14.55 -14.39
N LYS A 90 -3.77 -15.45 -15.09
CA LYS A 90 -3.18 -16.65 -15.73
C LYS A 90 -2.37 -16.27 -16.98
N ILE A 91 -1.20 -16.90 -17.14
CA ILE A 91 -0.29 -16.70 -18.28
C ILE A 91 -0.38 -17.90 -19.24
N LYS A 92 -0.40 -17.63 -20.55
CA LYS A 92 -0.50 -18.63 -21.64
C LYS A 92 0.51 -18.33 -22.76
N GLY A 1 31.23 28.05 -32.05
CA GLY A 1 31.55 26.75 -32.69
C GLY A 1 30.31 26.00 -33.13
N SER A 2 30.51 24.88 -33.83
CA SER A 2 29.42 24.02 -34.35
C SER A 2 28.63 23.31 -33.23
N SER A 3 27.33 23.07 -33.46
CA SER A 3 26.45 22.35 -32.53
C SER A 3 26.68 20.83 -32.56
N GLY A 4 26.41 20.16 -31.44
CA GLY A 4 26.55 18.71 -31.27
C GLY A 4 26.19 18.22 -29.86
N SER A 5 25.93 16.92 -29.73
CA SER A 5 25.56 16.24 -28.46
C SER A 5 25.95 14.76 -28.46
N SER A 6 25.95 14.15 -27.26
CA SER A 6 26.27 12.73 -27.02
C SER A 6 25.22 12.06 -26.13
N GLY A 7 24.89 10.79 -26.40
CA GLY A 7 23.94 10.00 -25.61
C GLY A 7 24.52 9.50 -24.27
N LYS A 8 23.64 9.28 -23.28
CA LYS A 8 23.96 8.71 -21.95
C LYS A 8 22.78 7.87 -21.43
N ILE A 9 23.10 6.86 -20.61
CA ILE A 9 22.16 5.87 -20.06
C ILE A 9 22.38 5.75 -18.54
N PHE A 10 21.29 5.58 -17.79
CA PHE A 10 21.26 5.54 -16.32
C PHE A 10 20.63 4.23 -15.83
N THR A 11 21.21 3.58 -14.81
CA THR A 11 20.82 2.23 -14.38
C THR A 11 20.64 2.14 -12.85
N CYS A 12 19.55 1.48 -12.41
CA CYS A 12 19.25 1.23 -11.00
C CYS A 12 20.15 0.12 -10.42
N GLU A 13 20.75 0.38 -9.25
CA GLU A 13 21.62 -0.57 -8.54
C GLU A 13 20.84 -1.62 -7.72
N TYR A 14 19.52 -1.45 -7.55
CA TYR A 14 18.67 -2.30 -6.70
C TYR A 14 17.83 -3.33 -7.48
N CYS A 15 17.43 -3.01 -8.73
CA CYS A 15 16.60 -3.86 -9.58
C CYS A 15 17.07 -3.98 -11.05
N ASN A 16 18.22 -3.38 -11.40
CA ASN A 16 18.85 -3.40 -12.73
C ASN A 16 17.98 -2.83 -13.89
N LYS A 17 16.97 -2.01 -13.59
CA LYS A 17 16.21 -1.24 -14.60
C LYS A 17 17.07 -0.14 -15.23
N VAL A 18 16.75 0.19 -16.47
CA VAL A 18 17.49 1.14 -17.31
C VAL A 18 16.60 2.32 -17.74
N PHE A 19 17.17 3.53 -17.70
CA PHE A 19 16.48 4.82 -17.90
C PHE A 19 17.30 5.75 -18.82
N LYS A 20 16.61 6.61 -19.58
CA LYS A 20 17.23 7.52 -20.57
C LYS A 20 17.79 8.81 -19.97
N PHE A 21 17.35 9.18 -18.77
CA PHE A 21 17.70 10.45 -18.09
C PHE A 21 17.98 10.27 -16.60
N LYS A 22 18.82 11.15 -16.04
CA LYS A 22 19.17 11.18 -14.61
C LYS A 22 17.95 11.38 -13.72
N HIS A 23 17.05 12.28 -14.09
CA HIS A 23 15.82 12.56 -13.36
C HIS A 23 14.85 11.37 -13.33
N SER A 24 14.81 10.56 -14.40
CA SER A 24 14.00 9.33 -14.46
C SER A 24 14.52 8.26 -13.49
N LEU A 25 15.84 8.07 -13.40
CA LEU A 25 16.44 7.19 -12.40
C LEU A 25 16.23 7.74 -10.97
N GLN A 26 16.46 9.04 -10.73
CA GLN A 26 16.27 9.66 -9.42
C GLN A 26 14.83 9.54 -8.91
N ALA A 27 13.83 9.68 -9.79
CA ALA A 27 12.42 9.48 -9.45
C ALA A 27 12.06 8.00 -9.25
N HIS A 28 12.70 7.07 -9.98
CA HIS A 28 12.55 5.63 -9.77
C HIS A 28 13.14 5.18 -8.40
N LEU A 29 14.32 5.68 -8.03
CA LEU A 29 15.02 5.30 -6.79
C LEU A 29 14.19 5.55 -5.52
N ARG A 30 13.18 6.43 -5.57
CA ARG A 30 12.25 6.74 -4.47
C ARG A 30 11.53 5.51 -3.89
N ILE A 31 11.36 4.43 -4.67
CA ILE A 31 10.74 3.19 -4.19
C ILE A 31 11.70 2.34 -3.33
N HIS A 32 13.00 2.42 -3.61
CA HIS A 32 14.06 1.68 -2.92
C HIS A 32 14.55 2.43 -1.66
N THR A 33 14.56 3.77 -1.70
CA THR A 33 14.86 4.64 -0.53
C THR A 33 13.63 4.78 0.38
N ASN A 34 13.22 3.68 1.01
CA ASN A 34 12.00 3.57 1.83
C ASN A 34 12.14 4.18 3.25
N GLU A 35 13.00 5.19 3.39
CA GLU A 35 13.37 5.83 4.67
C GLU A 35 12.35 6.88 5.13
N LYS A 36 11.27 7.06 4.36
CA LYS A 36 10.14 7.99 4.59
C LYS A 36 9.48 7.70 5.96
N PRO A 37 9.44 8.66 6.90
CA PRO A 37 9.05 8.40 8.29
C PRO A 37 7.56 8.14 8.50
N TYR A 38 6.70 8.83 7.76
CA TYR A 38 5.24 8.84 7.98
C TYR A 38 4.57 7.72 7.20
N LYS A 39 4.75 6.49 7.70
CA LYS A 39 4.18 5.25 7.17
C LYS A 39 2.72 5.09 7.57
N CYS A 40 1.91 4.55 6.66
CA CYS A 40 0.50 4.26 6.90
C CYS A 40 0.32 3.07 7.87
N PRO A 41 -0.60 3.15 8.85
CA PRO A 41 -0.93 2.03 9.73
C PRO A 41 -1.80 0.96 9.04
N GLN A 42 -2.32 1.23 7.83
CA GLN A 42 -3.25 0.34 7.12
C GLN A 42 -2.68 -0.27 5.82
N CYS A 43 -1.73 0.38 5.13
CA CYS A 43 -1.16 -0.12 3.87
C CYS A 43 0.34 0.20 3.72
N SER A 44 0.92 -0.11 2.54
CA SER A 44 2.35 0.06 2.22
C SER A 44 2.77 1.52 1.94
N TYR A 45 1.84 2.47 2.01
CA TYR A 45 2.08 3.91 1.83
C TYR A 45 3.08 4.48 2.86
N ALA A 46 3.91 5.42 2.39
CA ALA A 46 4.78 6.26 3.22
C ALA A 46 4.98 7.66 2.62
N SER A 47 5.23 8.67 3.46
CA SER A 47 5.61 10.02 3.03
C SER A 47 6.59 10.72 4.00
N ALA A 48 7.17 11.83 3.54
CA ALA A 48 8.00 12.75 4.31
C ALA A 48 7.23 13.98 4.84
N ILE A 49 5.92 14.08 4.56
CA ILE A 49 5.04 15.19 4.97
C ILE A 49 3.84 14.64 5.78
N LYS A 50 3.63 15.17 6.99
CA LYS A 50 2.57 14.70 7.91
C LYS A 50 1.15 14.97 7.37
N ALA A 51 0.93 16.12 6.75
CA ALA A 51 -0.33 16.49 6.11
C ALA A 51 -0.67 15.58 4.91
N ASN A 52 0.33 15.04 4.22
CA ASN A 52 0.13 14.10 3.11
C ASN A 52 -0.40 12.75 3.64
N LEU A 53 0.18 12.24 4.75
CA LEU A 53 -0.38 11.08 5.47
C LEU A 53 -1.78 11.37 6.03
N ASN A 54 -2.08 12.60 6.49
CA ASN A 54 -3.42 12.97 6.95
C ASN A 54 -4.48 12.84 5.83
N VAL A 55 -4.18 13.37 4.64
CA VAL A 55 -5.05 13.24 3.44
C VAL A 55 -5.13 11.78 2.97
N HIS A 56 -4.08 10.99 3.14
CA HIS A 56 -4.09 9.55 2.84
C HIS A 56 -4.97 8.75 3.82
N LEU A 57 -4.89 9.03 5.13
CA LEU A 57 -5.75 8.41 6.15
C LEU A 57 -7.24 8.77 5.98
N ARG A 58 -7.54 9.96 5.44
CA ARG A 58 -8.90 10.37 5.03
C ARG A 58 -9.51 9.47 3.95
N LYS A 59 -8.71 8.67 3.23
CA LYS A 59 -9.19 7.59 2.33
C LYS A 59 -9.59 6.32 3.08
N HIS A 60 -8.87 6.00 4.16
CA HIS A 60 -9.11 4.81 5.00
C HIS A 60 -10.28 4.99 6.00
N THR A 61 -10.46 6.20 6.54
CA THR A 61 -11.44 6.49 7.61
C THR A 61 -12.91 6.48 7.14
N GLY A 62 -13.16 6.55 5.82
CA GLY A 62 -14.49 6.58 5.22
C GLY A 62 -15.16 7.96 5.27
N GLU A 63 -16.49 7.98 5.31
CA GLU A 63 -17.30 9.20 5.28
C GLU A 63 -17.13 10.06 6.53
N LYS A 64 -16.90 11.36 6.29
CA LYS A 64 -16.91 12.44 7.29
C LYS A 64 -17.86 13.57 6.88
N PHE A 65 -18.43 14.24 7.89
CA PHE A 65 -19.19 15.48 7.76
C PHE A 65 -18.27 16.68 8.05
N ALA A 66 -18.52 17.82 7.42
CA ALA A 66 -17.61 18.99 7.44
C ALA A 66 -18.33 20.31 7.80
N CYS A 67 -17.67 21.13 8.62
CA CYS A 67 -18.15 22.44 9.05
C CYS A 67 -18.20 23.47 7.89
N ASP A 68 -19.20 24.34 7.93
CA ASP A 68 -19.37 25.45 6.99
C ASP A 68 -18.66 26.74 7.46
N TYR A 69 -18.17 26.75 8.70
CA TYR A 69 -17.65 27.94 9.39
C TYR A 69 -16.15 27.83 9.76
N CYS A 70 -15.60 26.62 9.86
CA CYS A 70 -14.18 26.32 10.10
C CYS A 70 -13.72 25.03 9.38
N SER A 71 -12.48 24.59 9.66
CA SER A 71 -11.85 23.41 9.07
C SER A 71 -12.24 22.06 9.72
N PHE A 72 -13.14 22.07 10.71
CA PHE A 72 -13.55 20.88 11.47
C PHE A 72 -14.24 19.81 10.61
N THR A 73 -13.89 18.53 10.85
CA THR A 73 -14.53 17.35 10.26
C THR A 73 -14.72 16.23 11.28
N CYS A 74 -15.85 15.52 11.23
CA CYS A 74 -16.22 14.46 12.19
C CYS A 74 -17.01 13.31 11.53
N LEU A 75 -17.20 12.19 12.25
CA LEU A 75 -17.85 10.97 11.73
C LEU A 75 -19.39 10.97 11.83
N SER A 76 -19.99 11.93 12.55
CA SER A 76 -21.43 11.96 12.86
C SER A 76 -22.03 13.36 12.71
N LYS A 77 -23.08 13.50 11.90
CA LYS A 77 -23.76 14.79 11.62
C LYS A 77 -24.40 15.41 12.86
N GLY A 78 -24.86 14.59 13.82
CA GLY A 78 -25.34 15.05 15.12
C GLY A 78 -24.26 15.74 15.98
N HIS A 79 -23.00 15.28 15.88
CA HIS A 79 -21.87 15.95 16.53
C HIS A 79 -21.45 17.23 15.79
N LEU A 80 -21.61 17.29 14.46
CA LEU A 80 -21.44 18.52 13.68
C LEU A 80 -22.48 19.59 14.03
N LYS A 81 -23.75 19.20 14.17
CA LYS A 81 -24.86 20.10 14.57
C LYS A 81 -24.58 20.78 15.91
N VAL A 82 -24.10 20.04 16.92
CA VAL A 82 -23.73 20.60 18.23
C VAL A 82 -22.36 21.29 18.23
N HIS A 83 -21.43 20.92 17.34
CA HIS A 83 -20.20 21.71 17.10
C HIS A 83 -20.55 23.13 16.62
N ILE A 84 -21.48 23.26 15.68
CA ILE A 84 -21.92 24.57 15.16
C ILE A 84 -22.53 25.42 16.29
N GLU A 85 -23.41 24.84 17.12
CA GLU A 85 -24.01 25.56 18.25
C GLU A 85 -23.01 25.94 19.36
N ARG A 86 -22.01 25.08 19.65
CA ARG A 86 -20.96 25.35 20.65
C ARG A 86 -19.93 26.38 20.22
N VAL A 87 -19.50 26.34 18.95
CA VAL A 87 -18.33 27.10 18.46
C VAL A 87 -18.71 28.35 17.64
N HIS A 88 -19.81 28.31 16.89
CA HIS A 88 -20.13 29.34 15.88
C HIS A 88 -21.44 30.13 16.13
N LYS A 89 -22.33 29.67 17.02
CA LYS A 89 -23.63 30.33 17.32
C LYS A 89 -23.71 30.99 18.72
N LYS A 90 -22.58 31.12 19.41
CA LYS A 90 -22.44 31.85 20.70
C LYS A 90 -21.14 32.65 20.79
N ILE A 91 -21.09 33.61 21.70
CA ILE A 91 -19.92 34.44 22.02
C ILE A 91 -18.99 33.76 23.05
N LYS A 92 -17.75 34.25 23.12
CA LYS A 92 -16.72 33.85 24.10
C LYS A 92 -16.97 34.47 25.48
N GLY A 1 5.86 -27.17 -26.40
CA GLY A 1 4.43 -26.84 -26.55
C GLY A 1 4.09 -25.51 -25.89
N SER A 2 3.06 -24.82 -26.40
CA SER A 2 2.65 -23.46 -26.00
C SER A 2 1.81 -23.41 -24.70
N SER A 3 2.18 -24.21 -23.70
CA SER A 3 1.42 -24.43 -22.45
C SER A 3 1.48 -23.26 -21.46
N GLY A 4 2.42 -22.32 -21.63
CA GLY A 4 2.60 -21.13 -20.79
C GLY A 4 3.76 -20.23 -21.26
N SER A 5 3.87 -19.06 -20.66
CA SER A 5 4.93 -18.07 -20.93
C SER A 5 6.23 -18.35 -20.16
N SER A 6 7.35 -17.83 -20.67
CA SER A 6 8.68 -17.98 -20.06
C SER A 6 8.86 -17.17 -18.78
N GLY A 7 9.65 -17.68 -17.82
CA GLY A 7 10.00 -16.98 -16.58
C GLY A 7 10.98 -15.82 -16.79
N LYS A 8 11.04 -14.90 -15.80
CA LYS A 8 11.93 -13.72 -15.77
C LYS A 8 12.40 -13.42 -14.34
N ILE A 9 13.58 -12.81 -14.23
CA ILE A 9 14.25 -12.46 -12.97
C ILE A 9 14.45 -10.93 -12.92
N PHE A 10 14.28 -10.34 -11.75
CA PHE A 10 14.28 -8.88 -11.51
C PHE A 10 15.30 -8.52 -10.43
N THR A 11 16.11 -7.48 -10.65
CA THR A 11 17.27 -7.16 -9.79
C THR A 11 17.31 -5.68 -9.38
N CYS A 12 17.57 -5.43 -8.10
CA CYS A 12 17.74 -4.09 -7.53
C CYS A 12 19.07 -3.46 -7.97
N GLU A 13 19.02 -2.23 -8.48
CA GLU A 13 20.21 -1.47 -8.89
C GLU A 13 20.92 -0.76 -7.73
N TYR A 14 20.33 -0.75 -6.53
CA TYR A 14 20.84 -0.03 -5.34
C TYR A 14 21.50 -0.94 -4.30
N CYS A 15 21.05 -2.21 -4.16
CA CYS A 15 21.59 -3.19 -3.21
C CYS A 15 21.86 -4.60 -3.79
N ASN A 16 21.73 -4.76 -5.11
CA ASN A 16 22.02 -5.99 -5.88
C ASN A 16 21.21 -7.25 -5.45
N LYS A 17 20.08 -7.06 -4.75
CA LYS A 17 19.12 -8.13 -4.43
C LYS A 17 18.37 -8.61 -5.67
N VAL A 18 17.98 -9.87 -5.66
CA VAL A 18 17.31 -10.57 -6.77
C VAL A 18 15.91 -11.07 -6.34
N PHE A 19 14.92 -10.87 -7.21
CA PHE A 19 13.50 -11.12 -6.98
C PHE A 19 12.89 -11.91 -8.17
N LYS A 20 11.92 -12.78 -7.89
CA LYS A 20 11.28 -13.66 -8.90
C LYS A 20 10.15 -12.98 -9.70
N PHE A 21 9.69 -11.81 -9.25
CA PHE A 21 8.54 -11.10 -9.83
C PHE A 21 8.75 -9.57 -9.86
N LYS A 22 8.12 -8.91 -10.84
CA LYS A 22 8.23 -7.44 -11.05
C LYS A 22 7.67 -6.64 -9.87
N HIS A 23 6.51 -7.06 -9.35
CA HIS A 23 5.87 -6.41 -8.20
C HIS A 23 6.71 -6.52 -6.92
N SER A 24 7.42 -7.63 -6.72
CA SER A 24 8.33 -7.82 -5.58
C SER A 24 9.50 -6.84 -5.60
N LEU A 25 10.11 -6.60 -6.78
CA LEU A 25 11.13 -5.56 -6.95
C LEU A 25 10.54 -4.16 -6.79
N GLN A 26 9.39 -3.85 -7.41
CA GLN A 26 8.74 -2.54 -7.29
C GLN A 26 8.38 -2.17 -5.84
N ALA A 27 7.91 -3.14 -5.05
CA ALA A 27 7.61 -2.95 -3.63
C ALA A 27 8.87 -2.85 -2.75
N HIS A 28 9.98 -3.48 -3.16
CA HIS A 28 11.30 -3.32 -2.54
C HIS A 28 11.90 -1.92 -2.82
N LEU A 29 11.81 -1.43 -4.06
CA LEU A 29 12.38 -0.14 -4.48
C LEU A 29 11.84 1.07 -3.68
N ARG A 30 10.69 0.94 -3.01
CA ARG A 30 10.14 1.92 -2.06
C ARG A 30 11.14 2.40 -0.99
N ILE A 31 12.12 1.58 -0.60
CA ILE A 31 13.14 1.96 0.41
C ILE A 31 14.26 2.85 -0.16
N HIS A 32 14.52 2.76 -1.46
CA HIS A 32 15.64 3.44 -2.14
C HIS A 32 15.25 4.78 -2.78
N THR A 33 13.96 5.01 -3.08
CA THR A 33 13.44 6.25 -3.69
C THR A 33 13.27 7.38 -2.68
N ASN A 34 14.35 7.71 -1.95
CA ASN A 34 14.43 8.59 -0.77
C ASN A 34 13.61 8.08 0.45
N GLU A 35 13.96 8.57 1.64
CA GLU A 35 13.35 8.17 2.92
C GLU A 35 11.92 8.71 3.10
N LYS A 36 11.07 7.90 3.77
CA LYS A 36 9.62 8.15 3.92
C LYS A 36 9.18 7.91 5.38
N PRO A 37 9.43 8.87 6.30
CA PRO A 37 9.20 8.70 7.73
C PRO A 37 7.73 8.52 8.13
N TYR A 38 6.82 9.19 7.43
CA TYR A 38 5.39 9.20 7.74
C TYR A 38 4.67 8.02 7.08
N LYS A 39 4.67 6.87 7.76
CA LYS A 39 4.12 5.58 7.27
C LYS A 39 2.66 5.39 7.66
N CYS A 40 1.88 4.78 6.77
CA CYS A 40 0.50 4.35 7.03
C CYS A 40 0.49 3.11 7.95
N PRO A 41 -0.36 3.08 9.00
CA PRO A 41 -0.58 1.88 9.80
C PRO A 41 -1.53 0.88 9.13
N GLN A 42 -2.17 1.24 8.00
CA GLN A 42 -3.23 0.44 7.37
C GLN A 42 -2.88 -0.12 5.98
N CYS A 43 -1.90 0.44 5.26
CA CYS A 43 -1.37 -0.13 4.01
C CYS A 43 0.14 0.10 3.86
N SER A 44 0.70 -0.23 2.68
CA SER A 44 2.13 -0.08 2.34
C SER A 44 2.57 1.37 2.08
N TYR A 45 1.65 2.34 2.13
CA TYR A 45 1.90 3.77 1.91
C TYR A 45 2.88 4.38 2.91
N ALA A 46 3.73 5.28 2.41
CA ALA A 46 4.59 6.15 3.21
C ALA A 46 4.85 7.50 2.49
N SER A 47 5.10 8.57 3.26
CA SER A 47 5.40 9.91 2.76
C SER A 47 6.48 10.64 3.60
N ALA A 48 6.88 11.83 3.12
CA ALA A 48 7.80 12.73 3.81
C ALA A 48 7.11 13.94 4.51
N ILE A 49 5.77 14.00 4.51
CA ILE A 49 4.97 15.11 5.08
C ILE A 49 3.77 14.56 5.87
N LYS A 50 3.66 14.95 7.14
CA LYS A 50 2.61 14.50 8.08
C LYS A 50 1.19 14.87 7.63
N ALA A 51 1.02 16.09 7.08
CA ALA A 51 -0.24 16.54 6.50
C ALA A 51 -0.66 15.71 5.28
N ASN A 52 0.29 15.23 4.47
CA ASN A 52 0.00 14.37 3.33
C ASN A 52 -0.38 12.94 3.78
N LEU A 53 0.21 12.43 4.87
CA LEU A 53 -0.25 11.20 5.51
C LEU A 53 -1.67 11.34 6.08
N ASN A 54 -2.02 12.50 6.65
CA ASN A 54 -3.39 12.77 7.12
C ASN A 54 -4.41 12.75 5.96
N VAL A 55 -4.07 13.35 4.81
CA VAL A 55 -4.88 13.29 3.58
C VAL A 55 -4.97 11.85 3.03
N HIS A 56 -3.91 11.05 3.16
CA HIS A 56 -3.95 9.62 2.82
C HIS A 56 -4.84 8.81 3.77
N LEU A 57 -4.77 9.02 5.09
CA LEU A 57 -5.61 8.34 6.08
C LEU A 57 -7.10 8.62 5.88
N ARG A 58 -7.45 9.83 5.41
CA ARG A 58 -8.81 10.21 5.00
C ARG A 58 -9.37 9.39 3.81
N LYS A 59 -8.53 8.63 3.08
CA LYS A 59 -8.93 7.67 2.04
C LYS A 59 -9.30 6.28 2.59
N HIS A 60 -8.86 5.94 3.80
CA HIS A 60 -9.21 4.68 4.48
C HIS A 60 -10.59 4.77 5.17
N THR A 61 -11.65 4.80 4.34
CA THR A 61 -13.06 4.84 4.77
C THR A 61 -13.89 3.79 4.03
N GLY A 62 -14.97 3.30 4.67
CA GLY A 62 -15.83 2.23 4.16
C GLY A 62 -16.41 1.35 5.26
N GLU A 63 -16.65 0.07 4.96
CA GLU A 63 -17.06 -0.95 5.92
C GLU A 63 -15.86 -1.40 6.77
N LYS A 64 -16.15 -1.81 8.00
CA LYS A 64 -15.16 -2.27 9.00
C LYS A 64 -14.70 -3.71 8.74
N PHE A 65 -13.43 -3.96 9.09
CA PHE A 65 -12.80 -5.28 9.15
C PHE A 65 -12.59 -5.64 10.63
N ALA A 66 -12.93 -6.86 11.04
CA ALA A 66 -13.00 -7.26 12.45
C ALA A 66 -12.16 -8.51 12.79
N CYS A 67 -11.60 -8.53 14.00
CA CYS A 67 -10.81 -9.63 14.55
C CYS A 67 -11.68 -10.86 14.88
N ASP A 68 -11.10 -12.05 14.68
CA ASP A 68 -11.69 -13.34 15.03
C ASP A 68 -11.36 -13.79 16.47
N TYR A 69 -10.46 -13.06 17.15
CA TYR A 69 -9.88 -13.46 18.44
C TYR A 69 -10.08 -12.44 19.58
N CYS A 70 -10.44 -11.19 19.26
CA CYS A 70 -10.82 -10.15 20.23
C CYS A 70 -11.86 -9.15 19.64
N SER A 71 -12.13 -8.06 20.36
CA SER A 71 -13.11 -7.01 19.99
C SER A 71 -12.59 -5.97 18.98
N PHE A 72 -11.35 -6.10 18.49
CA PHE A 72 -10.71 -5.14 17.58
C PHE A 72 -11.44 -4.99 16.23
N THR A 73 -11.56 -3.75 15.75
CA THR A 73 -12.02 -3.39 14.40
C THR A 73 -11.17 -2.29 13.76
N CYS A 74 -11.07 -2.31 12.43
CA CYS A 74 -10.28 -1.37 11.62
C CYS A 74 -10.93 -1.09 10.26
N LEU A 75 -10.30 -0.23 9.44
CA LEU A 75 -10.79 0.18 8.11
C LEU A 75 -9.88 -0.31 6.95
N SER A 76 -9.11 -1.38 7.17
CA SER A 76 -8.34 -2.09 6.14
C SER A 76 -8.11 -3.55 6.52
N LYS A 77 -8.25 -4.46 5.54
CA LYS A 77 -7.83 -5.87 5.69
C LYS A 77 -6.32 -6.02 5.92
N GLY A 78 -5.51 -5.06 5.48
CA GLY A 78 -4.07 -4.98 5.79
C GLY A 78 -3.83 -4.69 7.28
N HIS A 79 -4.57 -3.74 7.87
CA HIS A 79 -4.51 -3.45 9.30
C HIS A 79 -4.99 -4.65 10.14
N LEU A 80 -6.02 -5.36 9.68
CA LEU A 80 -6.50 -6.59 10.33
C LEU A 80 -5.45 -7.71 10.30
N LYS A 81 -4.77 -7.92 9.16
CA LYS A 81 -3.66 -8.88 9.05
C LYS A 81 -2.52 -8.52 10.00
N VAL A 82 -2.10 -7.26 10.03
CA VAL A 82 -1.06 -6.75 10.95
C VAL A 82 -1.46 -6.96 12.41
N HIS A 83 -2.73 -6.72 12.78
CA HIS A 83 -3.24 -7.00 14.13
C HIS A 83 -3.15 -8.49 14.50
N ILE A 84 -3.64 -9.39 13.65
CA ILE A 84 -3.66 -10.84 13.95
C ILE A 84 -2.23 -11.41 14.01
N GLU A 85 -1.37 -11.05 13.05
CA GLU A 85 0.03 -11.50 12.98
C GLU A 85 0.90 -11.04 14.18
N ARG A 86 0.54 -9.94 14.85
CA ARG A 86 1.26 -9.38 16.00
C ARG A 86 0.67 -9.76 17.36
N VAL A 87 -0.67 -9.81 17.48
CA VAL A 87 -1.37 -9.94 18.77
C VAL A 87 -1.81 -11.38 19.07
N HIS A 88 -2.19 -12.17 18.06
CA HIS A 88 -2.82 -13.48 18.25
C HIS A 88 -2.05 -14.68 17.64
N LYS A 89 -1.30 -14.45 16.55
CA LYS A 89 -0.48 -15.46 15.88
C LYS A 89 0.71 -15.89 16.75
N LYS A 90 0.92 -17.20 16.86
CA LYS A 90 2.03 -17.85 17.59
C LYS A 90 2.51 -19.13 16.90
N ILE A 91 3.68 -19.62 17.29
CA ILE A 91 4.24 -20.92 16.92
C ILE A 91 3.81 -22.01 17.92
N LYS A 92 3.73 -23.26 17.45
CA LYS A 92 3.42 -24.47 18.24
C LYS A 92 4.21 -25.71 17.76
N GLY A 1 33.44 -35.75 2.76
CA GLY A 1 33.87 -35.20 4.07
C GLY A 1 32.82 -34.28 4.66
N SER A 2 33.24 -33.27 5.44
CA SER A 2 32.36 -32.29 6.10
C SER A 2 31.69 -31.31 5.12
N SER A 3 30.52 -30.78 5.51
CA SER A 3 29.72 -29.82 4.74
C SER A 3 29.25 -28.64 5.59
N GLY A 4 29.00 -27.49 4.96
CA GLY A 4 28.53 -26.26 5.63
C GLY A 4 29.61 -25.46 6.39
N SER A 5 30.89 -25.85 6.28
CA SER A 5 32.02 -25.26 7.02
C SER A 5 32.32 -23.80 6.65
N SER A 6 31.85 -23.34 5.48
CA SER A 6 32.11 -21.99 4.93
C SER A 6 31.10 -20.90 5.36
N GLY A 7 30.35 -21.14 6.45
CA GLY A 7 29.35 -20.21 6.99
C GLY A 7 29.92 -18.85 7.44
N LYS A 8 29.07 -17.81 7.45
CA LYS A 8 29.43 -16.41 7.72
C LYS A 8 28.41 -15.73 8.65
N ILE A 9 28.89 -14.71 9.38
CA ILE A 9 28.14 -13.93 10.37
C ILE A 9 28.16 -12.45 9.95
N PHE A 10 27.05 -11.73 10.16
CA PHE A 10 26.84 -10.35 9.70
C PHE A 10 26.55 -9.43 10.89
N THR A 11 27.15 -8.24 10.93
CA THR A 11 27.13 -7.36 12.12
C THR A 11 26.81 -5.90 11.75
N CYS A 12 25.93 -5.27 12.51
CA CYS A 12 25.54 -3.86 12.37
C CYS A 12 26.67 -2.92 12.86
N GLU A 13 27.02 -1.93 12.04
CA GLU A 13 28.03 -0.92 12.38
C GLU A 13 27.47 0.25 13.23
N TYR A 14 26.16 0.32 13.42
CA TYR A 14 25.47 1.42 14.11
C TYR A 14 25.02 1.07 15.54
N CYS A 15 24.67 -0.19 15.80
CA CYS A 15 24.23 -0.68 17.12
C CYS A 15 24.87 -2.00 17.60
N ASN A 16 25.88 -2.51 16.88
CA ASN A 16 26.70 -3.70 17.20
C ASN A 16 25.90 -5.01 17.36
N LYS A 17 24.67 -5.09 16.82
CA LYS A 17 23.87 -6.32 16.74
C LYS A 17 24.43 -7.30 15.72
N VAL A 18 24.20 -8.59 15.97
CA VAL A 18 24.71 -9.73 15.18
C VAL A 18 23.56 -10.53 14.56
N PHE A 19 23.72 -10.91 13.29
CA PHE A 19 22.72 -11.56 12.44
C PHE A 19 23.30 -12.76 11.68
N LYS A 20 22.47 -13.77 11.42
CA LYS A 20 22.88 -15.04 10.77
C LYS A 20 23.07 -14.93 9.25
N PHE A 21 22.44 -13.95 8.60
CA PHE A 21 22.39 -13.82 7.14
C PHE A 21 22.52 -12.36 6.67
N LYS A 22 22.99 -12.18 5.43
CA LYS A 22 23.10 -10.86 4.78
C LYS A 22 21.76 -10.15 4.68
N HIS A 23 20.70 -10.86 4.30
CA HIS A 23 19.35 -10.30 4.18
C HIS A 23 18.76 -9.86 5.52
N SER A 24 19.10 -10.53 6.63
CA SER A 24 18.70 -10.14 7.99
C SER A 24 19.33 -8.81 8.40
N LEU A 25 20.64 -8.63 8.15
CA LEU A 25 21.32 -7.35 8.37
C LEU A 25 20.79 -6.25 7.42
N GLN A 26 20.58 -6.55 6.13
CA GLN A 26 20.05 -5.58 5.16
C GLN A 26 18.67 -5.05 5.56
N ALA A 27 17.77 -5.92 6.06
CA ALA A 27 16.47 -5.51 6.56
C ALA A 27 16.55 -4.74 7.90
N HIS A 28 17.51 -5.08 8.76
CA HIS A 28 17.79 -4.36 10.01
C HIS A 28 18.31 -2.94 9.74
N LEU A 29 19.23 -2.77 8.79
CA LEU A 29 19.87 -1.49 8.46
C LEU A 29 18.87 -0.38 8.07
N ARG A 30 17.64 -0.73 7.65
CA ARG A 30 16.56 0.22 7.33
C ARG A 30 16.17 1.16 8.48
N ILE A 31 16.47 0.82 9.74
CA ILE A 31 16.25 1.71 10.88
C ILE A 31 17.33 2.81 11.03
N HIS A 32 18.52 2.56 10.49
CA HIS A 32 19.68 3.44 10.54
C HIS A 32 19.86 4.28 9.27
N THR A 33 19.53 3.73 8.10
CA THR A 33 19.53 4.45 6.80
C THR A 33 18.27 5.32 6.63
N ASN A 34 18.32 6.28 5.70
CA ASN A 34 17.21 7.21 5.42
C ASN A 34 16.11 6.58 4.54
N GLU A 35 14.86 6.71 4.98
CA GLU A 35 13.64 6.35 4.23
C GLU A 35 12.43 7.16 4.75
N LYS A 36 11.30 7.12 4.03
CA LYS A 36 10.10 7.94 4.30
C LYS A 36 9.51 7.68 5.71
N PRO A 37 9.42 8.69 6.60
CA PRO A 37 9.04 8.49 8.00
C PRO A 37 7.54 8.33 8.25
N TYR A 38 6.69 9.07 7.52
CA TYR A 38 5.25 9.13 7.78
C TYR A 38 4.51 7.98 7.08
N LYS A 39 4.60 6.79 7.69
CA LYS A 39 4.03 5.53 7.22
C LYS A 39 2.56 5.37 7.63
N CYS A 40 1.78 4.73 6.77
CA CYS A 40 0.39 4.33 7.03
C CYS A 40 0.35 3.09 7.96
N PRO A 41 -0.56 3.06 8.97
CA PRO A 41 -0.79 1.89 9.80
C PRO A 41 -1.66 0.81 9.11
N GLN A 42 -2.28 1.12 7.96
CA GLN A 42 -3.25 0.26 7.27
C GLN A 42 -2.77 -0.29 5.92
N CYS A 43 -1.84 0.37 5.21
CA CYS A 43 -1.28 -0.12 3.94
C CYS A 43 0.21 0.23 3.77
N SER A 44 0.77 -0.10 2.60
CA SER A 44 2.20 0.08 2.25
C SER A 44 2.62 1.55 2.02
N TYR A 45 1.70 2.50 2.14
CA TYR A 45 1.92 3.94 1.95
C TYR A 45 2.95 4.53 2.95
N ALA A 46 3.80 5.42 2.44
CA ALA A 46 4.69 6.27 3.23
C ALA A 46 4.91 7.64 2.56
N SER A 47 5.20 8.68 3.35
CA SER A 47 5.55 10.03 2.87
C SER A 47 6.58 10.75 3.76
N ALA A 48 7.11 11.88 3.27
CA ALA A 48 8.01 12.79 3.98
C ALA A 48 7.28 13.98 4.65
N ILE A 49 5.94 14.07 4.51
CA ILE A 49 5.11 15.14 5.08
C ILE A 49 3.93 14.54 5.86
N LYS A 50 3.74 14.97 7.12
CA LYS A 50 2.70 14.48 8.03
C LYS A 50 1.27 14.83 7.57
N ALA A 51 1.10 16.04 7.02
CA ALA A 51 -0.17 16.46 6.42
C ALA A 51 -0.53 15.65 5.16
N ASN A 52 0.45 15.16 4.39
CA ASN A 52 0.19 14.28 3.25
C ASN A 52 -0.31 12.90 3.71
N LEU A 53 0.25 12.35 4.80
CA LEU A 53 -0.30 11.16 5.47
C LEU A 53 -1.72 11.41 5.99
N ASN A 54 -2.05 12.60 6.49
CA ASN A 54 -3.42 12.95 6.91
C ASN A 54 -4.42 12.96 5.74
N VAL A 55 -3.99 13.41 4.56
CA VAL A 55 -4.76 13.38 3.29
C VAL A 55 -4.87 11.95 2.72
N HIS A 56 -3.98 11.05 3.12
CA HIS A 56 -4.06 9.62 2.83
C HIS A 56 -4.95 8.82 3.82
N LEU A 57 -4.84 9.04 5.13
CA LEU A 57 -5.62 8.32 6.14
C LEU A 57 -7.13 8.52 6.00
N ARG A 58 -7.56 9.71 5.56
CA ARG A 58 -8.96 10.03 5.23
C ARG A 58 -9.54 9.26 4.03
N LYS A 59 -8.71 8.52 3.28
CA LYS A 59 -9.12 7.57 2.23
C LYS A 59 -9.48 6.18 2.77
N HIS A 60 -9.02 5.84 3.98
CA HIS A 60 -9.33 4.57 4.68
C HIS A 60 -10.69 4.56 5.42
N THR A 61 -11.61 5.47 5.08
CA THR A 61 -12.99 5.56 5.62
C THR A 61 -13.99 4.58 4.99
N GLY A 62 -13.51 3.67 4.13
CA GLY A 62 -14.30 2.64 3.43
C GLY A 62 -14.70 1.44 4.30
N GLU A 63 -14.63 0.23 3.73
CA GLU A 63 -15.09 -1.02 4.34
C GLU A 63 -14.30 -1.41 5.59
N LYS A 64 -15.02 -2.12 6.47
CA LYS A 64 -14.54 -2.75 7.72
C LYS A 64 -14.50 -4.28 7.63
N PHE A 65 -13.71 -4.90 8.50
CA PHE A 65 -13.55 -6.34 8.66
C PHE A 65 -14.28 -6.82 9.93
N ALA A 66 -14.72 -8.08 9.97
CA ALA A 66 -15.53 -8.64 11.06
C ALA A 66 -15.04 -10.02 11.54
N CYS A 67 -15.11 -10.25 12.85
CA CYS A 67 -14.75 -11.51 13.49
C CYS A 67 -15.69 -12.67 13.08
N ASP A 68 -15.12 -13.86 12.98
CA ASP A 68 -15.85 -15.11 12.67
C ASP A 68 -16.42 -15.80 13.93
N TYR A 69 -16.03 -15.33 15.12
CA TYR A 69 -16.30 -15.99 16.41
C TYR A 69 -17.09 -15.12 17.41
N CYS A 70 -17.11 -13.79 17.22
CA CYS A 70 -17.90 -12.84 18.02
C CYS A 70 -18.40 -11.64 17.17
N SER A 71 -18.98 -10.63 17.83
CA SER A 71 -19.52 -9.40 17.22
C SER A 71 -18.49 -8.31 16.90
N PHE A 72 -17.20 -8.55 17.19
CA PHE A 72 -16.12 -7.58 16.98
C PHE A 72 -15.92 -7.19 15.49
N THR A 73 -15.59 -5.92 15.24
CA THR A 73 -15.17 -5.40 13.93
C THR A 73 -13.93 -4.50 14.02
N CYS A 74 -13.18 -4.39 12.92
CA CYS A 74 -11.90 -3.69 12.85
C CYS A 74 -11.69 -2.99 11.49
N LEU A 75 -10.81 -1.99 11.44
CA LEU A 75 -10.37 -1.31 10.22
C LEU A 75 -9.01 -1.82 9.68
N SER A 76 -8.48 -2.91 10.26
CA SER A 76 -7.32 -3.66 9.78
C SER A 76 -7.54 -5.17 9.94
N LYS A 77 -7.37 -5.92 8.85
CA LYS A 77 -7.41 -7.40 8.87
C LYS A 77 -6.21 -8.04 9.57
N GLY A 78 -5.10 -7.30 9.74
CA GLY A 78 -3.96 -7.71 10.55
C GLY A 78 -4.27 -7.64 12.05
N HIS A 79 -4.86 -6.53 12.51
CA HIS A 79 -5.30 -6.40 13.89
C HIS A 79 -6.48 -7.33 14.22
N LEU A 80 -7.36 -7.63 13.25
CA LEU A 80 -8.40 -8.65 13.39
C LEU A 80 -7.81 -10.06 13.57
N LYS A 81 -6.73 -10.41 12.86
CA LYS A 81 -6.01 -11.67 13.07
C LYS A 81 -5.44 -11.74 14.50
N VAL A 82 -4.86 -10.65 15.01
CA VAL A 82 -4.38 -10.57 16.40
C VAL A 82 -5.53 -10.71 17.41
N HIS A 83 -6.71 -10.11 17.17
CA HIS A 83 -7.91 -10.35 17.97
C HIS A 83 -8.30 -11.84 18.00
N ILE A 84 -8.30 -12.52 16.85
CA ILE A 84 -8.62 -13.96 16.76
C ILE A 84 -7.58 -14.79 17.54
N GLU A 85 -6.29 -14.51 17.39
CA GLU A 85 -5.23 -15.25 18.10
C GLU A 85 -5.26 -15.03 19.63
N ARG A 86 -5.60 -13.83 20.10
CA ARG A 86 -5.63 -13.49 21.55
C ARG A 86 -6.93 -13.87 22.26
N VAL A 87 -8.09 -13.72 21.60
CA VAL A 87 -9.41 -13.86 22.23
C VAL A 87 -10.05 -15.24 21.99
N HIS A 88 -9.85 -15.84 20.80
CA HIS A 88 -10.52 -17.08 20.40
C HIS A 88 -9.57 -18.29 20.30
N LYS A 89 -8.32 -18.07 19.88
CA LYS A 89 -7.22 -19.03 19.93
C LYS A 89 -6.41 -18.90 21.25
N LYS A 90 -5.30 -19.62 21.35
CA LYS A 90 -4.26 -19.50 22.39
C LYS A 90 -2.88 -19.27 21.74
N ILE A 91 -2.00 -18.54 22.44
CA ILE A 91 -0.64 -18.19 21.99
C ILE A 91 0.39 -18.92 22.87
N LYS A 92 1.45 -19.47 22.24
CA LYS A 92 2.54 -20.23 22.87
C LYS A 92 3.92 -19.73 22.41
N GLY A 1 -7.98 -26.86 -19.91
CA GLY A 1 -7.62 -25.92 -20.99
C GLY A 1 -7.30 -26.64 -22.29
N SER A 2 -7.57 -25.99 -23.43
CA SER A 2 -7.35 -26.54 -24.78
C SER A 2 -7.00 -25.44 -25.80
N SER A 3 -6.42 -25.85 -26.94
CA SER A 3 -6.07 -24.97 -28.09
C SER A 3 -5.17 -23.76 -27.74
N GLY A 4 -4.31 -23.91 -26.72
CA GLY A 4 -3.39 -22.86 -26.25
C GLY A 4 -2.54 -23.30 -25.05
N SER A 5 -1.68 -22.39 -24.57
CA SER A 5 -0.76 -22.60 -23.45
C SER A 5 -0.59 -21.34 -22.58
N SER A 6 -0.10 -21.50 -21.34
CA SER A 6 0.05 -20.42 -20.36
C SER A 6 1.13 -19.39 -20.75
N GLY A 7 0.88 -18.11 -20.46
CA GLY A 7 1.85 -17.01 -20.61
C GLY A 7 2.89 -16.95 -19.49
N LYS A 8 3.83 -16.00 -19.60
CA LYS A 8 4.86 -15.71 -18.57
C LYS A 8 4.26 -15.02 -17.34
N ILE A 9 4.82 -15.30 -16.16
CA ILE A 9 4.35 -14.84 -14.85
C ILE A 9 5.51 -14.21 -14.07
N PHE A 10 5.23 -13.16 -13.31
CA PHE A 10 6.21 -12.34 -12.57
C PHE A 10 5.87 -12.28 -11.08
N THR A 11 6.86 -12.40 -10.20
CA THR A 11 6.65 -12.58 -8.74
C THR A 11 7.54 -11.65 -7.91
N CYS A 12 6.97 -11.02 -6.89
CA CYS A 12 7.67 -10.17 -5.92
C CYS A 12 8.59 -10.98 -4.99
N GLU A 13 9.82 -10.50 -4.80
CA GLU A 13 10.80 -11.12 -3.90
C GLU A 13 10.67 -10.67 -2.43
N TYR A 14 9.82 -9.66 -2.15
CA TYR A 14 9.66 -9.06 -0.82
C TYR A 14 8.34 -9.45 -0.12
N CYS A 15 7.26 -9.69 -0.88
CA CYS A 15 5.93 -10.07 -0.36
C CYS A 15 5.26 -11.26 -1.09
N ASN A 16 5.97 -11.91 -2.03
CA ASN A 16 5.54 -13.12 -2.76
C ASN A 16 4.24 -12.99 -3.59
N LYS A 17 3.76 -11.77 -3.83
CA LYS A 17 2.65 -11.47 -4.75
C LYS A 17 3.01 -11.82 -6.19
N VAL A 18 1.99 -12.19 -6.96
CA VAL A 18 2.10 -12.66 -8.36
C VAL A 18 1.38 -11.71 -9.31
N PHE A 19 2.02 -11.40 -10.44
CA PHE A 19 1.58 -10.43 -11.45
C PHE A 19 1.68 -11.02 -12.86
N LYS A 20 0.75 -10.64 -13.75
CA LYS A 20 0.67 -11.15 -15.13
C LYS A 20 1.68 -10.52 -16.09
N PHE A 21 2.23 -9.35 -15.74
CA PHE A 21 3.07 -8.51 -16.61
C PHE A 21 4.29 -7.94 -15.87
N LYS A 22 5.39 -7.72 -16.59
CA LYS A 22 6.64 -7.17 -16.04
C LYS A 22 6.47 -5.76 -15.50
N HIS A 23 5.73 -4.90 -16.23
CA HIS A 23 5.46 -3.51 -15.81
C HIS A 23 4.62 -3.45 -14.52
N SER A 24 3.67 -4.38 -14.33
CA SER A 24 2.88 -4.50 -13.10
C SER A 24 3.75 -4.83 -11.89
N LEU A 25 4.70 -5.76 -12.02
CA LEU A 25 5.68 -6.04 -10.97
C LEU A 25 6.63 -4.84 -10.73
N GLN A 26 7.17 -4.23 -11.79
CA GLN A 26 8.07 -3.08 -11.67
C GLN A 26 7.42 -1.88 -10.95
N ALA A 27 6.13 -1.61 -11.23
CA ALA A 27 5.38 -0.57 -10.53
C ALA A 27 5.02 -0.98 -9.08
N HIS A 28 4.77 -2.26 -8.81
CA HIS A 28 4.57 -2.78 -7.46
C HIS A 28 5.84 -2.66 -6.58
N LEU A 29 7.01 -2.98 -7.13
CA LEU A 29 8.29 -2.97 -6.40
C LEU A 29 8.65 -1.59 -5.78
N ARG A 30 8.06 -0.50 -6.28
CA ARG A 30 8.23 0.86 -5.75
C ARG A 30 7.87 1.02 -4.27
N ILE A 31 6.99 0.16 -3.72
CA ILE A 31 6.63 0.18 -2.29
C ILE A 31 7.76 -0.38 -1.40
N HIS A 32 8.56 -1.31 -1.92
CA HIS A 32 9.63 -1.98 -1.20
C HIS A 32 10.97 -1.22 -1.28
N THR A 33 11.14 -0.39 -2.32
CA THR A 33 12.29 0.52 -2.49
C THR A 33 12.07 1.91 -1.85
N ASN A 34 11.01 2.07 -1.04
CA ASN A 34 10.65 3.33 -0.38
C ASN A 34 11.74 3.86 0.58
N GLU A 35 11.90 5.18 0.60
CA GLU A 35 12.78 5.92 1.55
C GLU A 35 12.03 6.97 2.41
N LYS A 36 10.71 7.12 2.23
CA LYS A 36 9.89 8.12 2.94
C LYS A 36 9.55 7.66 4.37
N PRO A 37 9.65 8.54 5.39
CA PRO A 37 9.60 8.16 6.81
C PRO A 37 8.19 7.87 7.38
N TYR A 38 7.18 8.65 7.00
CA TYR A 38 5.86 8.61 7.64
C TYR A 38 4.97 7.52 7.04
N LYS A 39 5.13 6.30 7.54
CA LYS A 39 4.39 5.10 7.09
C LYS A 39 2.94 5.11 7.58
N CYS A 40 2.04 4.66 6.70
CA CYS A 40 0.62 4.46 6.99
C CYS A 40 0.42 3.31 8.01
N PRO A 41 -0.39 3.50 9.07
CA PRO A 41 -0.81 2.42 9.96
C PRO A 41 -1.70 1.36 9.29
N GLN A 42 -2.26 1.64 8.10
CA GLN A 42 -3.29 0.83 7.45
C GLN A 42 -2.85 0.14 6.14
N CYS A 43 -1.86 0.67 5.40
CA CYS A 43 -1.32 0.03 4.19
C CYS A 43 0.21 0.21 4.04
N SER A 44 0.74 -0.22 2.89
CA SER A 44 2.16 -0.14 2.51
C SER A 44 2.64 1.29 2.16
N TYR A 45 1.74 2.28 2.17
CA TYR A 45 2.02 3.67 1.87
C TYR A 45 2.97 4.33 2.88
N ALA A 46 3.75 5.31 2.39
CA ALA A 46 4.56 6.21 3.22
C ALA A 46 4.69 7.61 2.58
N SER A 47 4.71 8.65 3.41
CA SER A 47 4.88 10.06 2.99
C SER A 47 6.13 10.72 3.57
N ALA A 48 6.59 11.77 2.90
CA ALA A 48 7.62 12.69 3.39
C ALA A 48 7.04 13.86 4.22
N ILE A 49 5.71 13.99 4.30
CA ILE A 49 5.00 15.08 4.99
C ILE A 49 3.87 14.51 5.87
N LYS A 50 3.85 14.88 7.15
CA LYS A 50 2.82 14.41 8.12
C LYS A 50 1.41 14.87 7.75
N ALA A 51 1.28 16.11 7.26
CA ALA A 51 0.01 16.66 6.78
C ALA A 51 -0.50 16.01 5.48
N ASN A 52 0.38 15.42 4.66
CA ASN A 52 -0.02 14.60 3.51
C ASN A 52 -0.52 13.22 3.96
N LEU A 53 0.13 12.58 4.94
CA LEU A 53 -0.37 11.33 5.54
C LEU A 53 -1.73 11.54 6.22
N ASN A 54 -1.95 12.70 6.84
CA ASN A 54 -3.24 13.12 7.40
C ASN A 54 -4.39 13.18 6.37
N VAL A 55 -4.08 13.38 5.09
CA VAL A 55 -5.04 13.30 3.96
C VAL A 55 -5.13 11.89 3.39
N HIS A 56 -4.03 11.14 3.31
CA HIS A 56 -4.02 9.74 2.88
C HIS A 56 -4.91 8.82 3.76
N LEU A 57 -4.92 9.03 5.08
CA LEU A 57 -5.79 8.27 6.00
C LEU A 57 -7.29 8.45 5.68
N ARG A 58 -7.68 9.59 5.11
CA ARG A 58 -9.04 9.90 4.66
C ARG A 58 -9.49 9.08 3.44
N LYS A 59 -8.57 8.35 2.77
CA LYS A 59 -8.86 7.39 1.69
C LYS A 59 -9.27 6.01 2.22
N HIS A 60 -8.90 5.67 3.47
CA HIS A 60 -9.23 4.40 4.13
C HIS A 60 -10.66 4.39 4.73
N THR A 61 -11.67 4.68 3.90
CA THR A 61 -13.09 4.81 4.27
C THR A 61 -14.00 3.70 3.68
N GLY A 62 -13.42 2.71 3.01
CA GLY A 62 -14.14 1.57 2.42
C GLY A 62 -13.22 0.42 1.98
N GLU A 63 -13.80 -0.58 1.33
CA GLU A 63 -13.09 -1.74 0.77
C GLU A 63 -12.77 -1.52 -0.72
N LYS A 64 -11.52 -1.79 -1.10
CA LYS A 64 -11.00 -1.64 -2.47
C LYS A 64 -11.29 -2.83 -3.38
N PHE A 65 -11.44 -2.52 -4.67
CA PHE A 65 -11.51 -3.44 -5.81
C PHE A 65 -10.40 -3.08 -6.81
N ALA A 66 -9.89 -4.05 -7.58
CA ALA A 66 -8.68 -3.89 -8.41
C ALA A 66 -8.91 -4.19 -9.90
N CYS A 67 -8.18 -3.48 -10.76
CA CYS A 67 -8.13 -3.68 -12.21
C CYS A 67 -7.45 -5.02 -12.59
N ASP A 68 -7.87 -5.59 -13.71
CA ASP A 68 -7.30 -6.81 -14.31
C ASP A 68 -6.26 -6.51 -15.41
N TYR A 69 -6.04 -5.23 -15.72
CA TYR A 69 -5.21 -4.78 -16.86
C TYR A 69 -4.09 -3.79 -16.46
N CYS A 70 -4.18 -3.17 -15.27
CA CYS A 70 -3.14 -2.32 -14.68
C CYS A 70 -3.16 -2.38 -13.13
N SER A 71 -2.38 -1.52 -12.48
CA SER A 71 -2.25 -1.41 -11.01
C SER A 71 -3.37 -0.61 -10.32
N PHE A 72 -4.37 -0.12 -11.06
CA PHE A 72 -5.46 0.71 -10.53
C PHE A 72 -6.34 0.00 -9.48
N THR A 73 -6.78 0.76 -8.46
CA THR A 73 -7.77 0.34 -7.46
C THR A 73 -8.79 1.46 -7.17
N CYS A 74 -10.03 1.08 -6.84
CA CYS A 74 -11.10 2.00 -6.45
C CYS A 74 -12.05 1.41 -5.39
N LEU A 75 -12.83 2.25 -4.72
CA LEU A 75 -13.82 1.87 -3.69
C LEU A 75 -15.22 1.51 -4.27
N SER A 76 -15.37 1.50 -5.60
CA SER A 76 -16.64 1.24 -6.30
C SER A 76 -16.46 0.31 -7.50
N LYS A 77 -17.33 -0.71 -7.60
CA LYS A 77 -17.44 -1.60 -8.78
C LYS A 77 -17.90 -0.83 -10.03
N GLY A 78 -18.75 0.18 -9.87
CA GLY A 78 -19.21 1.04 -10.96
C GLY A 78 -18.07 1.90 -11.53
N HIS A 79 -17.27 2.52 -10.66
CA HIS A 79 -16.09 3.29 -11.08
C HIS A 79 -15.01 2.38 -11.70
N LEU A 80 -14.84 1.15 -11.19
CA LEU A 80 -13.92 0.16 -11.76
C LEU A 80 -14.39 -0.32 -13.15
N LYS A 81 -15.70 -0.51 -13.35
CA LYS A 81 -16.27 -0.80 -14.68
C LYS A 81 -16.00 0.34 -15.66
N VAL A 82 -16.23 1.59 -15.27
CA VAL A 82 -15.92 2.78 -16.10
C VAL A 82 -14.42 2.86 -16.40
N HIS A 83 -13.54 2.59 -15.44
CA HIS A 83 -12.10 2.51 -15.67
C HIS A 83 -11.75 1.50 -16.77
N ILE A 84 -12.30 0.28 -16.72
CA ILE A 84 -12.04 -0.75 -17.76
C ILE A 84 -12.63 -0.35 -19.12
N GLU A 85 -13.88 0.13 -19.15
CA GLU A 85 -14.59 0.52 -20.39
C GLU A 85 -13.99 1.76 -21.10
N ARG A 86 -13.23 2.62 -20.40
CA ARG A 86 -12.55 3.79 -20.99
C ARG A 86 -11.04 3.62 -21.17
N VAL A 87 -10.33 3.12 -20.15
CA VAL A 87 -8.85 3.05 -20.16
C VAL A 87 -8.35 1.85 -20.96
N HIS A 88 -9.05 0.71 -20.90
CA HIS A 88 -8.57 -0.56 -21.47
C HIS A 88 -9.39 -1.06 -22.67
N LYS A 89 -10.71 -0.86 -22.69
CA LYS A 89 -11.57 -1.11 -23.87
C LYS A 89 -11.52 0.09 -24.83
N LYS A 90 -10.67 0.02 -25.85
CA LYS A 90 -10.36 1.15 -26.76
C LYS A 90 -11.38 1.30 -27.90
N ILE A 91 -12.67 1.18 -27.57
CA ILE A 91 -13.82 1.23 -28.48
C ILE A 91 -14.39 2.64 -28.63
N LYS A 92 -15.00 2.90 -29.79
CA LYS A 92 -15.62 4.17 -30.20
C LYS A 92 -16.87 3.97 -31.10
N GLY A 1 21.57 -12.10 -35.53
CA GLY A 1 21.32 -10.94 -34.64
C GLY A 1 20.24 -10.02 -35.20
N SER A 2 19.95 -8.93 -34.46
CA SER A 2 18.95 -7.91 -34.84
C SER A 2 19.33 -6.52 -34.31
N SER A 3 18.98 -5.47 -35.06
CA SER A 3 19.11 -4.06 -34.67
C SER A 3 17.93 -3.55 -33.80
N GLY A 4 16.94 -4.40 -33.52
CA GLY A 4 15.71 -4.06 -32.78
C GLY A 4 15.88 -3.84 -31.26
N SER A 5 17.10 -3.95 -30.72
CA SER A 5 17.44 -3.71 -29.30
C SER A 5 18.79 -3.02 -29.15
N SER A 6 18.95 -2.22 -28.09
CA SER A 6 20.22 -1.61 -27.67
C SER A 6 21.15 -2.60 -26.96
N GLY A 7 20.62 -3.72 -26.45
CA GLY A 7 21.35 -4.70 -25.65
C GLY A 7 21.73 -4.23 -24.23
N LYS A 8 21.19 -3.10 -23.77
CA LYS A 8 21.47 -2.52 -22.44
C LYS A 8 20.71 -3.23 -21.32
N ILE A 9 21.30 -3.29 -20.12
CA ILE A 9 20.82 -4.07 -18.96
C ILE A 9 21.00 -3.26 -17.67
N PHE A 10 20.06 -3.39 -16.73
CA PHE A 10 20.05 -2.76 -15.40
C PHE A 10 19.78 -3.80 -14.31
N THR A 11 20.39 -3.65 -13.12
CA THR A 11 20.37 -4.68 -12.06
C THR A 11 20.11 -4.09 -10.67
N CYS A 12 19.27 -4.75 -9.87
CA CYS A 12 18.96 -4.40 -8.48
C CYS A 12 20.16 -4.68 -7.55
N GLU A 13 20.52 -3.71 -6.71
CA GLU A 13 21.60 -3.84 -5.73
C GLU A 13 21.18 -4.55 -4.43
N TYR A 14 19.88 -4.82 -4.24
CA TYR A 14 19.31 -5.39 -3.01
C TYR A 14 18.87 -6.86 -3.15
N CYS A 15 18.41 -7.28 -4.33
CA CYS A 15 17.98 -8.66 -4.62
C CYS A 15 18.54 -9.28 -5.92
N ASN A 16 19.46 -8.58 -6.59
CA ASN A 16 20.20 -9.03 -7.79
C ASN A 16 19.33 -9.39 -9.02
N LYS A 17 18.05 -8.99 -9.04
CA LYS A 17 17.16 -9.07 -10.21
C LYS A 17 17.66 -8.19 -11.36
N VAL A 18 17.36 -8.62 -12.58
CA VAL A 18 17.83 -8.00 -13.83
C VAL A 18 16.66 -7.52 -14.68
N PHE A 19 16.79 -6.31 -15.25
CA PHE A 19 15.75 -5.57 -15.98
C PHE A 19 16.33 -4.98 -17.28
N LYS A 20 15.50 -4.89 -18.33
CA LYS A 20 15.90 -4.32 -19.64
C LYS A 20 16.03 -2.80 -19.63
N PHE A 21 15.16 -2.10 -18.91
CA PHE A 21 15.02 -0.64 -18.96
C PHE A 21 15.23 0.00 -17.58
N LYS A 22 15.76 1.24 -17.55
CA LYS A 22 16.02 1.98 -16.30
C LYS A 22 14.75 2.22 -15.48
N HIS A 23 13.65 2.58 -16.14
CA HIS A 23 12.36 2.83 -15.47
C HIS A 23 11.76 1.57 -14.83
N SER A 24 12.00 0.39 -15.41
CA SER A 24 11.60 -0.90 -14.83
C SER A 24 12.36 -1.19 -13.52
N LEU A 25 13.67 -0.93 -13.48
CA LEU A 25 14.46 -1.01 -12.25
C LEU A 25 14.02 0.06 -11.23
N GLN A 26 13.84 1.33 -11.63
CA GLN A 26 13.42 2.40 -10.73
C GLN A 26 12.06 2.10 -10.06
N ALA A 27 11.11 1.52 -10.80
CA ALA A 27 9.82 1.11 -10.25
C ALA A 27 9.90 -0.15 -9.36
N HIS A 28 10.86 -1.04 -9.62
CA HIS A 28 11.16 -2.18 -8.74
C HIS A 28 11.81 -1.71 -7.43
N LEU A 29 12.77 -0.78 -7.47
CA LEU A 29 13.53 -0.32 -6.31
C LEU A 29 12.66 0.29 -5.21
N ARG A 30 11.41 0.72 -5.51
CA ARG A 30 10.40 1.13 -4.53
C ARG A 30 10.24 0.17 -3.34
N ILE A 31 10.37 -1.14 -3.54
CA ILE A 31 10.19 -2.14 -2.47
C ILE A 31 11.35 -2.15 -1.45
N HIS A 32 12.53 -1.68 -1.86
CA HIS A 32 13.74 -1.60 -1.03
C HIS A 32 14.06 -0.17 -0.55
N THR A 33 13.61 0.85 -1.30
CA THR A 33 14.02 2.27 -1.18
C THR A 33 12.93 3.17 -0.56
N ASN A 34 11.93 2.58 0.11
CA ASN A 34 10.87 3.31 0.84
C ASN A 34 11.37 3.86 2.20
N GLU A 35 12.35 4.76 2.16
CA GLU A 35 12.98 5.39 3.33
C GLU A 35 12.17 6.57 3.93
N LYS A 36 11.03 6.93 3.33
CA LYS A 36 10.11 7.99 3.79
C LYS A 36 9.62 7.69 5.23
N PRO A 37 9.67 8.67 6.17
CA PRO A 37 9.46 8.43 7.59
C PRO A 37 8.01 8.12 8.00
N TYR A 38 7.04 8.79 7.39
CA TYR A 38 5.63 8.77 7.84
C TYR A 38 4.84 7.67 7.10
N LYS A 39 4.87 6.46 7.65
CA LYS A 39 4.22 5.27 7.08
C LYS A 39 2.81 5.06 7.63
N CYS A 40 1.91 4.61 6.77
CA CYS A 40 0.49 4.39 7.06
C CYS A 40 0.30 3.22 8.05
N PRO A 41 -0.59 3.35 9.05
CA PRO A 41 -0.96 2.27 9.96
C PRO A 41 -1.85 1.21 9.29
N GLN A 42 -2.37 1.45 8.07
CA GLN A 42 -3.31 0.57 7.37
C GLN A 42 -2.77 -0.05 6.08
N CYS A 43 -1.82 0.56 5.36
CA CYS A 43 -1.26 0.02 4.12
C CYS A 43 0.24 0.33 3.92
N SER A 44 0.77 -0.03 2.75
CA SER A 44 2.18 0.15 2.36
C SER A 44 2.57 1.61 2.05
N TYR A 45 1.63 2.55 2.13
CA TYR A 45 1.84 3.99 1.89
C TYR A 45 2.89 4.60 2.83
N ALA A 46 3.69 5.51 2.29
CA ALA A 46 4.63 6.35 3.04
C ALA A 46 4.71 7.78 2.48
N SER A 47 4.97 8.77 3.34
CA SER A 47 5.23 10.17 2.96
C SER A 47 6.41 10.79 3.72
N ALA A 48 6.97 11.86 3.14
CA ALA A 48 7.98 12.72 3.78
C ALA A 48 7.35 13.96 4.48
N ILE A 49 6.02 14.11 4.40
CA ILE A 49 5.23 15.24 4.92
C ILE A 49 4.05 14.70 5.74
N LYS A 50 3.93 15.13 7.00
CA LYS A 50 2.89 14.63 7.94
C LYS A 50 1.47 14.94 7.47
N ALA A 51 1.26 16.11 6.86
CA ALA A 51 -0.02 16.52 6.28
C ALA A 51 -0.48 15.60 5.12
N ASN A 52 0.45 15.03 4.36
CA ASN A 52 0.10 14.11 3.27
C ASN A 52 -0.39 12.76 3.81
N LEU A 53 0.21 12.24 4.88
CA LEU A 53 -0.30 11.07 5.60
C LEU A 53 -1.67 11.35 6.25
N ASN A 54 -1.84 12.53 6.85
CA ASN A 54 -3.12 12.95 7.44
C ASN A 54 -4.26 12.91 6.40
N VAL A 55 -4.03 13.43 5.19
CA VAL A 55 -5.01 13.36 4.08
C VAL A 55 -5.17 11.93 3.53
N HIS A 56 -4.08 11.16 3.42
CA HIS A 56 -4.13 9.76 2.97
C HIS A 56 -5.05 8.88 3.83
N LEU A 57 -5.07 9.08 5.16
CA LEU A 57 -5.94 8.32 6.07
C LEU A 57 -7.45 8.48 5.76
N ARG A 58 -7.86 9.63 5.20
CA ARG A 58 -9.24 9.83 4.71
C ARG A 58 -9.64 8.88 3.57
N LYS A 59 -8.68 8.30 2.84
CA LYS A 59 -8.93 7.29 1.77
C LYS A 59 -9.24 5.89 2.33
N HIS A 60 -8.89 5.63 3.58
CA HIS A 60 -9.29 4.43 4.33
C HIS A 60 -10.70 4.62 4.94
N THR A 61 -11.71 4.49 4.09
CA THR A 61 -13.13 4.82 4.33
C THR A 61 -13.89 3.72 5.08
N GLY A 62 -13.33 3.24 6.20
CA GLY A 62 -13.83 2.05 6.91
C GLY A 62 -13.54 0.74 6.16
N GLU A 63 -12.39 0.69 5.48
CA GLU A 63 -11.96 -0.35 4.53
C GLU A 63 -12.81 -0.46 3.25
N LYS A 64 -12.23 -1.13 2.24
CA LYS A 64 -12.79 -1.35 0.89
C LYS A 64 -12.76 -2.83 0.50
N PHE A 65 -13.66 -3.21 -0.39
CA PHE A 65 -13.79 -4.53 -1.01
C PHE A 65 -13.76 -4.40 -2.54
N ALA A 66 -13.33 -5.44 -3.26
CA ALA A 66 -13.15 -5.43 -4.71
C ALA A 66 -13.70 -6.68 -5.41
N CYS A 67 -14.26 -6.50 -6.61
CA CYS A 67 -14.83 -7.55 -7.44
C CYS A 67 -13.76 -8.55 -7.93
N ASP A 68 -14.16 -9.82 -8.05
CA ASP A 68 -13.33 -10.91 -8.58
C ASP A 68 -13.48 -11.09 -10.11
N TYR A 69 -14.44 -10.37 -10.72
CA TYR A 69 -14.86 -10.55 -12.11
C TYR A 69 -14.66 -9.29 -12.99
N CYS A 70 -14.55 -8.10 -12.37
CA CYS A 70 -14.22 -6.82 -13.01
C CYS A 70 -13.40 -5.89 -12.08
N SER A 71 -13.21 -4.63 -12.48
CA SER A 71 -12.44 -3.61 -11.76
C SER A 71 -13.21 -2.88 -10.62
N PHE A 72 -14.48 -3.23 -10.38
CA PHE A 72 -15.36 -2.57 -9.41
C PHE A 72 -14.88 -2.68 -7.95
N THR A 73 -15.12 -1.62 -7.16
CA THR A 73 -14.88 -1.55 -5.71
C THR A 73 -16.12 -1.03 -4.95
N CYS A 74 -16.25 -1.43 -3.69
CA CYS A 74 -17.34 -1.02 -2.80
C CYS A 74 -16.86 -0.88 -1.33
N LEU A 75 -17.58 -0.09 -0.53
CA LEU A 75 -17.36 0.07 0.92
C LEU A 75 -18.12 -0.99 1.76
N SER A 76 -18.87 -1.89 1.12
CA SER A 76 -19.66 -2.95 1.75
C SER A 76 -19.54 -4.27 0.99
N LYS A 77 -19.21 -5.36 1.70
CA LYS A 77 -19.17 -6.73 1.14
C LYS A 77 -20.57 -7.26 0.77
N GLY A 78 -21.62 -6.78 1.45
CA GLY A 78 -23.01 -7.12 1.12
C GLY A 78 -23.46 -6.49 -0.21
N HIS A 79 -23.13 -5.21 -0.43
CA HIS A 79 -23.40 -4.54 -1.70
C HIS A 79 -22.53 -5.09 -2.84
N LEU A 80 -21.29 -5.50 -2.55
CA LEU A 80 -20.43 -6.21 -3.51
C LEU A 80 -21.00 -7.59 -3.89
N LYS A 81 -21.60 -8.33 -2.95
CA LYS A 81 -22.31 -9.59 -3.25
C LYS A 81 -23.47 -9.36 -4.21
N VAL A 82 -24.25 -8.28 -4.05
CA VAL A 82 -25.30 -7.91 -5.02
C VAL A 82 -24.70 -7.50 -6.37
N HIS A 83 -23.61 -6.73 -6.42
CA HIS A 83 -22.90 -6.46 -7.69
C HIS A 83 -22.53 -7.77 -8.41
N ILE A 84 -21.97 -8.75 -7.70
CA ILE A 84 -21.62 -10.06 -8.26
C ILE A 84 -22.85 -10.82 -8.75
N GLU A 85 -23.92 -10.91 -7.95
CA GLU A 85 -25.16 -11.59 -8.35
C GLU A 85 -25.85 -10.95 -9.57
N ARG A 86 -26.00 -9.63 -9.59
CA ARG A 86 -26.86 -8.92 -10.56
C ARG A 86 -26.12 -8.43 -11.81
N VAL A 87 -24.78 -8.37 -11.79
CA VAL A 87 -23.94 -8.04 -12.97
C VAL A 87 -23.30 -9.28 -13.58
N HIS A 88 -22.73 -10.19 -12.77
CA HIS A 88 -21.90 -11.29 -13.25
C HIS A 88 -22.59 -12.68 -13.21
N LYS A 89 -23.49 -12.92 -12.25
CA LYS A 89 -24.25 -14.18 -12.09
C LYS A 89 -25.73 -14.09 -12.50
N LYS A 90 -26.07 -13.06 -13.29
CA LYS A 90 -27.43 -12.76 -13.77
C LYS A 90 -27.99 -13.84 -14.72
N ILE A 91 -29.33 -13.94 -14.77
CA ILE A 91 -30.09 -14.91 -15.56
C ILE A 91 -31.24 -14.24 -16.35
N LYS A 92 -31.75 -14.93 -17.37
CA LYS A 92 -32.87 -14.51 -18.23
C LYS A 92 -33.82 -15.68 -18.55
N GLY A 1 34.24 20.50 -36.21
CA GLY A 1 34.25 19.02 -36.17
C GLY A 1 33.17 18.49 -35.22
N SER A 2 32.63 17.30 -35.52
CA SER A 2 31.57 16.65 -34.74
C SER A 2 32.03 16.19 -33.34
N SER A 3 31.12 16.22 -32.35
CA SER A 3 31.40 15.82 -30.97
C SER A 3 31.58 14.31 -30.82
N GLY A 4 32.45 13.89 -29.88
CA GLY A 4 32.80 12.48 -29.63
C GLY A 4 31.83 11.68 -28.74
N SER A 5 30.75 12.30 -28.25
CA SER A 5 29.78 11.74 -27.28
C SER A 5 30.36 11.28 -25.93
N SER A 6 31.61 11.62 -25.61
CA SER A 6 32.35 11.21 -24.40
C SER A 6 32.73 12.37 -23.47
N GLY A 7 32.45 13.63 -23.86
CA GLY A 7 32.89 14.84 -23.15
C GLY A 7 32.24 15.05 -21.77
N LYS A 8 31.05 14.49 -21.54
CA LYS A 8 30.36 14.45 -20.24
C LYS A 8 29.52 13.17 -20.09
N ILE A 9 29.56 12.59 -18.89
CA ILE A 9 28.99 11.29 -18.54
C ILE A 9 28.38 11.39 -17.13
N PHE A 10 27.25 10.73 -16.89
CA PHE A 10 26.48 10.82 -15.64
C PHE A 10 26.46 9.46 -14.92
N THR A 11 26.74 9.43 -13.61
CA THR A 11 26.95 8.19 -12.85
C THR A 11 26.21 8.22 -11.50
N CYS A 12 25.52 7.12 -11.16
CA CYS A 12 24.84 6.91 -9.90
C CYS A 12 25.84 6.70 -8.74
N GLU A 13 25.64 7.41 -7.63
CA GLU A 13 26.48 7.30 -6.43
C GLU A 13 26.05 6.14 -5.49
N TYR A 14 24.92 5.48 -5.78
CA TYR A 14 24.34 4.42 -4.93
C TYR A 14 24.50 3.01 -5.51
N CYS A 15 24.51 2.85 -6.83
CA CYS A 15 24.66 1.55 -7.52
C CYS A 15 25.68 1.55 -8.69
N ASN A 16 26.46 2.62 -8.85
CA ASN A 16 27.56 2.79 -9.82
C ASN A 16 27.17 2.65 -11.31
N LYS A 17 25.86 2.67 -11.64
CA LYS A 17 25.35 2.69 -13.02
C LYS A 17 25.72 3.99 -13.75
N VAL A 18 25.89 3.88 -15.07
CA VAL A 18 26.31 4.97 -15.97
C VAL A 18 25.21 5.27 -17.00
N PHE A 19 24.98 6.57 -17.24
CA PHE A 19 23.92 7.13 -18.08
C PHE A 19 24.47 8.20 -19.03
N LYS A 20 23.89 8.29 -20.24
CA LYS A 20 24.33 9.24 -21.29
C LYS A 20 23.91 10.69 -21.01
N PHE A 21 22.81 10.89 -20.28
CA PHE A 21 22.18 12.19 -20.07
C PHE A 21 21.79 12.45 -18.61
N LYS A 22 21.73 13.73 -18.22
CA LYS A 22 21.39 14.18 -16.86
C LYS A 22 20.00 13.75 -16.42
N HIS A 23 18.99 13.91 -17.29
CA HIS A 23 17.60 13.54 -16.99
C HIS A 23 17.44 12.03 -16.75
N SER A 24 18.20 11.19 -17.48
CA SER A 24 18.20 9.73 -17.29
C SER A 24 18.72 9.34 -15.90
N LEU A 25 19.80 9.97 -15.41
CA LEU A 25 20.27 9.79 -14.04
C LEU A 25 19.28 10.36 -13.01
N GLN A 26 18.74 11.57 -13.23
CA GLN A 26 17.77 12.20 -12.31
C GLN A 26 16.53 11.35 -12.10
N ALA A 27 15.99 10.72 -13.16
CA ALA A 27 14.86 9.80 -13.06
C ALA A 27 15.25 8.46 -12.40
N HIS A 28 16.48 7.97 -12.62
CA HIS A 28 16.99 6.76 -11.96
C HIS A 28 17.16 6.95 -10.44
N LEU A 29 17.67 8.10 -9.99
CA LEU A 29 17.94 8.38 -8.58
C LEU A 29 16.69 8.31 -7.67
N ARG A 30 15.48 8.40 -8.26
CA ARG A 30 14.19 8.28 -7.54
C ARG A 30 14.00 6.94 -6.82
N ILE A 31 14.70 5.87 -7.22
CA ILE A 31 14.62 4.56 -6.55
C ILE A 31 15.41 4.53 -5.23
N HIS A 32 16.49 5.31 -5.13
CA HIS A 32 17.41 5.33 -3.99
C HIS A 32 16.96 6.28 -2.85
N THR A 33 16.09 7.25 -3.15
CA THR A 33 15.47 8.18 -2.18
C THR A 33 14.21 7.62 -1.51
N ASN A 34 13.94 6.32 -1.64
CA ASN A 34 12.77 5.63 -1.08
C ASN A 34 12.91 5.32 0.42
N GLU A 35 13.10 6.37 1.23
CA GLU A 35 13.37 6.32 2.68
C GLU A 35 12.31 7.11 3.50
N LYS A 36 11.07 7.16 3.00
CA LYS A 36 9.99 8.02 3.50
C LYS A 36 9.56 7.66 4.94
N PRO A 37 9.56 8.61 5.90
CA PRO A 37 9.31 8.32 7.32
C PRO A 37 7.83 8.15 7.71
N TYR A 38 6.93 8.92 7.09
CA TYR A 38 5.50 8.96 7.47
C TYR A 38 4.73 7.80 6.82
N LYS A 39 4.88 6.62 7.43
CA LYS A 39 4.27 5.35 7.01
C LYS A 39 2.85 5.20 7.55
N CYS A 40 1.97 4.63 6.72
CA CYS A 40 0.58 4.38 7.06
C CYS A 40 0.43 3.25 8.10
N PRO A 41 -0.43 3.40 9.12
CA PRO A 41 -0.77 2.33 10.06
C PRO A 41 -1.68 1.24 9.44
N GLN A 42 -2.23 1.47 8.23
CA GLN A 42 -3.21 0.58 7.58
C GLN A 42 -2.73 -0.06 6.26
N CYS A 43 -1.79 0.54 5.52
CA CYS A 43 -1.26 -0.03 4.27
C CYS A 43 0.23 0.26 4.03
N SER A 44 0.75 -0.09 2.85
CA SER A 44 2.15 0.08 2.43
C SER A 44 2.54 1.52 2.05
N TYR A 45 1.61 2.47 2.13
CA TYR A 45 1.84 3.90 1.90
C TYR A 45 2.93 4.48 2.82
N ALA A 46 3.77 5.36 2.26
CA ALA A 46 4.71 6.21 2.98
C ALA A 46 4.89 7.59 2.31
N SER A 47 5.15 8.63 3.10
CA SER A 47 5.46 9.99 2.60
C SER A 47 6.48 10.74 3.47
N ALA A 48 6.87 11.94 3.04
CA ALA A 48 7.82 12.84 3.71
C ALA A 48 7.17 13.95 4.55
N ILE A 49 5.83 14.02 4.60
CA ILE A 49 5.05 15.05 5.30
C ILE A 49 3.88 14.41 6.08
N LYS A 50 3.71 14.77 7.36
CA LYS A 50 2.61 14.27 8.22
C LYS A 50 1.23 14.69 7.70
N ALA A 51 1.10 15.92 7.20
CA ALA A 51 -0.13 16.43 6.58
C ALA A 51 -0.53 15.62 5.32
N ASN A 52 0.43 15.12 4.54
CA ASN A 52 0.13 14.26 3.40
C ASN A 52 -0.36 12.87 3.85
N LEU A 53 0.19 12.32 4.94
CA LEU A 53 -0.35 11.12 5.59
C LEU A 53 -1.76 11.36 6.16
N ASN A 54 -2.08 12.54 6.70
CA ASN A 54 -3.44 12.89 7.12
C ASN A 54 -4.43 12.89 5.93
N VAL A 55 -4.02 13.43 4.78
CA VAL A 55 -4.78 13.43 3.51
C VAL A 55 -4.91 12.01 2.91
N HIS A 56 -3.98 11.12 3.24
CA HIS A 56 -4.07 9.69 2.91
C HIS A 56 -5.00 8.89 3.84
N LEU A 57 -4.97 9.12 5.15
CA LEU A 57 -5.79 8.37 6.13
C LEU A 57 -7.30 8.53 5.89
N ARG A 58 -7.73 9.72 5.46
CA ARG A 58 -9.13 9.99 5.04
C ARG A 58 -9.59 9.24 3.78
N LYS A 59 -8.67 8.57 3.07
CA LYS A 59 -8.96 7.66 1.94
C LYS A 59 -9.22 6.20 2.37
N HIS A 60 -8.94 5.85 3.63
CA HIS A 60 -9.25 4.51 4.17
C HIS A 60 -10.74 4.29 4.52
N THR A 61 -11.55 5.35 4.65
CA THR A 61 -13.02 5.24 4.76
C THR A 61 -13.72 5.25 3.40
N GLY A 62 -14.99 4.85 3.35
CA GLY A 62 -15.82 4.78 2.14
C GLY A 62 -15.66 3.50 1.32
N GLU A 63 -16.46 3.39 0.24
CA GLU A 63 -16.55 2.25 -0.67
C GLU A 63 -15.30 2.12 -1.54
N LYS A 64 -14.92 0.87 -1.82
CA LYS A 64 -13.65 0.48 -2.45
C LYS A 64 -13.81 -0.49 -3.64
N PHE A 65 -12.84 -0.42 -4.55
CA PHE A 65 -12.60 -1.34 -5.65
C PHE A 65 -11.18 -1.93 -5.47
N ALA A 66 -10.98 -3.21 -5.79
CA ALA A 66 -9.75 -3.95 -5.49
C ALA A 66 -9.05 -4.51 -6.75
N CYS A 67 -7.71 -4.45 -6.75
CA CYS A 67 -6.85 -4.94 -7.82
C CYS A 67 -6.94 -6.48 -7.98
N ASP A 68 -6.83 -6.95 -9.22
CA ASP A 68 -6.81 -8.37 -9.58
C ASP A 68 -5.39 -8.97 -9.55
N TYR A 69 -4.35 -8.13 -9.41
CA TYR A 69 -2.93 -8.49 -9.55
C TYR A 69 -2.09 -8.24 -8.29
N CYS A 70 -2.55 -7.37 -7.37
CA CYS A 70 -1.92 -7.08 -6.08
C CYS A 70 -2.95 -6.75 -4.98
N SER A 71 -2.47 -6.34 -3.80
CA SER A 71 -3.28 -5.99 -2.62
C SER A 71 -3.90 -4.58 -2.66
N PHE A 72 -3.69 -3.80 -3.74
CA PHE A 72 -4.15 -2.42 -3.87
C PHE A 72 -5.68 -2.27 -3.87
N THR A 73 -6.17 -1.17 -3.28
CA THR A 73 -7.57 -0.73 -3.34
C THR A 73 -7.67 0.77 -3.62
N CYS A 74 -8.78 1.20 -4.24
CA CYS A 74 -9.07 2.61 -4.54
C CYS A 74 -10.57 2.95 -4.40
N LEU A 75 -10.89 4.23 -4.21
CA LEU A 75 -12.26 4.77 -4.15
C LEU A 75 -12.89 4.99 -5.55
N SER A 76 -12.15 4.75 -6.63
CA SER A 76 -12.62 4.86 -8.02
C SER A 76 -12.18 3.65 -8.87
N LYS A 77 -13.13 3.08 -9.60
CA LYS A 77 -12.86 2.02 -10.61
C LYS A 77 -12.12 2.55 -11.84
N GLY A 78 -12.19 3.86 -12.11
CA GLY A 78 -11.42 4.52 -13.17
C GLY A 78 -9.95 4.67 -12.80
N HIS A 79 -9.66 5.09 -11.57
CA HIS A 79 -8.29 5.14 -11.05
C HIS A 79 -7.69 3.73 -10.90
N LEU A 80 -8.50 2.73 -10.53
CA LEU A 80 -8.08 1.32 -10.50
C LEU A 80 -7.71 0.79 -11.90
N LYS A 81 -8.47 1.14 -12.94
CA LYS A 81 -8.12 0.81 -14.33
C LYS A 81 -6.76 1.40 -14.72
N VAL A 82 -6.49 2.65 -14.35
CA VAL A 82 -5.17 3.29 -14.57
C VAL A 82 -4.06 2.61 -13.75
N HIS A 83 -4.31 2.22 -12.48
CA HIS A 83 -3.37 1.42 -11.69
C HIS A 83 -2.99 0.12 -12.42
N ILE A 84 -3.96 -0.61 -12.98
CA ILE A 84 -3.70 -1.82 -13.76
C ILE A 84 -2.87 -1.50 -15.02
N GLU A 85 -3.25 -0.48 -15.78
CA GLU A 85 -2.56 -0.08 -17.01
C GLU A 85 -1.14 0.49 -16.82
N ARG A 86 -0.78 0.98 -15.62
CA ARG A 86 0.57 1.51 -15.30
C ARG A 86 1.44 0.56 -14.47
N VAL A 87 0.85 -0.18 -13.53
CA VAL A 87 1.60 -1.06 -12.60
C VAL A 87 1.73 -2.49 -13.11
N HIS A 88 0.71 -3.03 -13.78
CA HIS A 88 0.63 -4.46 -14.14
C HIS A 88 0.68 -4.75 -15.65
N LYS A 89 0.16 -3.86 -16.51
CA LYS A 89 0.33 -3.95 -17.97
C LYS A 89 1.72 -3.42 -18.36
N LYS A 90 2.73 -4.28 -18.25
CA LYS A 90 4.18 -3.98 -18.35
C LYS A 90 4.68 -3.81 -19.80
N ILE A 91 4.01 -2.95 -20.57
CA ILE A 91 4.35 -2.62 -21.96
C ILE A 91 5.58 -1.70 -22.05
N LYS A 92 6.24 -1.75 -23.20
CA LYS A 92 7.44 -0.96 -23.57
C LYS A 92 7.49 -0.60 -25.06
N GLY A 1 15.53 -26.43 -30.69
CA GLY A 1 15.95 -26.31 -29.27
C GLY A 1 16.53 -24.94 -28.97
N SER A 2 16.74 -24.64 -27.68
CA SER A 2 17.27 -23.35 -27.19
C SER A 2 18.74 -23.12 -27.58
N SER A 3 19.13 -21.85 -27.76
CA SER A 3 20.49 -21.42 -28.11
C SER A 3 21.47 -21.39 -26.93
N GLY A 4 20.97 -21.53 -25.70
CA GLY A 4 21.74 -21.56 -24.45
C GLY A 4 20.90 -21.97 -23.23
N SER A 5 21.44 -21.81 -22.03
CA SER A 5 20.78 -22.17 -20.76
C SER A 5 19.69 -21.17 -20.31
N SER A 6 19.73 -19.93 -20.82
CA SER A 6 18.84 -18.81 -20.44
C SER A 6 18.81 -18.50 -18.93
N GLY A 7 19.90 -18.82 -18.20
CA GLY A 7 20.05 -18.54 -16.77
C GLY A 7 20.13 -17.05 -16.43
N LYS A 8 19.69 -16.67 -15.23
CA LYS A 8 19.64 -15.29 -14.72
C LYS A 8 19.92 -15.21 -13.21
N ILE A 9 20.47 -14.07 -12.79
CA ILE A 9 20.97 -13.79 -11.42
C ILE A 9 20.53 -12.37 -11.01
N PHE A 10 20.19 -12.17 -9.73
CA PHE A 10 19.57 -10.94 -9.22
C PHE A 10 20.43 -10.27 -8.14
N THR A 11 21.04 -9.13 -8.44
CA THR A 11 22.00 -8.43 -7.55
C THR A 11 21.54 -7.01 -7.19
N CYS A 12 21.65 -6.65 -5.92
CA CYS A 12 21.35 -5.34 -5.34
C CYS A 12 22.34 -4.26 -5.81
N GLU A 13 21.82 -3.13 -6.28
CA GLU A 13 22.61 -1.98 -6.72
C GLU A 13 23.10 -1.08 -5.56
N TYR A 14 22.63 -1.32 -4.33
CA TYR A 14 22.89 -0.47 -3.16
C TYR A 14 23.90 -1.09 -2.17
N CYS A 15 23.93 -2.41 -2.03
CA CYS A 15 24.84 -3.15 -1.12
C CYS A 15 25.56 -4.37 -1.75
N ASN A 16 25.42 -4.57 -3.07
CA ASN A 16 26.08 -5.61 -3.87
C ASN A 16 25.78 -7.08 -3.43
N LYS A 17 24.74 -7.31 -2.63
CA LYS A 17 24.22 -8.65 -2.32
C LYS A 17 23.58 -9.27 -3.54
N VAL A 18 23.72 -10.58 -3.69
CA VAL A 18 23.19 -11.36 -4.82
C VAL A 18 22.31 -12.52 -4.36
N PHE A 19 21.21 -12.72 -5.09
CA PHE A 19 20.08 -13.58 -4.79
C PHE A 19 19.75 -14.47 -6.01
N LYS A 20 19.24 -15.69 -5.76
CA LYS A 20 18.92 -16.67 -6.81
C LYS A 20 17.60 -16.42 -7.54
N PHE A 21 16.71 -15.60 -6.95
CA PHE A 21 15.34 -15.37 -7.42
C PHE A 21 14.93 -13.89 -7.38
N LYS A 22 14.02 -13.50 -8.27
CA LYS A 22 13.55 -12.12 -8.43
C LYS A 22 12.84 -11.61 -7.17
N HIS A 23 11.95 -12.42 -6.57
CA HIS A 23 11.21 -12.06 -5.36
C HIS A 23 12.14 -11.84 -4.15
N SER A 24 13.22 -12.64 -4.03
CA SER A 24 14.22 -12.49 -2.97
C SER A 24 14.96 -11.15 -3.04
N LEU A 25 15.35 -10.70 -4.25
CA LEU A 25 15.91 -9.36 -4.43
C LEU A 25 14.84 -8.27 -4.23
N GLN A 26 13.65 -8.40 -4.80
CA GLN A 26 12.59 -7.39 -4.70
C GLN A 26 12.15 -7.12 -3.24
N ALA A 27 12.09 -8.15 -2.41
CA ALA A 27 11.81 -8.00 -0.98
C ALA A 27 13.02 -7.46 -0.18
N HIS A 28 14.26 -7.77 -0.59
CA HIS A 28 15.46 -7.18 -0.03
C HIS A 28 15.55 -5.66 -0.33
N LEU A 29 15.26 -5.24 -1.57
CA LEU A 29 15.38 -3.85 -2.02
C LEU A 29 14.56 -2.85 -1.21
N ARG A 30 13.49 -3.30 -0.53
CA ARG A 30 12.60 -2.48 0.32
C ARG A 30 13.35 -1.64 1.37
N ILE A 31 14.49 -2.13 1.88
CA ILE A 31 15.31 -1.41 2.88
C ILE A 31 16.05 -0.19 2.29
N HIS A 32 16.29 -0.18 0.98
CA HIS A 32 16.98 0.88 0.25
C HIS A 32 16.02 1.82 -0.49
N THR A 33 14.93 1.28 -1.08
CA THR A 33 14.01 2.02 -1.95
C THR A 33 12.98 2.88 -1.22
N ASN A 34 12.77 2.65 0.08
CA ASN A 34 11.90 3.46 0.94
C ASN A 34 12.61 3.90 2.23
N GLU A 35 12.62 5.20 2.50
CA GLU A 35 13.18 5.84 3.71
C GLU A 35 12.21 6.85 4.35
N LYS A 36 10.93 6.88 3.92
CA LYS A 36 9.96 7.91 4.32
C LYS A 36 9.45 7.70 5.76
N PRO A 37 9.39 8.76 6.61
CA PRO A 37 9.03 8.64 8.02
C PRO A 37 7.53 8.45 8.29
N TYR A 38 6.66 9.14 7.56
CA TYR A 38 5.21 9.16 7.83
C TYR A 38 4.51 7.99 7.12
N LYS A 39 4.54 6.83 7.77
CA LYS A 39 4.01 5.55 7.27
C LYS A 39 2.54 5.35 7.65
N CYS A 40 1.79 4.71 6.76
CA CYS A 40 0.39 4.33 6.96
C CYS A 40 0.27 3.09 7.89
N PRO A 41 -0.67 3.08 8.85
CA PRO A 41 -0.97 1.92 9.68
C PRO A 41 -1.81 0.86 8.95
N GLN A 42 -2.43 1.19 7.81
CA GLN A 42 -3.37 0.33 7.07
C GLN A 42 -2.80 -0.26 5.77
N CYS A 43 -1.84 0.39 5.10
CA CYS A 43 -1.23 -0.11 3.85
C CYS A 43 0.27 0.21 3.73
N SER A 44 0.88 -0.12 2.60
CA SER A 44 2.33 0.05 2.32
C SER A 44 2.76 1.52 2.08
N TYR A 45 1.82 2.46 2.13
CA TYR A 45 2.04 3.90 1.92
C TYR A 45 3.02 4.52 2.94
N ALA A 46 3.86 5.43 2.44
CA ALA A 46 4.70 6.31 3.25
C ALA A 46 4.92 7.68 2.57
N SER A 47 5.13 8.75 3.36
CA SER A 47 5.47 10.10 2.86
C SER A 47 6.50 10.83 3.75
N ALA A 48 7.07 11.91 3.21
CA ALA A 48 7.97 12.82 3.92
C ALA A 48 7.23 13.93 4.71
N ILE A 49 5.90 14.03 4.56
CA ILE A 49 5.06 15.08 5.14
C ILE A 49 3.92 14.46 5.98
N LYS A 50 3.69 14.98 7.19
CA LYS A 50 2.59 14.54 8.07
C LYS A 50 1.20 14.88 7.51
N ALA A 51 1.07 16.05 6.87
CA ALA A 51 -0.14 16.45 6.16
C ALA A 51 -0.45 15.54 4.96
N ASN A 52 0.56 15.05 4.21
CA ASN A 52 0.31 14.05 3.16
C ASN A 52 -0.26 12.75 3.75
N LEU A 53 0.27 12.27 4.88
CA LEU A 53 -0.29 11.11 5.58
C LEU A 53 -1.72 11.36 6.08
N ASN A 54 -2.07 12.57 6.54
CA ASN A 54 -3.44 12.92 6.92
C ASN A 54 -4.41 12.89 5.72
N VAL A 55 -4.00 13.42 4.56
CA VAL A 55 -4.75 13.36 3.29
C VAL A 55 -4.88 11.93 2.75
N HIS A 56 -3.97 11.04 3.14
CA HIS A 56 -4.03 9.61 2.85
C HIS A 56 -4.92 8.81 3.82
N LEU A 57 -4.84 9.04 5.14
CA LEU A 57 -5.63 8.36 6.16
C LEU A 57 -7.14 8.60 6.01
N ARG A 58 -7.56 9.78 5.53
CA ARG A 58 -8.98 10.08 5.23
C ARG A 58 -9.57 9.25 4.07
N LYS A 59 -8.72 8.55 3.31
CA LYS A 59 -9.13 7.53 2.30
C LYS A 59 -9.45 6.17 2.93
N HIS A 60 -8.97 5.91 4.14
CA HIS A 60 -9.17 4.66 4.91
C HIS A 60 -10.43 4.67 5.81
N THR A 61 -11.46 5.46 5.49
CA THR A 61 -12.77 5.41 6.18
C THR A 61 -13.52 4.11 5.86
N GLY A 62 -14.08 3.47 6.88
CA GLY A 62 -14.88 2.23 6.74
C GLY A 62 -14.06 0.97 6.38
N GLU A 63 -12.75 0.97 6.64
CA GLU A 63 -11.84 -0.15 6.35
C GLU A 63 -11.91 -1.27 7.40
N LYS A 64 -11.30 -2.40 7.04
CA LYS A 64 -11.06 -3.55 7.92
C LYS A 64 -10.01 -3.27 9.00
N PHE A 65 -10.21 -3.89 10.16
CA PHE A 65 -9.30 -4.00 11.28
C PHE A 65 -9.09 -5.50 11.58
N ALA A 66 -7.84 -5.92 11.79
CA ALA A 66 -7.46 -7.34 11.86
C ALA A 66 -6.84 -7.74 13.20
N CYS A 67 -7.12 -8.98 13.63
CA CYS A 67 -6.58 -9.59 14.84
C CYS A 67 -5.08 -9.93 14.71
N ASP A 68 -4.36 -9.83 15.84
CA ASP A 68 -2.94 -10.19 15.96
C ASP A 68 -2.75 -11.63 16.47
N TYR A 69 -3.83 -12.29 16.91
CA TYR A 69 -3.82 -13.59 17.59
C TYR A 69 -4.57 -14.70 16.82
N CYS A 70 -5.43 -14.34 15.86
CA CYS A 70 -6.10 -15.24 14.91
C CYS A 70 -6.36 -14.56 13.55
N SER A 71 -7.09 -15.24 12.65
CA SER A 71 -7.42 -14.78 11.29
C SER A 71 -8.61 -13.80 11.22
N PHE A 72 -9.21 -13.43 12.36
CA PHE A 72 -10.42 -12.59 12.44
C PHE A 72 -10.22 -11.15 11.90
N THR A 73 -11.28 -10.60 11.30
CA THR A 73 -11.40 -9.18 10.94
C THR A 73 -12.77 -8.60 11.29
N CYS A 74 -12.81 -7.30 11.53
CA CYS A 74 -13.99 -6.49 11.80
C CYS A 74 -13.86 -5.08 11.17
N LEU A 75 -14.84 -4.21 11.37
CA LEU A 75 -14.91 -2.88 10.73
C LEU A 75 -14.70 -1.69 11.71
N SER A 76 -14.17 -1.95 12.91
CA SER A 76 -13.83 -0.92 13.91
C SER A 76 -12.70 -1.38 14.84
N LYS A 77 -11.80 -0.47 15.22
CA LYS A 77 -10.79 -0.70 16.27
C LYS A 77 -11.42 -1.00 17.64
N GLY A 78 -12.62 -0.49 17.91
CA GLY A 78 -13.39 -0.82 19.11
C GLY A 78 -13.89 -2.28 19.09
N HIS A 79 -14.39 -2.75 17.95
CA HIS A 79 -14.79 -4.15 17.75
C HIS A 79 -13.58 -5.11 17.85
N LEU A 80 -12.40 -4.68 17.39
CA LEU A 80 -11.15 -5.43 17.53
C LEU A 80 -10.70 -5.51 19.00
N LYS A 81 -10.76 -4.40 19.74
CA LYS A 81 -10.46 -4.35 21.18
C LYS A 81 -11.38 -5.28 21.98
N VAL A 82 -12.68 -5.30 21.67
CA VAL A 82 -13.67 -6.23 22.25
C VAL A 82 -13.39 -7.70 21.85
N HIS A 83 -13.03 -7.97 20.59
CA HIS A 83 -12.65 -9.32 20.15
C HIS A 83 -11.45 -9.87 20.93
N ILE A 84 -10.39 -9.07 21.12
CA ILE A 84 -9.21 -9.49 21.89
C ILE A 84 -9.59 -9.72 23.36
N GLU A 85 -10.37 -8.83 23.98
CA GLU A 85 -10.83 -8.97 25.36
C GLU A 85 -11.71 -10.21 25.61
N ARG A 86 -12.51 -10.64 24.63
CA ARG A 86 -13.42 -11.79 24.74
C ARG A 86 -12.79 -13.12 24.34
N VAL A 87 -11.92 -13.14 23.32
CA VAL A 87 -11.42 -14.37 22.68
C VAL A 87 -9.99 -14.75 23.11
N HIS A 88 -9.11 -13.77 23.36
CA HIS A 88 -7.67 -14.02 23.55
C HIS A 88 -7.12 -13.60 24.93
N LYS A 89 -7.68 -12.55 25.55
CA LYS A 89 -7.23 -12.01 26.85
C LYS A 89 -7.65 -12.92 28.00
N LYS A 90 -6.71 -13.21 28.91
CA LYS A 90 -6.92 -14.03 30.12
C LYS A 90 -7.64 -13.26 31.24
N ILE A 91 -8.31 -14.01 32.12
CA ILE A 91 -9.02 -13.51 33.32
C ILE A 91 -8.25 -13.73 34.64
N LYS A 92 -7.14 -14.48 34.59
CA LYS A 92 -6.31 -14.89 35.73
C LYS A 92 -5.16 -13.91 36.00
N GLY A 1 -14.17 -13.98 -20.50
CA GLY A 1 -15.44 -13.23 -20.34
C GLY A 1 -15.20 -11.78 -19.97
N SER A 2 -16.16 -10.91 -20.28
CA SER A 2 -16.13 -9.43 -20.12
C SER A 2 -15.05 -8.70 -20.94
N SER A 3 -15.19 -7.38 -21.08
CA SER A 3 -14.28 -6.52 -21.86
C SER A 3 -12.93 -6.34 -21.17
N GLY A 4 -11.85 -6.29 -21.96
CA GLY A 4 -10.48 -5.98 -21.48
C GLY A 4 -10.26 -4.49 -21.19
N SER A 5 -9.25 -4.18 -20.36
CA SER A 5 -8.86 -2.82 -20.01
C SER A 5 -8.18 -2.08 -21.18
N SER A 6 -8.40 -0.76 -21.28
CA SER A 6 -7.81 0.10 -22.31
C SER A 6 -6.33 0.43 -22.03
N GLY A 7 -5.51 0.50 -23.08
CA GLY A 7 -4.09 0.86 -23.01
C GLY A 7 -3.19 -0.18 -22.33
N LYS A 8 -1.93 0.20 -22.07
CA LYS A 8 -0.94 -0.60 -21.34
C LYS A 8 -1.20 -0.61 -19.83
N ILE A 9 -0.81 -1.71 -19.17
CA ILE A 9 -1.01 -1.96 -17.74
C ILE A 9 0.35 -2.02 -17.04
N PHE A 10 0.45 -1.42 -15.85
CA PHE A 10 1.70 -1.24 -15.10
C PHE A 10 1.59 -1.86 -13.70
N THR A 11 2.59 -2.63 -13.25
CA THR A 11 2.50 -3.45 -12.03
C THR A 11 3.72 -3.26 -11.12
N CYS A 12 3.48 -3.11 -9.81
CA CYS A 12 4.49 -2.97 -8.77
C CYS A 12 5.20 -4.30 -8.47
N GLU A 13 6.53 -4.28 -8.38
CA GLU A 13 7.37 -5.44 -8.08
C GLU A 13 7.49 -5.74 -6.57
N TYR A 14 7.03 -4.84 -5.71
CA TYR A 14 7.17 -4.94 -4.24
C TYR A 14 5.88 -5.36 -3.52
N CYS A 15 4.70 -4.96 -4.04
CA CYS A 15 3.39 -5.25 -3.43
C CYS A 15 2.33 -5.80 -4.41
N ASN A 16 2.70 -6.03 -5.68
CA ASN A 16 1.87 -6.58 -6.75
C ASN A 16 0.57 -5.78 -7.08
N LYS A 17 0.52 -4.50 -6.71
CA LYS A 17 -0.54 -3.57 -7.14
C LYS A 17 -0.45 -3.26 -8.63
N VAL A 18 -1.60 -2.94 -9.22
CA VAL A 18 -1.77 -2.69 -10.66
C VAL A 18 -2.31 -1.27 -10.90
N PHE A 19 -1.76 -0.59 -11.91
CA PHE A 19 -1.97 0.81 -12.25
C PHE A 19 -2.25 1.00 -13.75
N LYS A 20 -3.09 1.98 -14.10
CA LYS A 20 -3.53 2.27 -15.48
C LYS A 20 -2.50 3.07 -16.30
N PHE A 21 -1.57 3.76 -15.63
CA PHE A 21 -0.59 4.67 -16.25
C PHE A 21 0.81 4.53 -15.64
N LYS A 22 1.83 4.83 -16.45
CA LYS A 22 3.25 4.70 -16.06
C LYS A 22 3.63 5.65 -14.93
N HIS A 23 3.17 6.90 -14.98
CA HIS A 23 3.43 7.91 -13.94
C HIS A 23 2.82 7.51 -12.58
N SER A 24 1.65 6.87 -12.59
CA SER A 24 1.00 6.35 -11.37
C SER A 24 1.84 5.26 -10.70
N LEU A 25 2.40 4.33 -11.47
CA LEU A 25 3.36 3.34 -10.93
C LEU A 25 4.67 4.01 -10.47
N GLN A 26 5.26 4.91 -11.27
CA GLN A 26 6.53 5.57 -10.94
C GLN A 26 6.44 6.36 -9.62
N ALA A 27 5.33 7.05 -9.37
CA ALA A 27 5.08 7.75 -8.11
C ALA A 27 4.78 6.78 -6.95
N HIS A 28 4.10 5.66 -7.22
CA HIS A 28 3.84 4.62 -6.23
C HIS A 28 5.13 3.94 -5.75
N LEU A 29 6.05 3.60 -6.65
CA LEU A 29 7.30 2.89 -6.34
C LEU A 29 8.17 3.63 -5.31
N ARG A 30 8.03 4.95 -5.17
CA ARG A 30 8.80 5.76 -4.20
C ARG A 30 8.54 5.40 -2.73
N ILE A 31 7.41 4.76 -2.40
CA ILE A 31 7.14 4.25 -1.05
C ILE A 31 8.04 3.05 -0.68
N HIS A 32 8.49 2.31 -1.70
CA HIS A 32 9.33 1.11 -1.56
C HIS A 32 10.82 1.41 -1.78
N THR A 33 11.16 2.19 -2.82
CA THR A 33 12.55 2.40 -3.27
C THR A 33 13.26 3.59 -2.62
N ASN A 34 12.55 4.44 -1.86
CA ASN A 34 13.13 5.52 -1.06
C ASN A 34 12.68 5.44 0.41
N GLU A 35 13.56 5.81 1.34
CA GLU A 35 13.28 5.90 2.78
C GLU A 35 12.38 7.10 3.09
N LYS A 36 11.27 6.89 3.82
CA LYS A 36 10.25 7.91 4.17
C LYS A 36 9.78 7.74 5.63
N PRO A 37 9.65 8.84 6.41
CA PRO A 37 9.30 8.76 7.83
C PRO A 37 7.84 8.39 8.13
N TYR A 38 6.87 8.98 7.44
CA TYR A 38 5.45 8.88 7.78
C TYR A 38 4.75 7.71 7.07
N LYS A 39 4.88 6.50 7.63
CA LYS A 39 4.18 5.29 7.18
C LYS A 39 2.69 5.31 7.55
N CYS A 40 1.85 4.76 6.68
CA CYS A 40 0.45 4.48 6.93
C CYS A 40 0.27 3.31 7.93
N PRO A 41 -0.66 3.41 8.90
CA PRO A 41 -1.01 2.31 9.80
C PRO A 41 -1.87 1.23 9.12
N GLN A 42 -2.39 1.46 7.91
CA GLN A 42 -3.34 0.57 7.21
C GLN A 42 -2.77 -0.08 5.94
N CYS A 43 -1.81 0.53 5.22
CA CYS A 43 -1.23 -0.03 4.00
C CYS A 43 0.28 0.25 3.85
N SER A 44 0.85 -0.11 2.69
CA SER A 44 2.29 0.05 2.38
C SER A 44 2.73 1.51 2.12
N TYR A 45 1.79 2.46 2.06
CA TYR A 45 2.02 3.88 1.86
C TYR A 45 3.00 4.49 2.87
N ALA A 46 3.87 5.39 2.39
CA ALA A 46 4.71 6.25 3.20
C ALA A 46 4.91 7.64 2.56
N SER A 47 5.11 8.68 3.39
CA SER A 47 5.35 10.06 2.95
C SER A 47 6.50 10.73 3.72
N ALA A 48 7.07 11.79 3.12
CA ALA A 48 8.00 12.71 3.76
C ALA A 48 7.31 13.85 4.51
N ILE A 49 5.97 13.97 4.41
CA ILE A 49 5.17 15.06 4.98
C ILE A 49 4.01 14.50 5.80
N LYS A 50 3.89 14.92 7.06
CA LYS A 50 2.86 14.45 8.01
C LYS A 50 1.44 14.88 7.60
N ALA A 51 1.31 16.07 7.02
CA ALA A 51 0.06 16.58 6.46
C ALA A 51 -0.45 15.73 5.27
N ASN A 52 0.45 15.13 4.47
CA ASN A 52 0.06 14.25 3.36
C ASN A 52 -0.48 12.91 3.87
N LEU A 53 0.10 12.34 4.94
CA LEU A 53 -0.48 11.17 5.63
C LEU A 53 -1.85 11.49 6.22
N ASN A 54 -2.05 12.70 6.77
CA ASN A 54 -3.35 13.16 7.27
C ASN A 54 -4.41 13.39 6.18
N VAL A 55 -4.04 13.38 4.89
CA VAL A 55 -4.95 13.34 3.74
C VAL A 55 -5.13 11.90 3.24
N HIS A 56 -4.08 11.08 3.24
CA HIS A 56 -4.12 9.67 2.84
C HIS A 56 -5.01 8.81 3.75
N LEU A 57 -4.99 9.02 5.07
CA LEU A 57 -5.85 8.31 6.03
C LEU A 57 -7.35 8.50 5.76
N ARG A 58 -7.74 9.63 5.16
CA ARG A 58 -9.12 9.92 4.74
C ARG A 58 -9.64 8.94 3.68
N LYS A 59 -8.75 8.28 2.93
CA LYS A 59 -9.08 7.20 1.96
C LYS A 59 -9.40 5.86 2.65
N HIS A 60 -8.94 5.68 3.89
CA HIS A 60 -9.20 4.49 4.73
C HIS A 60 -10.51 4.58 5.57
N THR A 61 -11.39 5.55 5.29
CA THR A 61 -12.74 5.63 5.87
C THR A 61 -13.82 5.94 4.81
N GLY A 62 -15.04 5.48 5.04
CA GLY A 62 -16.24 5.81 4.27
C GLY A 62 -17.10 6.93 4.87
N GLU A 63 -16.79 7.41 6.09
CA GLU A 63 -17.62 8.37 6.83
C GLU A 63 -16.82 9.30 7.76
N LYS A 64 -17.42 10.47 8.04
CA LYS A 64 -16.94 11.50 8.97
C LYS A 64 -18.09 12.12 9.77
N PHE A 65 -17.75 12.75 10.90
CA PHE A 65 -18.64 13.55 11.75
C PHE A 65 -18.21 15.03 11.70
N ALA A 66 -19.17 15.96 11.78
CA ALA A 66 -18.95 17.39 11.55
C ALA A 66 -19.65 18.30 12.57
N CYS A 67 -19.01 19.40 12.93
CA CYS A 67 -19.51 20.42 13.85
C CYS A 67 -20.66 21.26 13.24
N ASP A 68 -21.58 21.68 14.11
CA ASP A 68 -22.71 22.56 13.78
C ASP A 68 -22.40 24.05 14.05
N TYR A 69 -21.27 24.34 14.72
CA TYR A 69 -20.90 25.67 15.22
C TYR A 69 -19.61 26.23 14.58
N CYS A 70 -18.76 25.36 13.99
CA CYS A 70 -17.57 25.72 13.21
C CYS A 70 -17.31 24.73 12.06
N SER A 71 -16.15 24.84 11.40
CA SER A 71 -15.73 24.00 10.26
C SER A 71 -15.09 22.65 10.65
N PHE A 72 -14.99 22.34 11.95
CA PHE A 72 -14.32 21.13 12.47
C PHE A 72 -14.98 19.81 12.02
N THR A 73 -14.14 18.79 11.80
CA THR A 73 -14.57 17.40 11.52
C THR A 73 -13.70 16.37 12.26
N CYS A 74 -14.28 15.22 12.60
CA CYS A 74 -13.63 14.10 13.30
C CYS A 74 -14.17 12.72 12.84
N LEU A 75 -13.55 11.64 13.31
CA LEU A 75 -13.88 10.25 12.92
C LEU A 75 -14.78 9.50 13.93
N SER A 76 -15.29 10.19 14.96
CA SER A 76 -16.20 9.64 15.97
C SER A 76 -17.24 10.67 16.42
N LYS A 77 -18.48 10.21 16.65
CA LYS A 77 -19.57 11.02 17.25
C LYS A 77 -19.31 11.34 18.72
N GLY A 78 -18.58 10.48 19.44
CA GLY A 78 -18.10 10.75 20.80
C GLY A 78 -17.06 11.87 20.82
N HIS A 79 -16.13 11.88 19.87
CA HIS A 79 -15.16 12.97 19.70
C HIS A 79 -15.85 14.29 19.31
N LEU A 80 -16.91 14.23 18.49
CA LEU A 80 -17.73 15.39 18.15
C LEU A 80 -18.47 15.96 19.38
N LYS A 81 -19.02 15.10 20.24
CA LYS A 81 -19.64 15.52 21.51
C LYS A 81 -18.62 16.24 22.39
N VAL A 82 -17.42 15.68 22.57
CA VAL A 82 -16.34 16.34 23.34
C VAL A 82 -15.93 17.67 22.71
N HIS A 83 -15.82 17.77 21.38
CA HIS A 83 -15.55 19.04 20.70
C HIS A 83 -16.62 20.10 21.02
N ILE A 84 -17.90 19.78 20.91
CA ILE A 84 -18.99 20.73 21.18
C ILE A 84 -19.03 21.11 22.67
N GLU A 85 -18.90 20.14 23.57
CA GLU A 85 -18.98 20.35 25.03
C GLU A 85 -17.74 21.03 25.64
N ARG A 86 -16.57 21.04 24.96
CA ARG A 86 -15.34 21.73 25.40
C ARG A 86 -14.98 23.01 24.63
N VAL A 87 -15.33 23.12 23.34
CA VAL A 87 -14.98 24.29 22.50
C VAL A 87 -16.13 25.29 22.40
N HIS A 88 -17.39 24.83 22.29
CA HIS A 88 -18.56 25.70 22.08
C HIS A 88 -19.40 25.93 23.34
N LYS A 89 -19.32 25.04 24.34
CA LYS A 89 -19.86 25.26 25.70
C LYS A 89 -18.87 26.05 26.56
N LYS A 90 -19.42 26.81 27.52
CA LYS A 90 -18.68 27.66 28.49
C LYS A 90 -18.65 27.13 29.94
N ILE A 91 -19.30 25.99 30.19
CA ILE A 91 -19.46 25.38 31.53
C ILE A 91 -18.27 24.48 31.93
N LYS A 92 -18.19 24.20 33.23
CA LYS A 92 -17.16 23.39 33.90
C LYS A 92 -17.74 22.54 35.04
N GLY A 1 0.30 -23.16 -8.82
CA GLY A 1 0.66 -24.51 -8.30
C GLY A 1 1.72 -25.17 -9.16
N SER A 2 1.68 -26.50 -9.27
CA SER A 2 2.55 -27.39 -10.07
C SER A 2 4.06 -27.41 -9.75
N SER A 3 4.59 -26.41 -9.03
CA SER A 3 5.99 -26.34 -8.56
C SER A 3 6.09 -25.59 -7.21
N GLY A 4 7.21 -25.80 -6.49
CA GLY A 4 7.46 -25.21 -5.17
C GLY A 4 6.56 -25.78 -4.05
N SER A 5 6.53 -25.08 -2.91
CA SER A 5 5.69 -25.40 -1.74
C SER A 5 5.35 -24.16 -0.91
N SER A 6 4.47 -24.30 0.08
CA SER A 6 4.16 -23.27 1.08
C SER A 6 5.29 -23.04 2.11
N GLY A 7 6.28 -23.93 2.18
CA GLY A 7 7.44 -23.87 3.09
C GLY A 7 8.55 -22.88 2.67
N LYS A 8 8.16 -21.73 2.11
CA LYS A 8 9.09 -20.70 1.59
C LYS A 8 9.89 -20.00 2.70
N ILE A 9 11.12 -19.61 2.36
CA ILE A 9 12.10 -18.95 3.23
C ILE A 9 12.48 -17.59 2.62
N PHE A 10 12.71 -16.59 3.48
CA PHE A 10 12.95 -15.19 3.09
C PHE A 10 14.32 -14.72 3.60
N THR A 11 15.10 -14.03 2.78
CA THR A 11 16.51 -13.71 3.06
C THR A 11 16.84 -12.24 2.76
N CYS A 12 17.55 -11.58 3.69
CA CYS A 12 18.03 -10.21 3.55
C CYS A 12 19.20 -10.12 2.55
N GLU A 13 19.12 -9.18 1.62
CA GLU A 13 20.17 -8.92 0.63
C GLU A 13 21.30 -8.00 1.14
N TYR A 14 21.14 -7.42 2.34
CA TYR A 14 22.06 -6.44 2.92
C TYR A 14 22.95 -7.01 4.04
N CYS A 15 22.45 -7.99 4.81
CA CYS A 15 23.18 -8.65 5.91
C CYS A 15 23.10 -10.19 5.93
N ASN A 16 22.50 -10.80 4.89
CA ASN A 16 22.39 -12.25 4.67
C ASN A 16 21.65 -13.04 5.78
N LYS A 17 20.87 -12.35 6.62
CA LYS A 17 19.97 -12.98 7.62
C LYS A 17 18.80 -13.69 6.95
N VAL A 18 18.31 -14.74 7.61
CA VAL A 18 17.23 -15.63 7.13
C VAL A 18 16.03 -15.57 8.07
N PHE A 19 14.83 -15.51 7.48
CA PHE A 19 13.54 -15.29 8.15
C PHE A 19 12.47 -16.28 7.66
N LYS A 20 11.55 -16.66 8.54
CA LYS A 20 10.50 -17.67 8.28
C LYS A 20 9.33 -17.14 7.43
N PHE A 21 9.08 -15.83 7.48
CA PHE A 21 7.93 -15.18 6.83
C PHE A 21 8.31 -13.88 6.10
N LYS A 22 7.49 -13.50 5.11
CA LYS A 22 7.65 -12.25 4.34
C LYS A 22 7.55 -11.01 5.23
N HIS A 23 6.61 -11.00 6.17
CA HIS A 23 6.42 -9.88 7.10
C HIS A 23 7.60 -9.70 8.06
N SER A 24 8.29 -10.78 8.44
CA SER A 24 9.51 -10.73 9.25
C SER A 24 10.67 -10.05 8.50
N LEU A 25 10.88 -10.40 7.22
CA LEU A 25 11.87 -9.72 6.37
C LEU A 25 11.47 -8.26 6.08
N GLN A 26 10.20 -7.97 5.78
CA GLN A 26 9.72 -6.60 5.55
C GLN A 26 9.94 -5.69 6.77
N ALA A 27 9.70 -6.20 7.98
CA ALA A 27 9.94 -5.47 9.23
C ALA A 27 11.44 -5.34 9.56
N HIS A 28 12.27 -6.31 9.16
CA HIS A 28 13.73 -6.23 9.27
C HIS A 28 14.34 -5.19 8.32
N LEU A 29 13.85 -5.11 7.08
CA LEU A 29 14.35 -4.19 6.05
C LEU A 29 14.25 -2.70 6.43
N ARG A 30 13.45 -2.34 7.43
CA ARG A 30 13.37 -0.97 7.99
C ARG A 30 14.70 -0.43 8.51
N ILE A 31 15.68 -1.29 8.86
CA ILE A 31 17.02 -0.87 9.28
C ILE A 31 17.94 -0.53 8.09
N HIS A 32 17.69 -1.13 6.93
CA HIS A 32 18.48 -0.98 5.70
C HIS A 32 17.94 0.10 4.76
N THR A 33 16.62 0.37 4.78
CA THR A 33 15.99 1.48 4.06
C THR A 33 14.90 2.18 4.89
N ASN A 34 14.92 3.52 4.88
CA ASN A 34 14.03 4.39 5.64
C ASN A 34 13.79 5.72 4.87
N GLU A 35 13.58 5.63 3.55
CA GLU A 35 13.57 6.78 2.63
C GLU A 35 12.43 7.79 2.87
N LYS A 36 11.30 7.35 3.44
CA LYS A 36 10.18 8.21 3.88
C LYS A 36 10.04 8.15 5.41
N PRO A 37 9.96 9.29 6.14
CA PRO A 37 9.82 9.31 7.59
C PRO A 37 8.48 8.74 8.10
N TYR A 38 7.36 9.14 7.49
CA TYR A 38 6.02 8.77 7.95
C TYR A 38 5.47 7.58 7.16
N LYS A 39 4.83 6.62 7.83
CA LYS A 39 4.22 5.42 7.23
C LYS A 39 2.74 5.29 7.60
N CYS A 40 1.94 4.74 6.68
CA CYS A 40 0.54 4.40 6.88
C CYS A 40 0.39 3.19 7.84
N PRO A 41 -0.50 3.27 8.85
CA PRO A 41 -0.82 2.14 9.72
C PRO A 41 -1.78 1.13 9.05
N GLN A 42 -2.35 1.45 7.89
CA GLN A 42 -3.36 0.63 7.19
C GLN A 42 -2.84 -0.07 5.92
N CYS A 43 -1.85 0.50 5.20
CA CYS A 43 -1.27 -0.10 4.00
C CYS A 43 0.25 0.14 3.86
N SER A 44 0.84 -0.30 2.76
CA SER A 44 2.29 -0.20 2.47
C SER A 44 2.76 1.24 2.15
N TYR A 45 1.86 2.23 2.16
CA TYR A 45 2.10 3.63 1.85
C TYR A 45 3.03 4.32 2.86
N ALA A 46 3.85 5.25 2.36
CA ALA A 46 4.66 6.17 3.17
C ALA A 46 4.77 7.58 2.54
N SER A 47 5.09 8.57 3.38
CA SER A 47 5.07 10.01 3.07
C SER A 47 6.28 10.76 3.66
N ALA A 48 6.63 11.87 3.01
CA ALA A 48 7.60 12.86 3.51
C ALA A 48 6.96 13.93 4.42
N ILE A 49 5.62 13.96 4.52
CA ILE A 49 4.84 15.01 5.18
C ILE A 49 3.69 14.41 6.00
N LYS A 50 3.53 14.83 7.25
CA LYS A 50 2.47 14.35 8.16
C LYS A 50 1.07 14.78 7.69
N ALA A 51 0.94 15.97 7.10
CA ALA A 51 -0.30 16.47 6.50
C ALA A 51 -0.68 15.75 5.19
N ASN A 52 0.29 15.24 4.42
CA ASN A 52 0.00 14.36 3.28
C ASN A 52 -0.45 12.97 3.77
N LEU A 53 0.15 12.44 4.84
CA LEU A 53 -0.34 11.22 5.49
C LEU A 53 -1.75 11.39 6.09
N ASN A 54 -2.09 12.58 6.62
CA ASN A 54 -3.45 12.91 7.05
C ASN A 54 -4.46 12.77 5.90
N VAL A 55 -4.18 13.36 4.73
CA VAL A 55 -5.01 13.24 3.52
C VAL A 55 -5.07 11.79 3.02
N HIS A 56 -4.00 11.02 3.17
CA HIS A 56 -3.99 9.58 2.85
C HIS A 56 -4.86 8.74 3.81
N LEU A 57 -4.82 9.01 5.12
CA LEU A 57 -5.71 8.37 6.12
C LEU A 57 -7.19 8.72 5.89
N ARG A 58 -7.47 9.91 5.36
CA ARG A 58 -8.81 10.33 4.90
C ARG A 58 -9.33 9.54 3.68
N LYS A 59 -8.51 8.68 3.05
CA LYS A 59 -8.94 7.67 2.06
C LYS A 59 -9.36 6.35 2.71
N HIS A 60 -8.82 6.03 3.90
CA HIS A 60 -9.08 4.80 4.65
C HIS A 60 -10.30 4.89 5.59
N THR A 61 -10.62 6.09 6.09
CA THR A 61 -11.73 6.30 7.06
C THR A 61 -13.12 5.93 6.50
N GLY A 62 -14.02 5.46 7.37
CA GLY A 62 -15.32 4.90 7.00
C GLY A 62 -16.40 5.91 6.58
N GLU A 63 -17.47 5.41 5.98
CA GLU A 63 -18.67 6.15 5.61
C GLU A 63 -19.71 6.09 6.76
N LYS A 64 -20.39 7.20 6.99
CA LYS A 64 -21.40 7.39 8.06
C LYS A 64 -22.84 7.48 7.55
N PHE A 65 -23.77 7.11 8.41
CA PHE A 65 -25.23 7.19 8.22
C PHE A 65 -25.82 8.28 9.13
N ALA A 66 -26.97 8.85 8.75
CA ALA A 66 -27.61 9.97 9.44
C ALA A 66 -29.06 9.68 9.86
N CYS A 67 -29.46 10.22 11.01
CA CYS A 67 -30.82 10.16 11.54
C CYS A 67 -31.82 10.91 10.63
N ASP A 68 -33.02 10.36 10.48
CA ASP A 68 -34.13 10.95 9.72
C ASP A 68 -34.94 11.96 10.56
N TYR A 69 -34.66 12.04 11.87
CA TYR A 69 -35.48 12.77 12.86
C TYR A 69 -34.71 13.87 13.61
N CYS A 70 -33.36 13.78 13.68
CA CYS A 70 -32.48 14.78 14.28
C CYS A 70 -31.12 14.89 13.55
N SER A 71 -30.16 15.62 14.13
CA SER A 71 -28.82 15.86 13.58
C SER A 71 -27.80 14.72 13.82
N PHE A 72 -28.19 13.64 14.52
CA PHE A 72 -27.31 12.52 14.88
C PHE A 72 -26.76 11.76 13.66
N THR A 73 -25.51 11.26 13.78
CA THR A 73 -24.82 10.39 12.80
C THR A 73 -24.06 9.26 13.48
N CYS A 74 -23.94 8.11 12.79
CA CYS A 74 -23.16 6.95 13.24
C CYS A 74 -22.57 6.17 12.06
N LEU A 75 -21.40 5.53 12.24
CA LEU A 75 -20.79 4.64 11.24
C LEU A 75 -21.39 3.22 11.24
N SER A 76 -22.26 2.90 12.21
CA SER A 76 -23.00 1.64 12.31
C SER A 76 -24.51 1.86 12.10
N LYS A 77 -25.09 1.15 11.13
CA LYS A 77 -26.53 1.19 10.82
C LYS A 77 -27.37 0.56 11.93
N GLY A 78 -26.83 -0.46 12.62
CA GLY A 78 -27.45 -1.08 13.79
C GLY A 78 -27.56 -0.13 14.98
N HIS A 79 -26.49 0.62 15.28
CA HIS A 79 -26.52 1.65 16.33
C HIS A 79 -27.41 2.84 15.97
N LEU A 80 -27.50 3.21 14.67
CA LEU A 80 -28.47 4.20 14.20
C LEU A 80 -29.92 3.72 14.36
N LYS A 81 -30.22 2.44 14.08
CA LYS A 81 -31.54 1.84 14.33
C LYS A 81 -31.89 1.86 15.83
N VAL A 82 -30.94 1.56 16.70
CA VAL A 82 -31.11 1.65 18.17
C VAL A 82 -31.34 3.10 18.61
N HIS A 83 -30.64 4.08 18.05
CA HIS A 83 -30.91 5.51 18.29
C HIS A 83 -32.35 5.89 17.91
N ILE A 84 -32.82 5.46 16.73
CA ILE A 84 -34.20 5.74 16.28
C ILE A 84 -35.23 5.07 17.20
N GLU A 85 -35.02 3.81 17.59
CA GLU A 85 -35.93 3.08 18.49
C GLU A 85 -35.97 3.63 19.92
N ARG A 86 -34.86 4.20 20.42
CA ARG A 86 -34.78 4.79 21.77
C ARG A 86 -35.26 6.26 21.84
N VAL A 87 -34.93 7.07 20.83
CA VAL A 87 -35.12 8.53 20.86
C VAL A 87 -36.35 8.99 20.06
N HIS A 88 -36.73 8.27 18.99
CA HIS A 88 -37.73 8.71 18.01
C HIS A 88 -38.89 7.70 17.77
N LYS A 89 -39.05 6.71 18.66
CA LYS A 89 -40.12 5.69 18.66
C LYS A 89 -40.66 5.44 20.07
N LYS A 90 -41.85 4.84 20.16
CA LYS A 90 -42.51 4.45 21.43
C LYS A 90 -41.80 3.27 22.11
N ILE A 91 -41.95 3.18 23.44
CA ILE A 91 -41.44 2.08 24.26
C ILE A 91 -42.13 0.75 23.93
N LYS A 92 -41.36 -0.33 24.01
CA LYS A 92 -41.73 -1.71 23.64
C LYS A 92 -40.90 -2.76 24.39
N GLY A 1 4.98 -2.66 -39.23
CA GLY A 1 3.64 -3.26 -39.05
C GLY A 1 3.45 -3.81 -37.65
N SER A 2 2.22 -3.77 -37.12
CA SER A 2 1.88 -4.16 -35.74
C SER A 2 2.08 -5.66 -35.42
N SER A 3 2.19 -6.52 -36.44
CA SER A 3 2.51 -7.94 -36.29
C SER A 3 4.00 -8.22 -35.94
N GLY A 4 4.87 -7.21 -36.06
CA GLY A 4 6.31 -7.32 -35.74
C GLY A 4 6.60 -7.44 -34.23
N SER A 5 7.77 -7.98 -33.89
CA SER A 5 8.24 -8.14 -32.50
C SER A 5 8.80 -6.84 -31.91
N SER A 6 8.68 -6.70 -30.58
CA SER A 6 9.15 -5.55 -29.79
C SER A 6 9.82 -5.97 -28.48
N GLY A 7 10.77 -5.18 -27.99
CA GLY A 7 11.42 -5.38 -26.69
C GLY A 7 10.53 -5.03 -25.49
N LYS A 8 10.90 -5.55 -24.30
CA LYS A 8 10.21 -5.25 -23.02
C LYS A 8 10.53 -3.85 -22.52
N ILE A 9 9.60 -3.27 -21.76
CA ILE A 9 9.65 -1.90 -21.22
C ILE A 9 9.43 -1.94 -19.69
N PHE A 10 10.16 -1.11 -18.95
CA PHE A 10 10.17 -1.08 -17.48
C PHE A 10 9.80 0.32 -16.98
N THR A 11 8.95 0.43 -15.95
CA THR A 11 8.34 1.71 -15.51
C THR A 11 8.43 1.89 -13.99
N CYS A 12 8.82 3.10 -13.55
CA CYS A 12 8.87 3.50 -12.15
C CYS A 12 7.46 3.71 -11.58
N GLU A 13 7.18 3.10 -10.44
CA GLU A 13 5.89 3.25 -9.73
C GLU A 13 5.82 4.51 -8.85
N TYR A 14 6.93 5.25 -8.70
CA TYR A 14 7.06 6.41 -7.81
C TYR A 14 7.08 7.76 -8.54
N CYS A 15 7.63 7.81 -9.77
CA CYS A 15 7.69 9.03 -10.60
C CYS A 15 7.27 8.83 -12.08
N ASN A 16 6.74 7.64 -12.43
CA ASN A 16 6.19 7.30 -13.75
C ASN A 16 7.17 7.38 -14.94
N LYS A 17 8.49 7.47 -14.68
CA LYS A 17 9.55 7.37 -15.70
C LYS A 17 9.60 5.98 -16.33
N VAL A 18 10.05 5.93 -17.58
CA VAL A 18 10.11 4.72 -18.42
C VAL A 18 11.56 4.44 -18.85
N PHE A 19 11.94 3.16 -18.80
CA PHE A 19 13.31 2.64 -19.01
C PHE A 19 13.30 1.41 -19.94
N LYS A 20 14.38 1.23 -20.72
CA LYS A 20 14.51 0.16 -21.71
C LYS A 20 14.86 -1.21 -21.10
N PHE A 21 15.50 -1.24 -19.93
CA PHE A 21 16.02 -2.44 -19.29
C PHE A 21 15.74 -2.50 -17.78
N LYS A 22 15.68 -3.72 -17.23
CA LYS A 22 15.46 -3.99 -15.80
C LYS A 22 16.54 -3.35 -14.92
N HIS A 23 17.80 -3.44 -15.33
CA HIS A 23 18.94 -2.86 -14.60
C HIS A 23 18.89 -1.32 -14.56
N SER A 24 18.37 -0.67 -15.59
CA SER A 24 18.19 0.80 -15.63
C SER A 24 17.12 1.25 -14.64
N LEU A 25 15.98 0.54 -14.55
CA LEU A 25 14.97 0.81 -13.53
C LEU A 25 15.48 0.48 -12.12
N GLN A 26 16.18 -0.63 -11.91
CA GLN A 26 16.75 -1.00 -10.60
C GLN A 26 17.77 0.04 -10.09
N ALA A 27 18.61 0.58 -10.97
CA ALA A 27 19.55 1.65 -10.63
C ALA A 27 18.86 3.01 -10.40
N HIS A 28 17.76 3.29 -11.11
CA HIS A 28 16.91 4.46 -10.84
C HIS A 28 16.18 4.36 -9.49
N LEU A 29 15.65 3.18 -9.14
CA LEU A 29 14.88 2.93 -7.91
C LEU A 29 15.65 3.24 -6.61
N ARG A 30 16.98 3.32 -6.65
CA ARG A 30 17.82 3.69 -5.48
C ARG A 30 17.43 5.03 -4.81
N ILE A 31 16.81 5.96 -5.54
CA ILE A 31 16.32 7.24 -5.00
C ILE A 31 14.97 7.13 -4.26
N HIS A 32 14.23 6.06 -4.53
CA HIS A 32 12.89 5.80 -4.02
C HIS A 32 12.83 4.72 -2.92
N THR A 33 13.78 3.77 -2.89
CA THR A 33 13.81 2.66 -1.91
C THR A 33 14.26 3.06 -0.50
N ASN A 34 14.89 4.24 -0.34
CA ASN A 34 15.23 4.83 0.96
C ASN A 34 13.99 5.18 1.81
N GLU A 35 14.17 5.13 3.15
CA GLU A 35 13.10 5.21 4.16
C GLU A 35 12.46 6.60 4.30
N LYS A 36 11.25 6.64 4.90
CA LYS A 36 10.43 7.83 5.18
C LYS A 36 9.99 7.83 6.67
N PRO A 37 9.90 8.99 7.34
CA PRO A 37 9.40 9.07 8.72
C PRO A 37 7.90 8.79 8.83
N TYR A 38 7.10 9.34 7.90
CA TYR A 38 5.63 9.24 7.94
C TYR A 38 5.14 8.09 7.06
N LYS A 39 4.54 7.08 7.71
CA LYS A 39 4.12 5.78 7.17
C LYS A 39 2.67 5.47 7.60
N CYS A 40 1.91 4.83 6.73
CA CYS A 40 0.53 4.44 6.98
C CYS A 40 0.43 3.25 7.98
N PRO A 41 -0.48 3.30 8.97
CA PRO A 41 -0.75 2.18 9.86
C PRO A 41 -1.61 1.08 9.21
N GLN A 42 -2.19 1.32 8.03
CA GLN A 42 -3.15 0.41 7.37
C GLN A 42 -2.67 -0.16 6.02
N CYS A 43 -1.75 0.48 5.28
CA CYS A 43 -1.21 -0.05 4.03
C CYS A 43 0.29 0.26 3.84
N SER A 44 0.84 -0.12 2.68
CA SER A 44 2.26 0.05 2.32
C SER A 44 2.66 1.52 2.04
N TYR A 45 1.73 2.46 2.11
CA TYR A 45 1.92 3.88 1.87
C TYR A 45 2.89 4.55 2.85
N ALA A 46 3.70 5.47 2.32
CA ALA A 46 4.53 6.41 3.08
C ALA A 46 4.70 7.73 2.29
N SER A 47 4.91 8.84 3.00
CA SER A 47 4.86 10.20 2.42
C SER A 47 6.06 11.11 2.70
N ALA A 48 6.79 10.88 3.80
CA ALA A 48 7.79 11.82 4.36
C ALA A 48 7.20 13.21 4.72
N ILE A 49 5.86 13.37 4.72
CA ILE A 49 5.17 14.62 5.08
C ILE A 49 3.91 14.30 5.90
N LYS A 50 3.81 14.89 7.10
CA LYS A 50 2.72 14.66 8.07
C LYS A 50 1.35 15.02 7.51
N ALA A 51 1.24 16.18 6.85
CA ALA A 51 0.01 16.67 6.23
C ALA A 51 -0.49 15.75 5.09
N ASN A 52 0.42 15.17 4.31
CA ASN A 52 0.08 14.26 3.21
C ASN A 52 -0.44 12.91 3.76
N LEU A 53 0.17 12.39 4.83
CA LEU A 53 -0.34 11.20 5.54
C LEU A 53 -1.71 11.45 6.18
N ASN A 54 -1.95 12.65 6.74
CA ASN A 54 -3.22 13.05 7.33
C ASN A 54 -4.38 13.03 6.28
N VAL A 55 -4.09 13.39 5.03
CA VAL A 55 -5.04 13.30 3.90
C VAL A 55 -5.13 11.86 3.35
N HIS A 56 -4.04 11.09 3.37
CA HIS A 56 -4.07 9.67 2.97
C HIS A 56 -4.96 8.81 3.89
N LEU A 57 -4.94 9.03 5.21
CA LEU A 57 -5.80 8.31 6.15
C LEU A 57 -7.30 8.52 5.87
N ARG A 58 -7.68 9.69 5.35
CA ARG A 58 -9.05 10.01 4.89
C ARG A 58 -9.50 9.20 3.66
N LYS A 59 -8.59 8.46 3.00
CA LYS A 59 -8.91 7.50 1.92
C LYS A 59 -9.26 6.10 2.43
N HIS A 60 -8.92 5.76 3.68
CA HIS A 60 -9.26 4.50 4.33
C HIS A 60 -10.70 4.52 4.89
N THR A 61 -11.68 4.58 3.99
CA THR A 61 -13.12 4.71 4.28
C THR A 61 -13.97 3.70 3.48
N GLY A 62 -15.22 3.48 3.90
CA GLY A 62 -16.16 2.53 3.29
C GLY A 62 -16.25 1.19 4.04
N GLU A 63 -16.96 0.23 3.45
CA GLU A 63 -17.26 -1.07 4.06
C GLU A 63 -16.02 -1.99 4.06
N LYS A 64 -15.59 -2.39 5.26
CA LYS A 64 -14.49 -3.34 5.50
C LYS A 64 -14.96 -4.80 5.60
N PHE A 65 -14.04 -5.70 5.26
CA PHE A 65 -14.10 -7.15 5.45
C PHE A 65 -12.91 -7.55 6.34
N ALA A 66 -13.08 -8.55 7.22
CA ALA A 66 -12.12 -8.88 8.27
C ALA A 66 -11.72 -10.37 8.27
N CYS A 67 -10.44 -10.63 8.60
CA CYS A 67 -9.85 -11.96 8.69
C CYS A 67 -10.41 -12.77 9.88
N ASP A 68 -10.54 -14.08 9.68
CA ASP A 68 -10.95 -15.06 10.70
C ASP A 68 -9.75 -15.67 11.45
N TYR A 69 -8.53 -15.41 10.97
CA TYR A 69 -7.29 -16.05 11.43
C TYR A 69 -6.27 -15.06 12.02
N CYS A 70 -6.39 -13.75 11.73
CA CYS A 70 -5.62 -12.67 12.33
C CYS A 70 -6.45 -11.35 12.45
N SER A 71 -5.80 -10.23 12.74
CA SER A 71 -6.39 -8.90 12.92
C SER A 71 -6.58 -8.09 11.62
N PHE A 72 -6.21 -8.65 10.46
CA PHE A 72 -6.24 -7.96 9.16
C PHE A 72 -7.65 -7.53 8.72
N THR A 73 -7.74 -6.37 8.04
CA THR A 73 -8.94 -5.86 7.36
C THR A 73 -8.62 -5.27 5.98
N CYS A 74 -9.57 -5.37 5.04
CA CYS A 74 -9.48 -4.82 3.68
C CYS A 74 -10.86 -4.36 3.17
N LEU A 75 -10.88 -3.59 2.07
CA LEU A 75 -12.10 -2.99 1.49
C LEU A 75 -12.76 -3.86 0.39
N SER A 76 -12.36 -5.13 0.25
CA SER A 76 -12.95 -6.11 -0.67
C SER A 76 -12.87 -7.53 -0.10
N LYS A 77 -13.94 -8.33 -0.30
CA LYS A 77 -13.97 -9.77 0.00
C LYS A 77 -13.05 -10.59 -0.92
N GLY A 78 -12.77 -10.09 -2.14
CA GLY A 78 -11.77 -10.68 -3.04
C GLY A 78 -10.34 -10.49 -2.51
N HIS A 79 -10.03 -9.30 -1.98
CA HIS A 79 -8.76 -9.03 -1.30
C HIS A 79 -8.64 -9.88 -0.01
N LEU A 80 -9.75 -10.13 0.70
CA LEU A 80 -9.76 -11.00 1.88
C LEU A 80 -9.46 -12.47 1.51
N LYS A 81 -10.05 -12.98 0.43
CA LYS A 81 -9.76 -14.32 -0.10
C LYS A 81 -8.27 -14.46 -0.45
N VAL A 82 -7.70 -13.48 -1.16
CA VAL A 82 -6.27 -13.44 -1.50
C VAL A 82 -5.39 -13.41 -0.24
N HIS A 83 -5.75 -12.63 0.79
CA HIS A 83 -5.06 -12.62 2.09
C HIS A 83 -5.09 -14.01 2.76
N ILE A 84 -6.25 -14.67 2.82
CA ILE A 84 -6.37 -15.99 3.46
C ILE A 84 -5.57 -17.05 2.70
N GLU A 85 -5.64 -17.09 1.37
CA GLU A 85 -4.88 -18.04 0.54
C GLU A 85 -3.35 -17.83 0.64
N ARG A 86 -2.88 -16.57 0.71
CA ARG A 86 -1.44 -16.26 0.79
C ARG A 86 -0.84 -16.39 2.19
N VAL A 87 -1.56 -15.97 3.22
CA VAL A 87 -1.04 -15.84 4.60
C VAL A 87 -1.39 -17.03 5.49
N HIS A 88 -2.59 -17.61 5.35
CA HIS A 88 -3.11 -18.63 6.27
C HIS A 88 -3.17 -20.04 5.66
N LYS A 89 -3.52 -20.18 4.37
CA LYS A 89 -3.36 -21.43 3.61
C LYS A 89 -1.91 -21.65 3.18
N LYS A 90 -1.13 -20.56 3.08
CA LYS A 90 0.30 -20.50 2.69
C LYS A 90 0.57 -21.18 1.35
N ILE A 91 -0.22 -20.82 0.33
CA ILE A 91 -0.15 -21.41 -1.02
C ILE A 91 1.24 -21.22 -1.67
N LYS A 92 1.71 -22.29 -2.32
CA LYS A 92 3.03 -22.42 -2.98
C LYS A 92 2.91 -23.13 -4.33
N GLY A 1 -5.56 -41.80 3.86
CA GLY A 1 -5.82 -40.48 3.24
C GLY A 1 -4.52 -39.76 2.87
N SER A 2 -4.57 -38.90 1.85
CA SER A 2 -3.41 -38.15 1.34
C SER A 2 -2.90 -37.09 2.33
N SER A 3 -1.59 -36.83 2.33
CA SER A 3 -0.91 -35.92 3.27
C SER A 3 -1.11 -34.42 2.99
N GLY A 4 -1.55 -34.06 1.77
CA GLY A 4 -1.67 -32.67 1.31
C GLY A 4 -0.31 -31.98 1.06
N SER A 5 -0.33 -30.66 0.87
CA SER A 5 0.85 -29.82 0.61
C SER A 5 0.69 -28.39 1.17
N SER A 6 1.81 -27.70 1.38
CA SER A 6 1.89 -26.30 1.82
C SER A 6 3.18 -25.62 1.35
N GLY A 7 3.18 -24.28 1.29
CA GLY A 7 4.34 -23.48 0.89
C GLY A 7 5.42 -23.34 1.97
N LYS A 8 6.56 -22.72 1.61
CA LYS A 8 7.64 -22.35 2.54
C LYS A 8 7.29 -21.12 3.40
N ILE A 9 8.16 -20.80 4.36
CA ILE A 9 8.01 -19.71 5.33
C ILE A 9 9.06 -18.61 5.06
N PHE A 10 8.68 -17.35 5.30
CA PHE A 10 9.51 -16.15 5.10
C PHE A 10 9.57 -15.32 6.39
N THR A 11 10.72 -14.70 6.71
CA THR A 11 10.97 -14.02 7.99
C THR A 11 11.66 -12.66 7.82
N CYS A 12 11.21 -11.64 8.55
CA CYS A 12 11.80 -10.30 8.60
C CYS A 12 13.14 -10.29 9.35
N GLU A 13 14.15 -9.67 8.75
CA GLU A 13 15.49 -9.53 9.35
C GLU A 13 15.61 -8.36 10.35
N TYR A 14 14.59 -7.49 10.43
CA TYR A 14 14.60 -6.28 11.26
C TYR A 14 13.74 -6.39 12.53
N CYS A 15 12.63 -7.14 12.48
CA CYS A 15 11.70 -7.32 13.62
C CYS A 15 11.28 -8.79 13.91
N ASN A 16 11.89 -9.77 13.22
CA ASN A 16 11.69 -11.21 13.41
C ASN A 16 10.24 -11.72 13.23
N LYS A 17 9.38 -10.95 12.56
CA LYS A 17 8.03 -11.37 12.15
C LYS A 17 8.09 -12.42 11.05
N VAL A 18 7.07 -13.27 11.00
CA VAL A 18 6.97 -14.45 10.11
C VAL A 18 5.75 -14.32 9.19
N PHE A 19 5.94 -14.67 7.90
CA PHE A 19 4.98 -14.49 6.81
C PHE A 19 4.88 -15.76 5.95
N LYS A 20 3.70 -16.01 5.38
CA LYS A 20 3.41 -17.20 4.55
C LYS A 20 3.95 -17.11 3.11
N PHE A 21 4.15 -15.89 2.60
CA PHE A 21 4.45 -15.62 1.20
C PHE A 21 5.55 -14.56 1.01
N LYS A 22 6.29 -14.66 -0.09
CA LYS A 22 7.41 -13.75 -0.44
C LYS A 22 6.95 -12.29 -0.58
N HIS A 23 5.84 -12.06 -1.28
CA HIS A 23 5.29 -10.72 -1.49
C HIS A 23 4.76 -10.10 -0.19
N SER A 24 4.23 -10.91 0.73
CA SER A 24 3.80 -10.45 2.07
C SER A 24 4.97 -9.93 2.89
N LEU A 25 6.12 -10.64 2.88
CA LEU A 25 7.35 -10.13 3.48
C LEU A 25 7.88 -8.88 2.74
N GLN A 26 7.92 -8.88 1.41
CA GLN A 26 8.42 -7.72 0.63
C GLN A 26 7.61 -6.44 0.90
N ALA A 27 6.29 -6.54 1.03
CA ALA A 27 5.43 -5.41 1.38
C ALA A 27 5.60 -4.98 2.85
N HIS A 28 5.83 -5.93 3.77
CA HIS A 28 6.16 -5.63 5.16
C HIS A 28 7.50 -4.88 5.30
N LEU A 29 8.54 -5.34 4.59
CA LEU A 29 9.90 -4.79 4.69
C LEU A 29 9.97 -3.28 4.41
N ARG A 30 9.02 -2.72 3.64
CA ARG A 30 8.92 -1.28 3.33
C ARG A 30 8.97 -0.38 4.58
N ILE A 31 8.46 -0.82 5.73
CA ILE A 31 8.51 -0.01 6.97
C ILE A 31 9.94 0.19 7.49
N HIS A 32 10.83 -0.77 7.21
CA HIS A 32 12.24 -0.75 7.58
C HIS A 32 13.14 -0.17 6.48
N THR A 33 12.84 -0.48 5.20
CA THR A 33 13.72 -0.20 4.05
C THR A 33 13.46 1.14 3.35
N ASN A 34 12.23 1.68 3.41
CA ASN A 34 11.90 2.96 2.80
C ASN A 34 12.44 4.13 3.66
N GLU A 35 13.10 5.10 3.03
CA GLU A 35 13.69 6.28 3.69
C GLU A 35 12.66 7.33 4.17
N LYS A 36 11.42 7.27 3.68
CA LYS A 36 10.31 8.12 4.15
C LYS A 36 9.98 7.84 5.63
N PRO A 37 9.84 8.86 6.50
CA PRO A 37 9.62 8.64 7.93
C PRO A 37 8.21 8.17 8.27
N TYR A 38 7.19 8.70 7.60
CA TYR A 38 5.78 8.51 7.99
C TYR A 38 5.09 7.43 7.15
N LYS A 39 5.28 6.15 7.52
CA LYS A 39 4.54 5.02 6.93
C LYS A 39 3.09 4.99 7.42
N CYS A 40 2.18 4.57 6.55
CA CYS A 40 0.77 4.38 6.87
C CYS A 40 0.58 3.24 7.90
N PRO A 41 -0.25 3.43 8.94
CA PRO A 41 -0.59 2.38 9.89
C PRO A 41 -1.52 1.30 9.29
N GLN A 42 -2.07 1.53 8.08
CA GLN A 42 -3.12 0.69 7.48
C GLN A 42 -2.73 0.06 6.13
N CYS A 43 -1.76 0.57 5.36
CA CYS A 43 -1.28 -0.06 4.13
C CYS A 43 0.23 0.15 3.88
N SER A 44 0.69 -0.23 2.68
CA SER A 44 2.10 -0.12 2.24
C SER A 44 2.55 1.31 1.87
N TYR A 45 1.66 2.30 2.01
CA TYR A 45 1.91 3.72 1.73
C TYR A 45 2.91 4.36 2.70
N ALA A 46 3.64 5.37 2.21
CA ALA A 46 4.53 6.21 3.02
C ALA A 46 4.59 7.67 2.54
N SER A 47 4.85 8.59 3.48
CA SER A 47 4.94 10.04 3.28
C SER A 47 6.17 10.65 3.95
N ALA A 48 6.63 11.79 3.42
CA ALA A 48 7.63 12.66 4.05
C ALA A 48 6.99 13.85 4.81
N ILE A 49 5.65 13.96 4.79
CA ILE A 49 4.87 15.05 5.41
C ILE A 49 3.66 14.46 6.14
N LYS A 50 3.47 14.85 7.41
CA LYS A 50 2.34 14.39 8.24
C LYS A 50 0.98 14.87 7.71
N ALA A 51 0.93 16.07 7.14
CA ALA A 51 -0.25 16.60 6.46
C ALA A 51 -0.64 15.80 5.21
N ASN A 52 0.35 15.38 4.39
CA ASN A 52 0.10 14.50 3.25
C ASN A 52 -0.34 13.09 3.69
N LEU A 53 0.20 12.58 4.82
CA LEU A 53 -0.30 11.33 5.40
C LEU A 53 -1.74 11.46 5.90
N ASN A 54 -2.17 12.61 6.42
CA ASN A 54 -3.58 12.86 6.76
C ASN A 54 -4.50 12.87 5.53
N VAL A 55 -4.04 13.45 4.40
CA VAL A 55 -4.72 13.41 3.08
C VAL A 55 -4.82 11.98 2.52
N HIS A 56 -3.92 11.09 2.95
CA HIS A 56 -4.01 9.66 2.67
C HIS A 56 -4.93 8.89 3.65
N LEU A 57 -4.85 9.14 4.96
CA LEU A 57 -5.66 8.46 5.99
C LEU A 57 -7.17 8.70 5.84
N ARG A 58 -7.57 9.87 5.34
CA ARG A 58 -8.98 10.17 5.00
C ARG A 58 -9.56 9.28 3.89
N LYS A 59 -8.72 8.54 3.14
CA LYS A 59 -9.13 7.50 2.18
C LYS A 59 -9.45 6.16 2.85
N HIS A 60 -8.86 5.88 4.02
CA HIS A 60 -9.14 4.68 4.82
C HIS A 60 -10.36 4.82 5.75
N THR A 61 -10.59 6.01 6.31
CA THR A 61 -11.62 6.25 7.34
C THR A 61 -13.05 6.14 6.81
N GLY A 62 -14.02 5.98 7.72
CA GLY A 62 -15.45 5.92 7.43
C GLY A 62 -16.31 5.65 8.67
N GLU A 63 -15.92 4.68 9.49
CA GLU A 63 -16.55 4.39 10.78
C GLU A 63 -16.14 5.43 11.83
N LYS A 64 -17.13 5.79 12.64
CA LYS A 64 -17.10 6.91 13.60
C LYS A 64 -18.06 6.71 14.78
N PHE A 65 -17.86 7.52 15.82
CA PHE A 65 -18.61 7.54 17.08
C PHE A 65 -19.25 8.93 17.28
N ALA A 66 -20.42 8.98 17.93
CA ALA A 66 -21.27 10.18 18.02
C ALA A 66 -21.75 10.48 19.46
N CYS A 67 -21.84 11.77 19.78
CA CYS A 67 -22.31 12.28 21.07
C CYS A 67 -23.81 12.07 21.28
N ASP A 68 -24.19 11.82 22.54
CA ASP A 68 -25.58 11.67 22.98
C ASP A 68 -26.20 13.00 23.46
N TYR A 69 -25.37 14.05 23.61
CA TYR A 69 -25.74 15.34 24.21
C TYR A 69 -25.64 16.53 23.24
N CYS A 70 -24.84 16.41 22.16
CA CYS A 70 -24.72 17.39 21.07
C CYS A 70 -24.49 16.71 19.70
N SER A 71 -24.19 17.51 18.66
CA SER A 71 -23.99 17.07 17.28
C SER A 71 -22.56 16.52 16.99
N PHE A 72 -21.67 16.49 17.99
CA PHE A 72 -20.26 16.10 17.83
C PHE A 72 -20.05 14.64 17.38
N THR A 73 -19.03 14.42 16.54
CA THR A 73 -18.53 13.10 16.11
C THR A 73 -17.01 13.02 16.15
N CYS A 74 -16.48 11.82 16.41
CA CYS A 74 -15.04 11.51 16.47
C CYS A 74 -14.74 10.07 15.98
N LEU A 75 -13.46 9.73 15.84
CA LEU A 75 -13.00 8.44 15.27
C LEU A 75 -12.58 7.39 16.32
N SER A 76 -12.88 7.61 17.60
CA SER A 76 -12.59 6.68 18.70
C SER A 76 -13.64 6.76 19.82
N LYS A 77 -14.02 5.59 20.38
CA LYS A 77 -14.89 5.51 21.58
C LYS A 77 -14.22 6.13 22.81
N GLY A 78 -12.90 6.09 22.91
CA GLY A 78 -12.12 6.79 23.93
C GLY A 78 -12.20 8.31 23.79
N HIS A 79 -12.11 8.83 22.55
CA HIS A 79 -12.29 10.26 22.26
C HIS A 79 -13.74 10.71 22.56
N LEU A 80 -14.73 9.86 22.32
CA LEU A 80 -16.13 10.12 22.68
C LEU A 80 -16.32 10.18 24.20
N LYS A 81 -15.75 9.23 24.95
CA LYS A 81 -15.76 9.23 26.42
C LYS A 81 -15.15 10.52 26.98
N VAL A 82 -13.99 10.93 26.47
CA VAL A 82 -13.31 12.19 26.86
C VAL A 82 -14.18 13.41 26.51
N HIS A 83 -14.78 13.46 25.32
CA HIS A 83 -15.70 14.55 24.95
C HIS A 83 -16.88 14.66 25.94
N ILE A 84 -17.53 13.55 26.27
CA ILE A 84 -18.67 13.54 27.20
C ILE A 84 -18.22 13.96 28.61
N GLU A 85 -17.12 13.41 29.12
CA GLU A 85 -16.56 13.76 30.45
C GLU A 85 -16.23 15.26 30.58
N ARG A 86 -15.55 15.85 29.58
CA ARG A 86 -15.11 17.25 29.59
C ARG A 86 -16.22 18.26 29.29
N VAL A 87 -17.17 17.93 28.40
CA VAL A 87 -18.15 18.91 27.87
C VAL A 87 -19.54 18.79 28.51
N HIS A 88 -19.99 17.58 28.86
CA HIS A 88 -21.39 17.33 29.25
C HIS A 88 -21.58 16.72 30.66
N LYS A 89 -20.63 15.93 31.14
CA LYS A 89 -20.74 15.17 32.41
C LYS A 89 -20.70 16.06 33.66
N LYS A 90 -20.15 17.28 33.52
CA LYS A 90 -20.17 18.38 34.50
C LYS A 90 -20.55 19.69 33.77
N ILE A 91 -21.28 20.58 34.46
CA ILE A 91 -21.75 21.86 33.90
C ILE A 91 -20.59 22.81 33.55
N LYS A 92 -20.83 23.65 32.55
CA LYS A 92 -19.89 24.65 31.99
C LYS A 92 -20.25 26.08 32.41
#